data_4RWH
# 
_entry.id   4RWH 
# 
_audit_conform.dict_name       mmcif_pdbx.dic 
_audit_conform.dict_version    5.399 
_audit_conform.dict_location   http://mmcif.pdb.org/dictionaries/ascii/mmcif_pdbx.dic 
# 
loop_
_database_2.database_id 
_database_2.database_code 
_database_2.pdbx_database_accession 
_database_2.pdbx_DOI 
RCSB  RCSB087881   ?            ?                   
PDB   4RWH         pdb_00004rwh 10.2210/pdb4rwh/pdb 
WWPDB D_1000087881 ?            ?                   
# 
loop_
_pdbx_audit_revision_history.ordinal 
_pdbx_audit_revision_history.data_content_type 
_pdbx_audit_revision_history.major_revision 
_pdbx_audit_revision_history.minor_revision 
_pdbx_audit_revision_history.revision_date 
1 'Structure model' 1 0 2014-12-17 
2 'Structure model' 1 1 2023-09-20 
3 'Structure model' 1 2 2024-11-20 
# 
_pdbx_audit_revision_details.ordinal             1 
_pdbx_audit_revision_details.revision_ordinal    1 
_pdbx_audit_revision_details.data_content_type   'Structure model' 
_pdbx_audit_revision_details.provider            repository 
_pdbx_audit_revision_details.type                'Initial release' 
_pdbx_audit_revision_details.description         ? 
_pdbx_audit_revision_details.details             ? 
# 
loop_
_pdbx_audit_revision_group.ordinal 
_pdbx_audit_revision_group.revision_ordinal 
_pdbx_audit_revision_group.data_content_type 
_pdbx_audit_revision_group.group 
1 2 'Structure model' 'Data collection'        
2 2 'Structure model' 'Database references'    
3 2 'Structure model' 'Refinement description' 
4 3 'Structure model' 'Structure summary'      
# 
loop_
_pdbx_audit_revision_category.ordinal 
_pdbx_audit_revision_category.revision_ordinal 
_pdbx_audit_revision_category.data_content_type 
_pdbx_audit_revision_category.category 
1 2 'Structure model' chem_comp_atom                
2 2 'Structure model' chem_comp_bond                
3 2 'Structure model' database_2                    
4 2 'Structure model' pdbx_initial_refinement_model 
5 2 'Structure model' struct_ref_seq_dif            
6 3 'Structure model' pdbx_entry_details            
7 3 'Structure model' pdbx_modification_feature     
# 
loop_
_pdbx_audit_revision_item.ordinal 
_pdbx_audit_revision_item.revision_ordinal 
_pdbx_audit_revision_item.data_content_type 
_pdbx_audit_revision_item.item 
1 2 'Structure model' '_database_2.pdbx_DOI'                
2 2 'Structure model' '_database_2.pdbx_database_accession' 
3 2 'Structure model' '_struct_ref_seq_dif.details'         
# 
_pdbx_database_status.status_code                     REL 
_pdbx_database_status.entry_id                        4RWH 
_pdbx_database_status.recvd_initial_deposition_date   2014-12-04 
_pdbx_database_status.deposit_site                    RCSB 
_pdbx_database_status.process_site                    RCSB 
_pdbx_database_status.status_code_sf                  REL 
_pdbx_database_status.status_code_mr                  ? 
_pdbx_database_status.SG_entry                        ? 
_pdbx_database_status.status_code_cs                  ? 
_pdbx_database_status.methods_development_category    ? 
_pdbx_database_status.pdb_format_compatible           Y 
_pdbx_database_status.status_code_nmr_data            ? 
# 
loop_
_audit_author.name 
_audit_author.pdbx_ordinal 
'Fedorov, A.A.' 1 
'Fedorov, E.V.' 2 
'Samanta, D.'   3 
'Hillerich, B.' 4 
'Seidel, R.D.'  5 
'Almo, S.C.'    6 
# 
_citation.id                        primary 
_citation.title                     'Crystal structure of T cell costimulatory ligand B7-1 (CD80)' 
_citation.journal_abbrev            'To be Published' 
_citation.journal_volume            ? 
_citation.page_first                ? 
_citation.page_last                 ? 
_citation.year                      ? 
_citation.journal_id_ASTM           ? 
_citation.country                   ? 
_citation.journal_id_ISSN           ? 
_citation.journal_id_CSD            0353 
_citation.book_publisher            ? 
_citation.pdbx_database_id_PubMed   ? 
_citation.pdbx_database_id_DOI      ? 
# 
loop_
_citation_author.citation_id 
_citation_author.name 
_citation_author.ordinal 
_citation_author.identifier_ORCID 
primary 'Fedorov, A.A.' 1 ? 
primary 'Fedorov, E.V.' 2 ? 
primary 'Samanta, D.'   3 ? 
primary 'Hillerich, B.' 4 ? 
primary 'Seidel, R.D.'  5 ? 
primary 'Almo, S.C.'    6 ? 
# 
loop_
_entity.id 
_entity.type 
_entity.src_method 
_entity.pdbx_description 
_entity.formula_weight 
_entity.pdbx_number_of_molecules 
_entity.pdbx_ec 
_entity.pdbx_mutation 
_entity.pdbx_fragment 
_entity.details 
1 polymer man 'T-lymphocyte activation antigen CD80' 12335.271 1  ? ? 'UNP residues 44-144' ? 
2 water   nat water                                  18.015    43 ? ? ?                     ? 
# 
_entity_name_com.entity_id   1 
_entity_name_com.name        'Activation B7-1 antigen, B7' 
# 
_entity_poly.entity_id                      1 
_entity_poly.type                           'polypeptide(L)' 
_entity_poly.nstd_linkage                   no 
_entity_poly.nstd_monomer                   no 
_entity_poly.pdbx_seq_one_letter_code       
;MEQLSKSVKDKVLLPCRYNSPHEDESEDRIYWQKHDKVVLSVIAGKLKVWPEYKNRTLYDNTTYSLIILGLVLSDRGTYS
CVVQKKERGTYEVKHLALVKLSIKAD
;
_entity_poly.pdbx_seq_one_letter_code_can   
;MEQLSKSVKDKVLLPCRYNSPHEDESEDRIYWQKHDKVVLSVIAGKLKVWPEYKNRTLYDNTTYSLIILGLVLSDRGTYS
CVVQKKERGTYEVKHLALVKLSIKAD
;
_entity_poly.pdbx_strand_id                 A 
_entity_poly.pdbx_target_identifier         ? 
# 
_pdbx_entity_nonpoly.entity_id   2 
_pdbx_entity_nonpoly.name        water 
_pdbx_entity_nonpoly.comp_id     HOH 
# 
loop_
_entity_poly_seq.entity_id 
_entity_poly_seq.num 
_entity_poly_seq.mon_id 
_entity_poly_seq.hetero 
1 1   MET n 
1 2   GLU n 
1 3   GLN n 
1 4   LEU n 
1 5   SER n 
1 6   LYS n 
1 7   SER n 
1 8   VAL n 
1 9   LYS n 
1 10  ASP n 
1 11  LYS n 
1 12  VAL n 
1 13  LEU n 
1 14  LEU n 
1 15  PRO n 
1 16  CYS n 
1 17  ARG n 
1 18  TYR n 
1 19  ASN n 
1 20  SER n 
1 21  PRO n 
1 22  HIS n 
1 23  GLU n 
1 24  ASP n 
1 25  GLU n 
1 26  SER n 
1 27  GLU n 
1 28  ASP n 
1 29  ARG n 
1 30  ILE n 
1 31  TYR n 
1 32  TRP n 
1 33  GLN n 
1 34  LYS n 
1 35  HIS n 
1 36  ASP n 
1 37  LYS n 
1 38  VAL n 
1 39  VAL n 
1 40  LEU n 
1 41  SER n 
1 42  VAL n 
1 43  ILE n 
1 44  ALA n 
1 45  GLY n 
1 46  LYS n 
1 47  LEU n 
1 48  LYS n 
1 49  VAL n 
1 50  TRP n 
1 51  PRO n 
1 52  GLU n 
1 53  TYR n 
1 54  LYS n 
1 55  ASN n 
1 56  ARG n 
1 57  THR n 
1 58  LEU n 
1 59  TYR n 
1 60  ASP n 
1 61  ASN n 
1 62  THR n 
1 63  THR n 
1 64  TYR n 
1 65  SER n 
1 66  LEU n 
1 67  ILE n 
1 68  ILE n 
1 69  LEU n 
1 70  GLY n 
1 71  LEU n 
1 72  VAL n 
1 73  LEU n 
1 74  SER n 
1 75  ASP n 
1 76  ARG n 
1 77  GLY n 
1 78  THR n 
1 79  TYR n 
1 80  SER n 
1 81  CYS n 
1 82  VAL n 
1 83  VAL n 
1 84  GLN n 
1 85  LYS n 
1 86  LYS n 
1 87  GLU n 
1 88  ARG n 
1 89  GLY n 
1 90  THR n 
1 91  TYR n 
1 92  GLU n 
1 93  VAL n 
1 94  LYS n 
1 95  HIS n 
1 96  LEU n 
1 97  ALA n 
1 98  LEU n 
1 99  VAL n 
1 100 LYS n 
1 101 LEU n 
1 102 SER n 
1 103 ILE n 
1 104 LYS n 
1 105 ALA n 
1 106 ASP n 
# 
_entity_src_gen.entity_id                          1 
_entity_src_gen.pdbx_src_id                        1 
_entity_src_gen.pdbx_alt_source_flag               sample 
_entity_src_gen.pdbx_seq_type                      ? 
_entity_src_gen.pdbx_beg_seq_num                   ? 
_entity_src_gen.pdbx_end_seq_num                   ? 
_entity_src_gen.gene_src_common_name               mouse 
_entity_src_gen.gene_src_genus                     ? 
_entity_src_gen.pdbx_gene_src_gene                 'Cd80, B7' 
_entity_src_gen.gene_src_species                   ? 
_entity_src_gen.gene_src_strain                    ? 
_entity_src_gen.gene_src_tissue                    ? 
_entity_src_gen.gene_src_tissue_fraction           ? 
_entity_src_gen.gene_src_details                   ? 
_entity_src_gen.pdbx_gene_src_fragment             ? 
_entity_src_gen.pdbx_gene_src_scientific_name      'Mus musculus' 
_entity_src_gen.pdbx_gene_src_ncbi_taxonomy_id     10090 
_entity_src_gen.pdbx_gene_src_variant              ? 
_entity_src_gen.pdbx_gene_src_cell_line            ? 
_entity_src_gen.pdbx_gene_src_atcc                 ? 
_entity_src_gen.pdbx_gene_src_organ                ? 
_entity_src_gen.pdbx_gene_src_organelle            ? 
_entity_src_gen.pdbx_gene_src_cell                 ? 
_entity_src_gen.pdbx_gene_src_cellular_location    ? 
_entity_src_gen.host_org_common_name               ? 
_entity_src_gen.pdbx_host_org_scientific_name      'Escherichia coli' 
_entity_src_gen.pdbx_host_org_ncbi_taxonomy_id     562 
_entity_src_gen.host_org_genus                     ? 
_entity_src_gen.pdbx_host_org_gene                 ? 
_entity_src_gen.pdbx_host_org_organ                ? 
_entity_src_gen.host_org_species                   ? 
_entity_src_gen.pdbx_host_org_tissue               ? 
_entity_src_gen.pdbx_host_org_tissue_fraction      ? 
_entity_src_gen.pdbx_host_org_strain               ? 
_entity_src_gen.pdbx_host_org_variant              ? 
_entity_src_gen.pdbx_host_org_cell_line            ? 
_entity_src_gen.pdbx_host_org_atcc                 ? 
_entity_src_gen.pdbx_host_org_culture_collection   ? 
_entity_src_gen.pdbx_host_org_cell                 ? 
_entity_src_gen.pdbx_host_org_organelle            ? 
_entity_src_gen.pdbx_host_org_cellular_location    ? 
_entity_src_gen.pdbx_host_org_vector_type          ? 
_entity_src_gen.pdbx_host_org_vector               ? 
_entity_src_gen.host_org_details                   ? 
_entity_src_gen.expression_system_id               ? 
_entity_src_gen.plasmid_name                       ? 
_entity_src_gen.plasmid_details                    ? 
_entity_src_gen.pdbx_description                   ? 
# 
loop_
_chem_comp.id 
_chem_comp.type 
_chem_comp.mon_nstd_flag 
_chem_comp.name 
_chem_comp.pdbx_synonyms 
_chem_comp.formula 
_chem_comp.formula_weight 
ALA 'L-peptide linking' y ALANINE         ? 'C3 H7 N O2'     89.093  
ARG 'L-peptide linking' y ARGININE        ? 'C6 H15 N4 O2 1' 175.209 
ASN 'L-peptide linking' y ASPARAGINE      ? 'C4 H8 N2 O3'    132.118 
ASP 'L-peptide linking' y 'ASPARTIC ACID' ? 'C4 H7 N O4'     133.103 
CYS 'L-peptide linking' y CYSTEINE        ? 'C3 H7 N O2 S'   121.158 
GLN 'L-peptide linking' y GLUTAMINE       ? 'C5 H10 N2 O3'   146.144 
GLU 'L-peptide linking' y 'GLUTAMIC ACID' ? 'C5 H9 N O4'     147.129 
GLY 'peptide linking'   y GLYCINE         ? 'C2 H5 N O2'     75.067  
HIS 'L-peptide linking' y HISTIDINE       ? 'C6 H10 N3 O2 1' 156.162 
HOH non-polymer         . WATER           ? 'H2 O'           18.015  
ILE 'L-peptide linking' y ISOLEUCINE      ? 'C6 H13 N O2'    131.173 
LEU 'L-peptide linking' y LEUCINE         ? 'C6 H13 N O2'    131.173 
LYS 'L-peptide linking' y LYSINE          ? 'C6 H15 N2 O2 1' 147.195 
MET 'L-peptide linking' y METHIONINE      ? 'C5 H11 N O2 S'  149.211 
PRO 'L-peptide linking' y PROLINE         ? 'C5 H9 N O2'     115.130 
SER 'L-peptide linking' y SERINE          ? 'C3 H7 N O3'     105.093 
THR 'L-peptide linking' y THREONINE       ? 'C4 H9 N O3'     119.119 
TRP 'L-peptide linking' y TRYPTOPHAN      ? 'C11 H12 N2 O2'  204.225 
TYR 'L-peptide linking' y TYROSINE        ? 'C9 H11 N O3'    181.189 
VAL 'L-peptide linking' y VALINE          ? 'C5 H11 N O2'    117.146 
# 
loop_
_pdbx_poly_seq_scheme.asym_id 
_pdbx_poly_seq_scheme.entity_id 
_pdbx_poly_seq_scheme.seq_id 
_pdbx_poly_seq_scheme.mon_id 
_pdbx_poly_seq_scheme.ndb_seq_num 
_pdbx_poly_seq_scheme.pdb_seq_num 
_pdbx_poly_seq_scheme.auth_seq_num 
_pdbx_poly_seq_scheme.pdb_mon_id 
_pdbx_poly_seq_scheme.auth_mon_id 
_pdbx_poly_seq_scheme.pdb_strand_id 
_pdbx_poly_seq_scheme.pdb_ins_code 
_pdbx_poly_seq_scheme.hetero 
A 1 1   MET 1   0   0   MET MET A . n 
A 1 2   GLU 2   1   1   GLU GLU A . n 
A 1 3   GLN 3   2   2   GLN GLN A . n 
A 1 4   LEU 4   3   3   LEU LEU A . n 
A 1 5   SER 5   4   4   SER SER A . n 
A 1 6   LYS 6   5   5   LYS LYS A . n 
A 1 7   SER 7   6   6   SER SER A . n 
A 1 8   VAL 8   7   7   VAL VAL A . n 
A 1 9   LYS 9   8   8   LYS LYS A . n 
A 1 10  ASP 10  9   9   ASP ASP A . n 
A 1 11  LYS 11  10  10  LYS LYS A . n 
A 1 12  VAL 12  11  11  VAL VAL A . n 
A 1 13  LEU 13  12  12  LEU LEU A . n 
A 1 14  LEU 14  13  13  LEU LEU A . n 
A 1 15  PRO 15  14  14  PRO PRO A . n 
A 1 16  CYS 16  15  15  CYS CYS A . n 
A 1 17  ARG 17  16  16  ARG ARG A . n 
A 1 18  TYR 18  17  17  TYR TYR A . n 
A 1 19  ASN 19  18  18  ASN ASN A . n 
A 1 20  SER 20  19  19  SER SER A . n 
A 1 21  PRO 21  20  20  PRO PRO A . n 
A 1 22  HIS 22  21  21  HIS HIS A . n 
A 1 23  GLU 23  22  22  GLU GLU A . n 
A 1 24  ASP 24  23  23  ASP ASP A . n 
A 1 25  GLU 25  24  24  GLU GLU A . n 
A 1 26  SER 26  25  25  SER SER A . n 
A 1 27  GLU 27  26  26  GLU GLU A . n 
A 1 28  ASP 28  27  27  ASP ASP A . n 
A 1 29  ARG 29  28  28  ARG ARG A . n 
A 1 30  ILE 30  29  29  ILE ILE A . n 
A 1 31  TYR 31  30  30  TYR TYR A . n 
A 1 32  TRP 32  31  31  TRP TRP A . n 
A 1 33  GLN 33  32  32  GLN GLN A . n 
A 1 34  LYS 34  33  33  LYS LYS A . n 
A 1 35  HIS 35  34  34  HIS HIS A . n 
A 1 36  ASP 36  35  35  ASP ASP A . n 
A 1 37  LYS 37  36  36  LYS LYS A . n 
A 1 38  VAL 38  37  37  VAL VAL A . n 
A 1 39  VAL 39  38  38  VAL VAL A . n 
A 1 40  LEU 40  39  39  LEU LEU A . n 
A 1 41  SER 41  40  40  SER SER A . n 
A 1 42  VAL 42  41  41  VAL VAL A . n 
A 1 43  ILE 43  42  42  ILE ILE A . n 
A 1 44  ALA 44  43  43  ALA ALA A . n 
A 1 45  GLY 45  44  44  GLY GLY A . n 
A 1 46  LYS 46  45  45  LYS LYS A . n 
A 1 47  LEU 47  46  46  LEU LEU A . n 
A 1 48  LYS 48  47  47  LYS LYS A . n 
A 1 49  VAL 49  48  48  VAL VAL A . n 
A 1 50  TRP 50  49  49  TRP TRP A . n 
A 1 51  PRO 51  50  50  PRO PRO A . n 
A 1 52  GLU 52  51  51  GLU GLU A . n 
A 1 53  TYR 53  52  52  TYR TYR A . n 
A 1 54  LYS 54  53  53  LYS LYS A . n 
A 1 55  ASN 55  54  54  ASN ASN A . n 
A 1 56  ARG 56  55  55  ARG ARG A . n 
A 1 57  THR 57  56  56  THR THR A . n 
A 1 58  LEU 58  57  57  LEU LEU A . n 
A 1 59  TYR 59  58  58  TYR TYR A . n 
A 1 60  ASP 60  59  59  ASP ASP A . n 
A 1 61  ASN 61  60  60  ASN ASN A . n 
A 1 62  THR 62  61  61  THR THR A . n 
A 1 63  THR 63  62  62  THR THR A . n 
A 1 64  TYR 64  63  63  TYR TYR A . n 
A 1 65  SER 65  64  64  SER SER A . n 
A 1 66  LEU 66  65  65  LEU LEU A . n 
A 1 67  ILE 67  66  66  ILE ILE A . n 
A 1 68  ILE 68  67  67  ILE ILE A . n 
A 1 69  LEU 69  68  68  LEU LEU A . n 
A 1 70  GLY 70  69  69  GLY GLY A . n 
A 1 71  LEU 71  70  70  LEU LEU A . n 
A 1 72  VAL 72  71  71  VAL VAL A . n 
A 1 73  LEU 73  72  72  LEU LEU A . n 
A 1 74  SER 74  73  73  SER SER A . n 
A 1 75  ASP 75  74  74  ASP ASP A . n 
A 1 76  ARG 76  75  75  ARG ARG A . n 
A 1 77  GLY 77  76  76  GLY GLY A . n 
A 1 78  THR 78  77  77  THR THR A . n 
A 1 79  TYR 79  78  78  TYR TYR A . n 
A 1 80  SER 80  79  79  SER SER A . n 
A 1 81  CYS 81  80  80  CYS CYS A . n 
A 1 82  VAL 82  81  81  VAL VAL A . n 
A 1 83  VAL 83  82  82  VAL VAL A . n 
A 1 84  GLN 84  83  83  GLN GLN A . n 
A 1 85  LYS 85  84  84  LYS LYS A . n 
A 1 86  LYS 86  85  85  LYS LYS A . n 
A 1 87  GLU 87  86  86  GLU GLU A . n 
A 1 88  ARG 88  87  ?   ?   ?   A . n 
A 1 89  GLY 89  88  ?   ?   ?   A . n 
A 1 90  THR 90  89  89  THR THR A . n 
A 1 91  TYR 91  90  90  TYR TYR A . n 
A 1 92  GLU 92  91  91  GLU GLU A . n 
A 1 93  VAL 93  92  92  VAL VAL A . n 
A 1 94  LYS 94  93  93  LYS LYS A . n 
A 1 95  HIS 95  94  94  HIS HIS A . n 
A 1 96  LEU 96  95  95  LEU LEU A . n 
A 1 97  ALA 97  96  96  ALA ALA A . n 
A 1 98  LEU 98  97  97  LEU LEU A . n 
A 1 99  VAL 99  98  98  VAL VAL A . n 
A 1 100 LYS 100 99  99  LYS LYS A . n 
A 1 101 LEU 101 100 100 LEU LEU A . n 
A 1 102 SER 102 101 101 SER SER A . n 
A 1 103 ILE 103 102 102 ILE ILE A . n 
A 1 104 LYS 104 103 103 LYS LYS A . n 
A 1 105 ALA 105 104 104 ALA ALA A . n 
A 1 106 ASP 106 105 ?   ?   ?   A . n 
# 
loop_
_pdbx_nonpoly_scheme.asym_id 
_pdbx_nonpoly_scheme.entity_id 
_pdbx_nonpoly_scheme.mon_id 
_pdbx_nonpoly_scheme.ndb_seq_num 
_pdbx_nonpoly_scheme.pdb_seq_num 
_pdbx_nonpoly_scheme.auth_seq_num 
_pdbx_nonpoly_scheme.pdb_mon_id 
_pdbx_nonpoly_scheme.auth_mon_id 
_pdbx_nonpoly_scheme.pdb_strand_id 
_pdbx_nonpoly_scheme.pdb_ins_code 
B 2 HOH 1  201 1  HOH HOH A . 
B 2 HOH 2  202 2  HOH HOH A . 
B 2 HOH 3  203 3  HOH HOH A . 
B 2 HOH 4  204 4  HOH HOH A . 
B 2 HOH 5  205 5  HOH HOH A . 
B 2 HOH 6  206 6  HOH HOH A . 
B 2 HOH 7  207 7  HOH HOH A . 
B 2 HOH 8  208 8  HOH HOH A . 
B 2 HOH 9  209 9  HOH HOH A . 
B 2 HOH 10 210 10 HOH HOH A . 
B 2 HOH 11 211 11 HOH HOH A . 
B 2 HOH 12 212 12 HOH HOH A . 
B 2 HOH 13 213 13 HOH HOH A . 
B 2 HOH 14 214 14 HOH HOH A . 
B 2 HOH 15 215 15 HOH HOH A . 
B 2 HOH 16 216 16 HOH HOH A . 
B 2 HOH 17 217 17 HOH HOH A . 
B 2 HOH 18 218 18 HOH HOH A . 
B 2 HOH 19 219 19 HOH HOH A . 
B 2 HOH 20 220 20 HOH HOH A . 
B 2 HOH 21 221 21 HOH HOH A . 
B 2 HOH 22 222 22 HOH HOH A . 
B 2 HOH 23 223 23 HOH HOH A . 
B 2 HOH 24 224 24 HOH HOH A . 
B 2 HOH 25 225 25 HOH HOH A . 
B 2 HOH 26 226 26 HOH HOH A . 
B 2 HOH 27 227 27 HOH HOH A . 
B 2 HOH 28 228 28 HOH HOH A . 
B 2 HOH 29 229 29 HOH HOH A . 
B 2 HOH 30 230 30 HOH HOH A . 
B 2 HOH 31 231 31 HOH HOH A . 
B 2 HOH 32 232 32 HOH HOH A . 
B 2 HOH 33 233 33 HOH HOH A . 
B 2 HOH 34 234 34 HOH HOH A . 
B 2 HOH 35 235 35 HOH HOH A . 
B 2 HOH 36 236 36 HOH HOH A . 
B 2 HOH 37 237 37 HOH HOH A . 
B 2 HOH 38 238 38 HOH HOH A . 
B 2 HOH 39 239 39 HOH HOH A . 
B 2 HOH 40 240 40 HOH HOH A . 
B 2 HOH 41 241 41 HOH HOH A . 
B 2 HOH 42 242 42 HOH HOH A . 
B 2 HOH 43 243 43 HOH HOH A . 
# 
loop_
_software.name 
_software.classification 
_software.version 
_software.citation_id 
_software.pdbx_ordinal 
CBASS    'data collection' .                           ? 1 
BALBES   phasing           .                           ? 2 
PHENIX   refinement        '(phenix.refine: 1.8_1069)' ? 3 
HKL-2000 'data reduction'  .                           ? 4 
HKL-2000 'data scaling'    .                           ? 5 
# 
_cell.entry_id           4RWH 
_cell.length_a           54.001 
_cell.length_b           54.001 
_cell.length_c           85.879 
_cell.angle_alpha        90.00 
_cell.angle_beta         90.00 
_cell.angle_gamma        90.00 
_cell.Z_PDB              8 
_cell.pdbx_unique_axis   ? 
_cell.length_a_esd       ? 
_cell.length_b_esd       ? 
_cell.length_c_esd       ? 
_cell.angle_alpha_esd    ? 
_cell.angle_beta_esd     ? 
_cell.angle_gamma_esd    ? 
# 
_symmetry.entry_id                         4RWH 
_symmetry.space_group_name_H-M             'I 41' 
_symmetry.pdbx_full_space_group_name_H-M   ? 
_symmetry.cell_setting                     ? 
_symmetry.Int_Tables_number                80 
_symmetry.space_group_name_Hall            ? 
# 
_exptl.entry_id          4RWH 
_exptl.method            'X-RAY DIFFRACTION' 
_exptl.crystals_number   1 
# 
_exptl_crystal.id                    1 
_exptl_crystal.density_meas          ? 
_exptl_crystal.density_Matthews      1.81 
_exptl_crystal.density_percent_sol   31.88 
_exptl_crystal.description           ? 
_exptl_crystal.F_000                 ? 
_exptl_crystal.preparation           ? 
# 
_exptl_crystal_grow.crystal_id      1 
_exptl_crystal_grow.method          'VAPOR DIFFUSION, SITTING DROP' 
_exptl_crystal_grow.temp            293.0 
_exptl_crystal_grow.temp_details    ? 
_exptl_crystal_grow.pH              7.0 
_exptl_crystal_grow.pdbx_details    '2.4M sodium malonate, pH 7.0, VAPOR DIFFUSION, SITTING DROP, temperature 293.0K' 
_exptl_crystal_grow.pdbx_pH_range   ? 
# 
_diffrn.id                     1 
_diffrn.ambient_temp           100 
_diffrn.ambient_temp_details   ? 
_diffrn.crystal_id             1 
# 
_diffrn_detector.diffrn_id              1 
_diffrn_detector.detector               CCD 
_diffrn_detector.type                   'ADSC QUANTUM 315r' 
_diffrn_detector.pdbx_collection_date   2014-07-03 
_diffrn_detector.details                ? 
# 
_diffrn_radiation.diffrn_id                        1 
_diffrn_radiation.wavelength_id                    1 
_diffrn_radiation.pdbx_monochromatic_or_laue_m_l   M 
_diffrn_radiation.monochromator                    'Si 111 CHANNEL' 
_diffrn_radiation.pdbx_diffrn_protocol             'SINGLE WAVELENGTH' 
_diffrn_radiation.pdbx_scattering_type             x-ray 
# 
_diffrn_radiation_wavelength.id           1 
_diffrn_radiation_wavelength.wavelength   1.075 
_diffrn_radiation_wavelength.wt           1.0 
# 
_diffrn_source.diffrn_id                   1 
_diffrn_source.source                      SYNCHROTRON 
_diffrn_source.type                        'NSLS BEAMLINE X29A' 
_diffrn_source.pdbx_synchrotron_site       NSLS 
_diffrn_source.pdbx_synchrotron_beamline   X29A 
_diffrn_source.pdbx_wavelength             ? 
_diffrn_source.pdbx_wavelength_list        1.075 
# 
_reflns.entry_id                     4RWH 
_reflns.observed_criterion_sigma_I   0.0 
_reflns.observed_criterion_sigma_F   0.0 
_reflns.d_resolution_low             28.534 
_reflns.d_resolution_high            1.802 
_reflns.number_obs                   11322 
_reflns.number_all                   11322 
_reflns.percent_possible_obs         99.46 
_reflns.pdbx_Rmerge_I_obs            ? 
_reflns.pdbx_Rsym_value              ? 
_reflns.pdbx_netI_over_sigmaI        ? 
_reflns.B_iso_Wilson_estimate        ? 
_reflns.pdbx_redundancy              ? 
_reflns.R_free_details               ? 
_reflns.limit_h_max                  ? 
_reflns.limit_h_min                  ? 
_reflns.limit_k_max                  ? 
_reflns.limit_k_min                  ? 
_reflns.limit_l_max                  ? 
_reflns.limit_l_min                  ? 
_reflns.observed_criterion_F_max     ? 
_reflns.observed_criterion_F_min     ? 
_reflns.pdbx_chi_squared             ? 
_reflns.pdbx_scaling_rejects         ? 
_reflns.pdbx_ordinal                 1 
_reflns.pdbx_diffrn_id               1 
# 
_refine.entry_id                                 4RWH 
_refine.ls_number_reflns_obs                     11322 
_refine.ls_number_reflns_all                     11322 
_refine.pdbx_ls_sigma_I                          ? 
_refine.pdbx_ls_sigma_F                          0.00 
_refine.pdbx_data_cutoff_high_absF               ? 
_refine.pdbx_data_cutoff_low_absF                ? 
_refine.pdbx_data_cutoff_high_rms_absF           ? 
_refine.ls_d_res_low                             28.534 
_refine.ls_d_res_high                            1.802 
_refine.ls_percent_reflns_obs                    99.46 
_refine.ls_R_factor_obs                          0.1877 
_refine.ls_R_factor_all                          0.1877 
_refine.ls_R_factor_R_work                       0.1867 
_refine.ls_R_factor_R_free                       0.2178 
_refine.ls_R_factor_R_free_error                 ? 
_refine.ls_R_factor_R_free_error_details         ? 
_refine.ls_percent_reflns_R_free                 2.99 
_refine.ls_number_reflns_R_free                  339 
_refine.ls_number_parameters                     ? 
_refine.ls_number_restraints                     ? 
_refine.occupancy_min                            ? 
_refine.occupancy_max                            ? 
_refine.correlation_coeff_Fo_to_Fc               ? 
_refine.correlation_coeff_Fo_to_Fc_free          ? 
_refine.B_iso_mean                               ? 
_refine.aniso_B[1][1]                            ? 
_refine.aniso_B[2][2]                            ? 
_refine.aniso_B[3][3]                            ? 
_refine.aniso_B[1][2]                            ? 
_refine.aniso_B[1][3]                            ? 
_refine.aniso_B[2][3]                            ? 
_refine.solvent_model_details                    'FLAT BULK SOLVENT MODEL' 
_refine.solvent_model_param_ksol                 ? 
_refine.solvent_model_param_bsol                 ? 
_refine.pdbx_solvent_vdw_probe_radii             1.11 
_refine.pdbx_solvent_ion_probe_radii             ? 
_refine.pdbx_solvent_shrinkage_radii             0.90 
_refine.pdbx_ls_cross_valid_method               ? 
_refine.details                                  ? 
_refine.pdbx_starting_model                      1DR9 
_refine.pdbx_method_to_determine_struct          'MOLECULAR REPLACEMENT' 
_refine.pdbx_isotropic_thermal_model             ? 
_refine.pdbx_stereochemistry_target_values       ML 
_refine.pdbx_stereochem_target_val_spec_case     ? 
_refine.pdbx_R_Free_selection_details            RANDOM 
_refine.pdbx_overall_ESU_R                       ? 
_refine.pdbx_overall_ESU_R_Free                  ? 
_refine.overall_SU_ML                            0.15 
_refine.pdbx_overall_phase_error                 31.03 
_refine.overall_SU_B                             ? 
_refine.overall_SU_R_Cruickshank_DPI             ? 
_refine.ls_redundancy_reflns_obs                 ? 
_refine.B_iso_min                                ? 
_refine.B_iso_max                                ? 
_refine.overall_SU_R_free                        ? 
_refine.ls_wR_factor_R_free                      ? 
_refine.ls_wR_factor_R_work                      ? 
_refine.overall_FOM_free_R_set                   ? 
_refine.overall_FOM_work_R_set                   ? 
_refine.pdbx_diffrn_id                           1 
_refine.pdbx_refine_id                           'X-RAY DIFFRACTION' 
_refine.pdbx_TLS_residual_ADP_flag               ? 
_refine.pdbx_overall_SU_R_free_Cruickshank_DPI   ? 
_refine.pdbx_overall_SU_R_Blow_DPI               ? 
_refine.pdbx_overall_SU_R_free_Blow_DPI          ? 
# 
_refine_hist.pdbx_refine_id                   'X-RAY DIFFRACTION' 
_refine_hist.cycle_id                         LAST 
_refine_hist.pdbx_number_atoms_protein        843 
_refine_hist.pdbx_number_atoms_nucleic_acid   0 
_refine_hist.pdbx_number_atoms_ligand         0 
_refine_hist.number_atoms_solvent             43 
_refine_hist.number_atoms_total               886 
_refine_hist.d_res_high                       1.802 
_refine_hist.d_res_low                        28.534 
# 
loop_
_refine_ls_restr.type 
_refine_ls_restr.dev_ideal 
_refine_ls_restr.dev_ideal_target 
_refine_ls_restr.weight 
_refine_ls_restr.number 
_refine_ls_restr.pdbx_restraint_function 
_refine_ls_restr.pdbx_refine_id 
f_bond_d           0.006  ? ? 859  ? 'X-RAY DIFFRACTION' 
f_angle_d          0.967  ? ? 1157 ? 'X-RAY DIFFRACTION' 
f_dihedral_angle_d 11.339 ? ? 327  ? 'X-RAY DIFFRACTION' 
f_chiral_restr     0.069  ? ? 134  ? 'X-RAY DIFFRACTION' 
f_plane_restr      0.004  ? ? 139  ? 'X-RAY DIFFRACTION' 
# 
loop_
_refine_ls_shell.pdbx_total_number_of_bins_used 
_refine_ls_shell.d_res_high 
_refine_ls_shell.d_res_low 
_refine_ls_shell.number_reflns_R_work 
_refine_ls_shell.R_factor_R_work 
_refine_ls_shell.percent_reflns_obs 
_refine_ls_shell.R_factor_R_free 
_refine_ls_shell.R_factor_R_free_error 
_refine_ls_shell.percent_reflns_R_free 
_refine_ls_shell.number_reflns_R_free 
_refine_ls_shell.number_reflns_all 
_refine_ls_shell.R_factor_all 
_refine_ls_shell.number_reflns_obs 
_refine_ls_shell.redundancy_reflns_obs 
_refine_ls_shell.pdbx_refine_id 
. 1.802  2.2697  5456 0.2284 99.00  0.2695 . . 169 . . . . 'X-RAY DIFFRACTION' 
. 2.2697 28.5377 5527 0.1782 100.00 0.2072 . . 170 . . . . 'X-RAY DIFFRACTION' 
# 
_struct.entry_id                  4RWH 
_struct.title                     'Crystal structure of T cell costimulatory ligand B7-1 (CD80)' 
_struct.pdbx_model_details        ? 
_struct.pdbx_CASP_flag            ? 
_struct.pdbx_model_type_details   ? 
# 
_struct_keywords.entry_id        4RWH 
_struct_keywords.pdbx_keywords   'SIGNALING PROTEIN' 
_struct_keywords.text            'Ig fold, T cell costimulatory ligand B7-1, SIGNALING PROTEIN' 
# 
loop_
_struct_asym.id 
_struct_asym.pdbx_blank_PDB_chainid_flag 
_struct_asym.pdbx_modified 
_struct_asym.entity_id 
_struct_asym.details 
A N N 1 ? 
B N N 2 ? 
# 
_struct_ref.id                         1 
_struct_ref.db_name                    UNP 
_struct_ref.db_code                    CD80_MOUSE 
_struct_ref.pdbx_db_accession          Q00609 
_struct_ref.entity_id                  1 
_struct_ref.pdbx_seq_one_letter_code   
;EQLSKSVKDKVLLPCRYNSPHEDESEDRIYWQKHDKVVLSVIAGKLKVWPEYKNRTLYDNTTYSLIILGLVLSDRGTYSC
VVQKKERGTYEVKHLALVKLSIKAD
;
_struct_ref.pdbx_align_begin           40 
_struct_ref.pdbx_db_isoform            ? 
# 
_struct_ref_seq.align_id                      1 
_struct_ref_seq.ref_id                        1 
_struct_ref_seq.pdbx_PDB_id_code              4RWH 
_struct_ref_seq.pdbx_strand_id                A 
_struct_ref_seq.seq_align_beg                 2 
_struct_ref_seq.pdbx_seq_align_beg_ins_code   ? 
_struct_ref_seq.seq_align_end                 106 
_struct_ref_seq.pdbx_seq_align_end_ins_code   ? 
_struct_ref_seq.pdbx_db_accession             Q00609 
_struct_ref_seq.db_align_beg                  40 
_struct_ref_seq.pdbx_db_align_beg_ins_code    ? 
_struct_ref_seq.db_align_end                  144 
_struct_ref_seq.pdbx_db_align_end_ins_code    ? 
_struct_ref_seq.pdbx_auth_seq_align_beg       1 
_struct_ref_seq.pdbx_auth_seq_align_end       105 
# 
_struct_ref_seq_dif.align_id                     1 
_struct_ref_seq_dif.pdbx_pdb_id_code             4RWH 
_struct_ref_seq_dif.mon_id                       MET 
_struct_ref_seq_dif.pdbx_pdb_strand_id           A 
_struct_ref_seq_dif.seq_num                      1 
_struct_ref_seq_dif.pdbx_pdb_ins_code            ? 
_struct_ref_seq_dif.pdbx_seq_db_name             UNP 
_struct_ref_seq_dif.pdbx_seq_db_accession_code   Q00609 
_struct_ref_seq_dif.db_mon_id                    ? 
_struct_ref_seq_dif.pdbx_seq_db_seq_num          ? 
_struct_ref_seq_dif.details                      'initiating methionine' 
_struct_ref_seq_dif.pdbx_auth_seq_num            0 
_struct_ref_seq_dif.pdbx_ordinal                 1 
# 
_pdbx_struct_assembly.id                   1 
_pdbx_struct_assembly.details              author_and_software_defined_assembly 
_pdbx_struct_assembly.method_details       PISA 
_pdbx_struct_assembly.oligomeric_details   monomeric 
_pdbx_struct_assembly.oligomeric_count     1 
# 
_pdbx_struct_assembly_gen.assembly_id       1 
_pdbx_struct_assembly_gen.oper_expression   1 
_pdbx_struct_assembly_gen.asym_id_list      A,B 
# 
_pdbx_struct_oper_list.id                   1 
_pdbx_struct_oper_list.type                 'identity operation' 
_pdbx_struct_oper_list.name                 1_555 
_pdbx_struct_oper_list.symmetry_operation   x,y,z 
_pdbx_struct_oper_list.matrix[1][1]         1.0000000000 
_pdbx_struct_oper_list.matrix[1][2]         0.0000000000 
_pdbx_struct_oper_list.matrix[1][3]         0.0000000000 
_pdbx_struct_oper_list.vector[1]            0.0000000000 
_pdbx_struct_oper_list.matrix[2][1]         0.0000000000 
_pdbx_struct_oper_list.matrix[2][2]         1.0000000000 
_pdbx_struct_oper_list.matrix[2][3]         0.0000000000 
_pdbx_struct_oper_list.vector[2]            0.0000000000 
_pdbx_struct_oper_list.matrix[3][1]         0.0000000000 
_pdbx_struct_oper_list.matrix[3][2]         0.0000000000 
_pdbx_struct_oper_list.matrix[3][3]         1.0000000000 
_pdbx_struct_oper_list.vector[3]            0.0000000000 
# 
_struct_biol.id        1 
_struct_biol.details   ? 
# 
loop_
_struct_conf.conf_type_id 
_struct_conf.id 
_struct_conf.pdbx_PDB_helix_id 
_struct_conf.beg_label_comp_id 
_struct_conf.beg_label_asym_id 
_struct_conf.beg_label_seq_id 
_struct_conf.pdbx_beg_PDB_ins_code 
_struct_conf.end_label_comp_id 
_struct_conf.end_label_asym_id 
_struct_conf.end_label_seq_id 
_struct_conf.pdbx_end_PDB_ins_code 
_struct_conf.beg_auth_comp_id 
_struct_conf.beg_auth_asym_id 
_struct_conf.beg_auth_seq_id 
_struct_conf.end_auth_comp_id 
_struct_conf.end_auth_asym_id 
_struct_conf.end_auth_seq_id 
_struct_conf.pdbx_PDB_helix_class 
_struct_conf.details 
_struct_conf.pdbx_PDB_helix_length 
HELX_P HELX_P1 1 PRO A 51 ? LYS A 54 ? PRO A 50 LYS A 53 5 ? 4 
HELX_P HELX_P2 2 VAL A 72 ? ARG A 76 ? VAL A 71 ARG A 75 5 ? 5 
# 
_struct_conf_type.id          HELX_P 
_struct_conf_type.criteria    ? 
_struct_conf_type.reference   ? 
# 
_struct_conn.id                            disulf1 
_struct_conn.conn_type_id                  disulf 
_struct_conn.pdbx_leaving_atom_flag        ? 
_struct_conn.pdbx_PDB_id                   ? 
_struct_conn.ptnr1_label_asym_id           A 
_struct_conn.ptnr1_label_comp_id           CYS 
_struct_conn.ptnr1_label_seq_id            16 
_struct_conn.ptnr1_label_atom_id           SG 
_struct_conn.pdbx_ptnr1_label_alt_id       ? 
_struct_conn.pdbx_ptnr1_PDB_ins_code       ? 
_struct_conn.pdbx_ptnr1_standard_comp_id   ? 
_struct_conn.ptnr1_symmetry                1_555 
_struct_conn.ptnr2_label_asym_id           A 
_struct_conn.ptnr2_label_comp_id           CYS 
_struct_conn.ptnr2_label_seq_id            81 
_struct_conn.ptnr2_label_atom_id           SG 
_struct_conn.pdbx_ptnr2_label_alt_id       ? 
_struct_conn.pdbx_ptnr2_PDB_ins_code       ? 
_struct_conn.ptnr1_auth_asym_id            A 
_struct_conn.ptnr1_auth_comp_id            CYS 
_struct_conn.ptnr1_auth_seq_id             15 
_struct_conn.ptnr2_auth_asym_id            A 
_struct_conn.ptnr2_auth_comp_id            CYS 
_struct_conn.ptnr2_auth_seq_id             80 
_struct_conn.ptnr2_symmetry                1_555 
_struct_conn.pdbx_ptnr3_label_atom_id      ? 
_struct_conn.pdbx_ptnr3_label_seq_id       ? 
_struct_conn.pdbx_ptnr3_label_comp_id      ? 
_struct_conn.pdbx_ptnr3_label_asym_id      ? 
_struct_conn.pdbx_ptnr3_label_alt_id       ? 
_struct_conn.pdbx_ptnr3_PDB_ins_code       ? 
_struct_conn.details                       ? 
_struct_conn.pdbx_dist_value               2.041 
_struct_conn.pdbx_value_order              ? 
_struct_conn.pdbx_role                     ? 
# 
_struct_conn_type.id          disulf 
_struct_conn_type.criteria    ? 
_struct_conn_type.reference   ? 
# 
_pdbx_modification_feature.ordinal                            1 
_pdbx_modification_feature.label_comp_id                      CYS 
_pdbx_modification_feature.label_asym_id                      A 
_pdbx_modification_feature.label_seq_id                       16 
_pdbx_modification_feature.label_alt_id                       ? 
_pdbx_modification_feature.modified_residue_label_comp_id     CYS 
_pdbx_modification_feature.modified_residue_label_asym_id     A 
_pdbx_modification_feature.modified_residue_label_seq_id      81 
_pdbx_modification_feature.modified_residue_label_alt_id      ? 
_pdbx_modification_feature.auth_comp_id                       CYS 
_pdbx_modification_feature.auth_asym_id                       A 
_pdbx_modification_feature.auth_seq_id                        15 
_pdbx_modification_feature.PDB_ins_code                       ? 
_pdbx_modification_feature.symmetry                           1_555 
_pdbx_modification_feature.modified_residue_auth_comp_id      CYS 
_pdbx_modification_feature.modified_residue_auth_asym_id      A 
_pdbx_modification_feature.modified_residue_auth_seq_id       80 
_pdbx_modification_feature.modified_residue_PDB_ins_code      ? 
_pdbx_modification_feature.modified_residue_symmetry          1_555 
_pdbx_modification_feature.comp_id_linking_atom               SG 
_pdbx_modification_feature.modified_residue_id_linking_atom   SG 
_pdbx_modification_feature.modified_residue_id                . 
_pdbx_modification_feature.ref_pcm_id                         . 
_pdbx_modification_feature.ref_comp_id                        . 
_pdbx_modification_feature.type                               None 
_pdbx_modification_feature.category                           'Disulfide bridge' 
# 
loop_
_struct_sheet.id 
_struct_sheet.type 
_struct_sheet.number_strands 
_struct_sheet.details 
A ? 6 ? 
B ? 3 ? 
# 
loop_
_struct_sheet_order.sheet_id 
_struct_sheet_order.range_id_1 
_struct_sheet_order.range_id_2 
_struct_sheet_order.offset 
_struct_sheet_order.sense 
A 1 2 ? parallel      
A 2 3 ? anti-parallel 
A 3 4 ? anti-parallel 
A 4 5 ? anti-parallel 
A 5 6 ? anti-parallel 
B 1 2 ? anti-parallel 
B 2 3 ? anti-parallel 
# 
loop_
_struct_sheet_range.sheet_id 
_struct_sheet_range.id 
_struct_sheet_range.beg_label_comp_id 
_struct_sheet_range.beg_label_asym_id 
_struct_sheet_range.beg_label_seq_id 
_struct_sheet_range.pdbx_beg_PDB_ins_code 
_struct_sheet_range.end_label_comp_id 
_struct_sheet_range.end_label_asym_id 
_struct_sheet_range.end_label_seq_id 
_struct_sheet_range.pdbx_end_PDB_ins_code 
_struct_sheet_range.beg_auth_comp_id 
_struct_sheet_range.beg_auth_asym_id 
_struct_sheet_range.beg_auth_seq_id 
_struct_sheet_range.end_auth_comp_id 
_struct_sheet_range.end_auth_asym_id 
_struct_sheet_range.end_auth_seq_id 
A 1 GLU A 2  ? SER A 7   ? GLU A 1  SER A 6   
A 2 GLU A 92 ? LYS A 104 ? GLU A 91 LYS A 103 
A 3 GLY A 77 ? LYS A 85  ? GLY A 76 LYS A 84  
A 4 ARG A 29 ? LYS A 34  ? ARG A 28 LYS A 33  
A 5 LYS A 37 ? ILE A 43  ? LYS A 36 ILE A 42  
A 6 LYS A 46 ? VAL A 49  ? LYS A 45 VAL A 48  
B 1 VAL A 12 ? LEU A 14  ? VAL A 11 LEU A 13  
B 2 SER A 65 ? ILE A 68  ? SER A 64 ILE A 67  
B 3 THR A 57 ? ASP A 60  ? THR A 56 ASP A 59  
# 
loop_
_pdbx_struct_sheet_hbond.sheet_id 
_pdbx_struct_sheet_hbond.range_id_1 
_pdbx_struct_sheet_hbond.range_id_2 
_pdbx_struct_sheet_hbond.range_1_label_atom_id 
_pdbx_struct_sheet_hbond.range_1_label_comp_id 
_pdbx_struct_sheet_hbond.range_1_label_asym_id 
_pdbx_struct_sheet_hbond.range_1_label_seq_id 
_pdbx_struct_sheet_hbond.range_1_PDB_ins_code 
_pdbx_struct_sheet_hbond.range_1_auth_atom_id 
_pdbx_struct_sheet_hbond.range_1_auth_comp_id 
_pdbx_struct_sheet_hbond.range_1_auth_asym_id 
_pdbx_struct_sheet_hbond.range_1_auth_seq_id 
_pdbx_struct_sheet_hbond.range_2_label_atom_id 
_pdbx_struct_sheet_hbond.range_2_label_comp_id 
_pdbx_struct_sheet_hbond.range_2_label_asym_id 
_pdbx_struct_sheet_hbond.range_2_label_seq_id 
_pdbx_struct_sheet_hbond.range_2_PDB_ins_code 
_pdbx_struct_sheet_hbond.range_2_auth_atom_id 
_pdbx_struct_sheet_hbond.range_2_auth_comp_id 
_pdbx_struct_sheet_hbond.range_2_auth_asym_id 
_pdbx_struct_sheet_hbond.range_2_auth_seq_id 
A 1 2 N GLU A 2  ? N GLU A 1  O LYS A 100 ? O LYS A 99 
A 2 3 O LYS A 94 ? O LYS A 93 N VAL A 83  ? N VAL A 82 
A 3 4 O VAL A 82 ? O VAL A 81 N TYR A 31  ? N TYR A 30 
A 4 5 N TRP A 32 ? N TRP A 31 O VAL A 39  ? O VAL A 38 
A 5 6 N SER A 41 ? N SER A 40 O LYS A 48  ? O LYS A 47 
B 1 2 N LEU A 14 ? N LEU A 13 O LEU A 66  ? O LEU A 65 
B 2 3 O ILE A 67 ? O ILE A 66 N LEU A 58  ? N LEU A 57 
# 
_pdbx_entry_details.entry_id                   4RWH 
_pdbx_entry_details.compound_details           ? 
_pdbx_entry_details.source_details             ? 
_pdbx_entry_details.nonpolymer_details         ? 
_pdbx_entry_details.sequence_details           ? 
_pdbx_entry_details.has_ligand_of_interest     ? 
_pdbx_entry_details.has_protein_modification   Y 
# 
loop_
_pdbx_validate_torsion.id 
_pdbx_validate_torsion.PDB_model_num 
_pdbx_validate_torsion.auth_comp_id 
_pdbx_validate_torsion.auth_asym_id 
_pdbx_validate_torsion.auth_seq_id 
_pdbx_validate_torsion.PDB_ins_code 
_pdbx_validate_torsion.label_alt_id 
_pdbx_validate_torsion.phi 
_pdbx_validate_torsion.psi 
1 1 LYS A 8  ? ? 87.11 -10.79  
2 1 HIS A 34 ? ? 55.86 -128.06 
3 1 ASN A 54 ? ? 77.58 -0.62   
# 
loop_
_pdbx_struct_special_symmetry.id 
_pdbx_struct_special_symmetry.PDB_model_num 
_pdbx_struct_special_symmetry.auth_asym_id 
_pdbx_struct_special_symmetry.auth_comp_id 
_pdbx_struct_special_symmetry.auth_seq_id 
_pdbx_struct_special_symmetry.PDB_ins_code 
_pdbx_struct_special_symmetry.label_asym_id 
_pdbx_struct_special_symmetry.label_comp_id 
_pdbx_struct_special_symmetry.label_seq_id 
1 1 A HOH 219 ? B HOH . 
2 1 A HOH 239 ? B HOH . 
# 
_pdbx_refine_tls.pdbx_refine_id   'X-RAY DIFFRACTION' 
_pdbx_refine_tls.id               1 
_pdbx_refine_tls.details          ? 
_pdbx_refine_tls.method           refined 
_pdbx_refine_tls.origin_x         -0.0170 
_pdbx_refine_tls.origin_y         0.0120 
_pdbx_refine_tls.origin_z         -0.4465 
_pdbx_refine_tls.T[1][1]          0.3006 
_pdbx_refine_tls.T[2][2]          0.3107 
_pdbx_refine_tls.T[3][3]          0.3137 
_pdbx_refine_tls.T[1][2]          -0.0094 
_pdbx_refine_tls.T[1][3]          0.1036 
_pdbx_refine_tls.T[2][3]          0.0659 
_pdbx_refine_tls.L[1][1]          5.4022 
_pdbx_refine_tls.L[2][2]          5.8617 
_pdbx_refine_tls.L[3][3]          5.0784 
_pdbx_refine_tls.L[1][2]          0.4672 
_pdbx_refine_tls.L[1][3]          1.5564 
_pdbx_refine_tls.L[2][3]          -1.6361 
_pdbx_refine_tls.S[1][1]          0.0422 
_pdbx_refine_tls.S[1][2]          0.4037 
_pdbx_refine_tls.S[1][3]          0.3493 
_pdbx_refine_tls.S[2][1]          -0.0389 
_pdbx_refine_tls.S[2][2]          0.2100 
_pdbx_refine_tls.S[2][3]          0.3404 
_pdbx_refine_tls.S[3][1]          -0.1432 
_pdbx_refine_tls.S[3][2]          -0.4830 
_pdbx_refine_tls.S[3][3]          -0.2485 
# 
_pdbx_refine_tls_group.pdbx_refine_id      'X-RAY DIFFRACTION' 
_pdbx_refine_tls_group.id                  1 
_pdbx_refine_tls_group.refine_tls_id       1 
_pdbx_refine_tls_group.beg_auth_asym_id    ? 
_pdbx_refine_tls_group.beg_auth_seq_id     ? 
_pdbx_refine_tls_group.beg_label_asym_id   ? 
_pdbx_refine_tls_group.beg_label_seq_id    ? 
_pdbx_refine_tls_group.end_auth_asym_id    ? 
_pdbx_refine_tls_group.end_auth_seq_id     ? 
_pdbx_refine_tls_group.end_label_asym_id   ? 
_pdbx_refine_tls_group.end_label_seq_id    ? 
_pdbx_refine_tls_group.selection           ? 
_pdbx_refine_tls_group.selection_details   'chain A' 
# 
loop_
_pdbx_unobs_or_zero_occ_residues.id 
_pdbx_unobs_or_zero_occ_residues.PDB_model_num 
_pdbx_unobs_or_zero_occ_residues.polymer_flag 
_pdbx_unobs_or_zero_occ_residues.occupancy_flag 
_pdbx_unobs_or_zero_occ_residues.auth_asym_id 
_pdbx_unobs_or_zero_occ_residues.auth_comp_id 
_pdbx_unobs_or_zero_occ_residues.auth_seq_id 
_pdbx_unobs_or_zero_occ_residues.PDB_ins_code 
_pdbx_unobs_or_zero_occ_residues.label_asym_id 
_pdbx_unobs_or_zero_occ_residues.label_comp_id 
_pdbx_unobs_or_zero_occ_residues.label_seq_id 
1 1 Y 1 A ARG 87  ? A ARG 88  
2 1 Y 1 A GLY 88  ? A GLY 89  
3 1 Y 1 A ASP 105 ? A ASP 106 
# 
loop_
_chem_comp_atom.comp_id 
_chem_comp_atom.atom_id 
_chem_comp_atom.type_symbol 
_chem_comp_atom.pdbx_aromatic_flag 
_chem_comp_atom.pdbx_stereo_config 
_chem_comp_atom.pdbx_ordinal 
ALA N    N N N 1   
ALA CA   C N S 2   
ALA C    C N N 3   
ALA O    O N N 4   
ALA CB   C N N 5   
ALA OXT  O N N 6   
ALA H    H N N 7   
ALA H2   H N N 8   
ALA HA   H N N 9   
ALA HB1  H N N 10  
ALA HB2  H N N 11  
ALA HB3  H N N 12  
ALA HXT  H N N 13  
ARG N    N N N 14  
ARG CA   C N S 15  
ARG C    C N N 16  
ARG O    O N N 17  
ARG CB   C N N 18  
ARG CG   C N N 19  
ARG CD   C N N 20  
ARG NE   N N N 21  
ARG CZ   C N N 22  
ARG NH1  N N N 23  
ARG NH2  N N N 24  
ARG OXT  O N N 25  
ARG H    H N N 26  
ARG H2   H N N 27  
ARG HA   H N N 28  
ARG HB2  H N N 29  
ARG HB3  H N N 30  
ARG HG2  H N N 31  
ARG HG3  H N N 32  
ARG HD2  H N N 33  
ARG HD3  H N N 34  
ARG HE   H N N 35  
ARG HH11 H N N 36  
ARG HH12 H N N 37  
ARG HH21 H N N 38  
ARG HH22 H N N 39  
ARG HXT  H N N 40  
ASN N    N N N 41  
ASN CA   C N S 42  
ASN C    C N N 43  
ASN O    O N N 44  
ASN CB   C N N 45  
ASN CG   C N N 46  
ASN OD1  O N N 47  
ASN ND2  N N N 48  
ASN OXT  O N N 49  
ASN H    H N N 50  
ASN H2   H N N 51  
ASN HA   H N N 52  
ASN HB2  H N N 53  
ASN HB3  H N N 54  
ASN HD21 H N N 55  
ASN HD22 H N N 56  
ASN HXT  H N N 57  
ASP N    N N N 58  
ASP CA   C N S 59  
ASP C    C N N 60  
ASP O    O N N 61  
ASP CB   C N N 62  
ASP CG   C N N 63  
ASP OD1  O N N 64  
ASP OD2  O N N 65  
ASP OXT  O N N 66  
ASP H    H N N 67  
ASP H2   H N N 68  
ASP HA   H N N 69  
ASP HB2  H N N 70  
ASP HB3  H N N 71  
ASP HD2  H N N 72  
ASP HXT  H N N 73  
CYS N    N N N 74  
CYS CA   C N R 75  
CYS C    C N N 76  
CYS O    O N N 77  
CYS CB   C N N 78  
CYS SG   S N N 79  
CYS OXT  O N N 80  
CYS H    H N N 81  
CYS H2   H N N 82  
CYS HA   H N N 83  
CYS HB2  H N N 84  
CYS HB3  H N N 85  
CYS HG   H N N 86  
CYS HXT  H N N 87  
GLN N    N N N 88  
GLN CA   C N S 89  
GLN C    C N N 90  
GLN O    O N N 91  
GLN CB   C N N 92  
GLN CG   C N N 93  
GLN CD   C N N 94  
GLN OE1  O N N 95  
GLN NE2  N N N 96  
GLN OXT  O N N 97  
GLN H    H N N 98  
GLN H2   H N N 99  
GLN HA   H N N 100 
GLN HB2  H N N 101 
GLN HB3  H N N 102 
GLN HG2  H N N 103 
GLN HG3  H N N 104 
GLN HE21 H N N 105 
GLN HE22 H N N 106 
GLN HXT  H N N 107 
GLU N    N N N 108 
GLU CA   C N S 109 
GLU C    C N N 110 
GLU O    O N N 111 
GLU CB   C N N 112 
GLU CG   C N N 113 
GLU CD   C N N 114 
GLU OE1  O N N 115 
GLU OE2  O N N 116 
GLU OXT  O N N 117 
GLU H    H N N 118 
GLU H2   H N N 119 
GLU HA   H N N 120 
GLU HB2  H N N 121 
GLU HB3  H N N 122 
GLU HG2  H N N 123 
GLU HG3  H N N 124 
GLU HE2  H N N 125 
GLU HXT  H N N 126 
GLY N    N N N 127 
GLY CA   C N N 128 
GLY C    C N N 129 
GLY O    O N N 130 
GLY OXT  O N N 131 
GLY H    H N N 132 
GLY H2   H N N 133 
GLY HA2  H N N 134 
GLY HA3  H N N 135 
GLY HXT  H N N 136 
HIS N    N N N 137 
HIS CA   C N S 138 
HIS C    C N N 139 
HIS O    O N N 140 
HIS CB   C N N 141 
HIS CG   C Y N 142 
HIS ND1  N Y N 143 
HIS CD2  C Y N 144 
HIS CE1  C Y N 145 
HIS NE2  N Y N 146 
HIS OXT  O N N 147 
HIS H    H N N 148 
HIS H2   H N N 149 
HIS HA   H N N 150 
HIS HB2  H N N 151 
HIS HB3  H N N 152 
HIS HD1  H N N 153 
HIS HD2  H N N 154 
HIS HE1  H N N 155 
HIS HE2  H N N 156 
HIS HXT  H N N 157 
HOH O    O N N 158 
HOH H1   H N N 159 
HOH H2   H N N 160 
ILE N    N N N 161 
ILE CA   C N S 162 
ILE C    C N N 163 
ILE O    O N N 164 
ILE CB   C N S 165 
ILE CG1  C N N 166 
ILE CG2  C N N 167 
ILE CD1  C N N 168 
ILE OXT  O N N 169 
ILE H    H N N 170 
ILE H2   H N N 171 
ILE HA   H N N 172 
ILE HB   H N N 173 
ILE HG12 H N N 174 
ILE HG13 H N N 175 
ILE HG21 H N N 176 
ILE HG22 H N N 177 
ILE HG23 H N N 178 
ILE HD11 H N N 179 
ILE HD12 H N N 180 
ILE HD13 H N N 181 
ILE HXT  H N N 182 
LEU N    N N N 183 
LEU CA   C N S 184 
LEU C    C N N 185 
LEU O    O N N 186 
LEU CB   C N N 187 
LEU CG   C N N 188 
LEU CD1  C N N 189 
LEU CD2  C N N 190 
LEU OXT  O N N 191 
LEU H    H N N 192 
LEU H2   H N N 193 
LEU HA   H N N 194 
LEU HB2  H N N 195 
LEU HB3  H N N 196 
LEU HG   H N N 197 
LEU HD11 H N N 198 
LEU HD12 H N N 199 
LEU HD13 H N N 200 
LEU HD21 H N N 201 
LEU HD22 H N N 202 
LEU HD23 H N N 203 
LEU HXT  H N N 204 
LYS N    N N N 205 
LYS CA   C N S 206 
LYS C    C N N 207 
LYS O    O N N 208 
LYS CB   C N N 209 
LYS CG   C N N 210 
LYS CD   C N N 211 
LYS CE   C N N 212 
LYS NZ   N N N 213 
LYS OXT  O N N 214 
LYS H    H N N 215 
LYS H2   H N N 216 
LYS HA   H N N 217 
LYS HB2  H N N 218 
LYS HB3  H N N 219 
LYS HG2  H N N 220 
LYS HG3  H N N 221 
LYS HD2  H N N 222 
LYS HD3  H N N 223 
LYS HE2  H N N 224 
LYS HE3  H N N 225 
LYS HZ1  H N N 226 
LYS HZ2  H N N 227 
LYS HZ3  H N N 228 
LYS HXT  H N N 229 
MET N    N N N 230 
MET CA   C N S 231 
MET C    C N N 232 
MET O    O N N 233 
MET CB   C N N 234 
MET CG   C N N 235 
MET SD   S N N 236 
MET CE   C N N 237 
MET OXT  O N N 238 
MET H    H N N 239 
MET H2   H N N 240 
MET HA   H N N 241 
MET HB2  H N N 242 
MET HB3  H N N 243 
MET HG2  H N N 244 
MET HG3  H N N 245 
MET HE1  H N N 246 
MET HE2  H N N 247 
MET HE3  H N N 248 
MET HXT  H N N 249 
PRO N    N N N 250 
PRO CA   C N S 251 
PRO C    C N N 252 
PRO O    O N N 253 
PRO CB   C N N 254 
PRO CG   C N N 255 
PRO CD   C N N 256 
PRO OXT  O N N 257 
PRO H    H N N 258 
PRO HA   H N N 259 
PRO HB2  H N N 260 
PRO HB3  H N N 261 
PRO HG2  H N N 262 
PRO HG3  H N N 263 
PRO HD2  H N N 264 
PRO HD3  H N N 265 
PRO HXT  H N N 266 
SER N    N N N 267 
SER CA   C N S 268 
SER C    C N N 269 
SER O    O N N 270 
SER CB   C N N 271 
SER OG   O N N 272 
SER OXT  O N N 273 
SER H    H N N 274 
SER H2   H N N 275 
SER HA   H N N 276 
SER HB2  H N N 277 
SER HB3  H N N 278 
SER HG   H N N 279 
SER HXT  H N N 280 
THR N    N N N 281 
THR CA   C N S 282 
THR C    C N N 283 
THR O    O N N 284 
THR CB   C N R 285 
THR OG1  O N N 286 
THR CG2  C N N 287 
THR OXT  O N N 288 
THR H    H N N 289 
THR H2   H N N 290 
THR HA   H N N 291 
THR HB   H N N 292 
THR HG1  H N N 293 
THR HG21 H N N 294 
THR HG22 H N N 295 
THR HG23 H N N 296 
THR HXT  H N N 297 
TRP N    N N N 298 
TRP CA   C N S 299 
TRP C    C N N 300 
TRP O    O N N 301 
TRP CB   C N N 302 
TRP CG   C Y N 303 
TRP CD1  C Y N 304 
TRP CD2  C Y N 305 
TRP NE1  N Y N 306 
TRP CE2  C Y N 307 
TRP CE3  C Y N 308 
TRP CZ2  C Y N 309 
TRP CZ3  C Y N 310 
TRP CH2  C Y N 311 
TRP OXT  O N N 312 
TRP H    H N N 313 
TRP H2   H N N 314 
TRP HA   H N N 315 
TRP HB2  H N N 316 
TRP HB3  H N N 317 
TRP HD1  H N N 318 
TRP HE1  H N N 319 
TRP HE3  H N N 320 
TRP HZ2  H N N 321 
TRP HZ3  H N N 322 
TRP HH2  H N N 323 
TRP HXT  H N N 324 
TYR N    N N N 325 
TYR CA   C N S 326 
TYR C    C N N 327 
TYR O    O N N 328 
TYR CB   C N N 329 
TYR CG   C Y N 330 
TYR CD1  C Y N 331 
TYR CD2  C Y N 332 
TYR CE1  C Y N 333 
TYR CE2  C Y N 334 
TYR CZ   C Y N 335 
TYR OH   O N N 336 
TYR OXT  O N N 337 
TYR H    H N N 338 
TYR H2   H N N 339 
TYR HA   H N N 340 
TYR HB2  H N N 341 
TYR HB3  H N N 342 
TYR HD1  H N N 343 
TYR HD2  H N N 344 
TYR HE1  H N N 345 
TYR HE2  H N N 346 
TYR HH   H N N 347 
TYR HXT  H N N 348 
VAL N    N N N 349 
VAL CA   C N S 350 
VAL C    C N N 351 
VAL O    O N N 352 
VAL CB   C N N 353 
VAL CG1  C N N 354 
VAL CG2  C N N 355 
VAL OXT  O N N 356 
VAL H    H N N 357 
VAL H2   H N N 358 
VAL HA   H N N 359 
VAL HB   H N N 360 
VAL HG11 H N N 361 
VAL HG12 H N N 362 
VAL HG13 H N N 363 
VAL HG21 H N N 364 
VAL HG22 H N N 365 
VAL HG23 H N N 366 
VAL HXT  H N N 367 
# 
loop_
_chem_comp_bond.comp_id 
_chem_comp_bond.atom_id_1 
_chem_comp_bond.atom_id_2 
_chem_comp_bond.value_order 
_chem_comp_bond.pdbx_aromatic_flag 
_chem_comp_bond.pdbx_stereo_config 
_chem_comp_bond.pdbx_ordinal 
ALA N   CA   sing N N 1   
ALA N   H    sing N N 2   
ALA N   H2   sing N N 3   
ALA CA  C    sing N N 4   
ALA CA  CB   sing N N 5   
ALA CA  HA   sing N N 6   
ALA C   O    doub N N 7   
ALA C   OXT  sing N N 8   
ALA CB  HB1  sing N N 9   
ALA CB  HB2  sing N N 10  
ALA CB  HB3  sing N N 11  
ALA OXT HXT  sing N N 12  
ARG N   CA   sing N N 13  
ARG N   H    sing N N 14  
ARG N   H2   sing N N 15  
ARG CA  C    sing N N 16  
ARG CA  CB   sing N N 17  
ARG CA  HA   sing N N 18  
ARG C   O    doub N N 19  
ARG C   OXT  sing N N 20  
ARG CB  CG   sing N N 21  
ARG CB  HB2  sing N N 22  
ARG CB  HB3  sing N N 23  
ARG CG  CD   sing N N 24  
ARG CG  HG2  sing N N 25  
ARG CG  HG3  sing N N 26  
ARG CD  NE   sing N N 27  
ARG CD  HD2  sing N N 28  
ARG CD  HD3  sing N N 29  
ARG NE  CZ   sing N N 30  
ARG NE  HE   sing N N 31  
ARG CZ  NH1  sing N N 32  
ARG CZ  NH2  doub N N 33  
ARG NH1 HH11 sing N N 34  
ARG NH1 HH12 sing N N 35  
ARG NH2 HH21 sing N N 36  
ARG NH2 HH22 sing N N 37  
ARG OXT HXT  sing N N 38  
ASN N   CA   sing N N 39  
ASN N   H    sing N N 40  
ASN N   H2   sing N N 41  
ASN CA  C    sing N N 42  
ASN CA  CB   sing N N 43  
ASN CA  HA   sing N N 44  
ASN C   O    doub N N 45  
ASN C   OXT  sing N N 46  
ASN CB  CG   sing N N 47  
ASN CB  HB2  sing N N 48  
ASN CB  HB3  sing N N 49  
ASN CG  OD1  doub N N 50  
ASN CG  ND2  sing N N 51  
ASN ND2 HD21 sing N N 52  
ASN ND2 HD22 sing N N 53  
ASN OXT HXT  sing N N 54  
ASP N   CA   sing N N 55  
ASP N   H    sing N N 56  
ASP N   H2   sing N N 57  
ASP CA  C    sing N N 58  
ASP CA  CB   sing N N 59  
ASP CA  HA   sing N N 60  
ASP C   O    doub N N 61  
ASP C   OXT  sing N N 62  
ASP CB  CG   sing N N 63  
ASP CB  HB2  sing N N 64  
ASP CB  HB3  sing N N 65  
ASP CG  OD1  doub N N 66  
ASP CG  OD2  sing N N 67  
ASP OD2 HD2  sing N N 68  
ASP OXT HXT  sing N N 69  
CYS N   CA   sing N N 70  
CYS N   H    sing N N 71  
CYS N   H2   sing N N 72  
CYS CA  C    sing N N 73  
CYS CA  CB   sing N N 74  
CYS CA  HA   sing N N 75  
CYS C   O    doub N N 76  
CYS C   OXT  sing N N 77  
CYS CB  SG   sing N N 78  
CYS CB  HB2  sing N N 79  
CYS CB  HB3  sing N N 80  
CYS SG  HG   sing N N 81  
CYS OXT HXT  sing N N 82  
GLN N   CA   sing N N 83  
GLN N   H    sing N N 84  
GLN N   H2   sing N N 85  
GLN CA  C    sing N N 86  
GLN CA  CB   sing N N 87  
GLN CA  HA   sing N N 88  
GLN C   O    doub N N 89  
GLN C   OXT  sing N N 90  
GLN CB  CG   sing N N 91  
GLN CB  HB2  sing N N 92  
GLN CB  HB3  sing N N 93  
GLN CG  CD   sing N N 94  
GLN CG  HG2  sing N N 95  
GLN CG  HG3  sing N N 96  
GLN CD  OE1  doub N N 97  
GLN CD  NE2  sing N N 98  
GLN NE2 HE21 sing N N 99  
GLN NE2 HE22 sing N N 100 
GLN OXT HXT  sing N N 101 
GLU N   CA   sing N N 102 
GLU N   H    sing N N 103 
GLU N   H2   sing N N 104 
GLU CA  C    sing N N 105 
GLU CA  CB   sing N N 106 
GLU CA  HA   sing N N 107 
GLU C   O    doub N N 108 
GLU C   OXT  sing N N 109 
GLU CB  CG   sing N N 110 
GLU CB  HB2  sing N N 111 
GLU CB  HB3  sing N N 112 
GLU CG  CD   sing N N 113 
GLU CG  HG2  sing N N 114 
GLU CG  HG3  sing N N 115 
GLU CD  OE1  doub N N 116 
GLU CD  OE2  sing N N 117 
GLU OE2 HE2  sing N N 118 
GLU OXT HXT  sing N N 119 
GLY N   CA   sing N N 120 
GLY N   H    sing N N 121 
GLY N   H2   sing N N 122 
GLY CA  C    sing N N 123 
GLY CA  HA2  sing N N 124 
GLY CA  HA3  sing N N 125 
GLY C   O    doub N N 126 
GLY C   OXT  sing N N 127 
GLY OXT HXT  sing N N 128 
HIS N   CA   sing N N 129 
HIS N   H    sing N N 130 
HIS N   H2   sing N N 131 
HIS CA  C    sing N N 132 
HIS CA  CB   sing N N 133 
HIS CA  HA   sing N N 134 
HIS C   O    doub N N 135 
HIS C   OXT  sing N N 136 
HIS CB  CG   sing N N 137 
HIS CB  HB2  sing N N 138 
HIS CB  HB3  sing N N 139 
HIS CG  ND1  sing Y N 140 
HIS CG  CD2  doub Y N 141 
HIS ND1 CE1  doub Y N 142 
HIS ND1 HD1  sing N N 143 
HIS CD2 NE2  sing Y N 144 
HIS CD2 HD2  sing N N 145 
HIS CE1 NE2  sing Y N 146 
HIS CE1 HE1  sing N N 147 
HIS NE2 HE2  sing N N 148 
HIS OXT HXT  sing N N 149 
HOH O   H1   sing N N 150 
HOH O   H2   sing N N 151 
ILE N   CA   sing N N 152 
ILE N   H    sing N N 153 
ILE N   H2   sing N N 154 
ILE CA  C    sing N N 155 
ILE CA  CB   sing N N 156 
ILE CA  HA   sing N N 157 
ILE C   O    doub N N 158 
ILE C   OXT  sing N N 159 
ILE CB  CG1  sing N N 160 
ILE CB  CG2  sing N N 161 
ILE CB  HB   sing N N 162 
ILE CG1 CD1  sing N N 163 
ILE CG1 HG12 sing N N 164 
ILE CG1 HG13 sing N N 165 
ILE CG2 HG21 sing N N 166 
ILE CG2 HG22 sing N N 167 
ILE CG2 HG23 sing N N 168 
ILE CD1 HD11 sing N N 169 
ILE CD1 HD12 sing N N 170 
ILE CD1 HD13 sing N N 171 
ILE OXT HXT  sing N N 172 
LEU N   CA   sing N N 173 
LEU N   H    sing N N 174 
LEU N   H2   sing N N 175 
LEU CA  C    sing N N 176 
LEU CA  CB   sing N N 177 
LEU CA  HA   sing N N 178 
LEU C   O    doub N N 179 
LEU C   OXT  sing N N 180 
LEU CB  CG   sing N N 181 
LEU CB  HB2  sing N N 182 
LEU CB  HB3  sing N N 183 
LEU CG  CD1  sing N N 184 
LEU CG  CD2  sing N N 185 
LEU CG  HG   sing N N 186 
LEU CD1 HD11 sing N N 187 
LEU CD1 HD12 sing N N 188 
LEU CD1 HD13 sing N N 189 
LEU CD2 HD21 sing N N 190 
LEU CD2 HD22 sing N N 191 
LEU CD2 HD23 sing N N 192 
LEU OXT HXT  sing N N 193 
LYS N   CA   sing N N 194 
LYS N   H    sing N N 195 
LYS N   H2   sing N N 196 
LYS CA  C    sing N N 197 
LYS CA  CB   sing N N 198 
LYS CA  HA   sing N N 199 
LYS C   O    doub N N 200 
LYS C   OXT  sing N N 201 
LYS CB  CG   sing N N 202 
LYS CB  HB2  sing N N 203 
LYS CB  HB3  sing N N 204 
LYS CG  CD   sing N N 205 
LYS CG  HG2  sing N N 206 
LYS CG  HG3  sing N N 207 
LYS CD  CE   sing N N 208 
LYS CD  HD2  sing N N 209 
LYS CD  HD3  sing N N 210 
LYS CE  NZ   sing N N 211 
LYS CE  HE2  sing N N 212 
LYS CE  HE3  sing N N 213 
LYS NZ  HZ1  sing N N 214 
LYS NZ  HZ2  sing N N 215 
LYS NZ  HZ3  sing N N 216 
LYS OXT HXT  sing N N 217 
MET N   CA   sing N N 218 
MET N   H    sing N N 219 
MET N   H2   sing N N 220 
MET CA  C    sing N N 221 
MET CA  CB   sing N N 222 
MET CA  HA   sing N N 223 
MET C   O    doub N N 224 
MET C   OXT  sing N N 225 
MET CB  CG   sing N N 226 
MET CB  HB2  sing N N 227 
MET CB  HB3  sing N N 228 
MET CG  SD   sing N N 229 
MET CG  HG2  sing N N 230 
MET CG  HG3  sing N N 231 
MET SD  CE   sing N N 232 
MET CE  HE1  sing N N 233 
MET CE  HE2  sing N N 234 
MET CE  HE3  sing N N 235 
MET OXT HXT  sing N N 236 
PRO N   CA   sing N N 237 
PRO N   CD   sing N N 238 
PRO N   H    sing N N 239 
PRO CA  C    sing N N 240 
PRO CA  CB   sing N N 241 
PRO CA  HA   sing N N 242 
PRO C   O    doub N N 243 
PRO C   OXT  sing N N 244 
PRO CB  CG   sing N N 245 
PRO CB  HB2  sing N N 246 
PRO CB  HB3  sing N N 247 
PRO CG  CD   sing N N 248 
PRO CG  HG2  sing N N 249 
PRO CG  HG3  sing N N 250 
PRO CD  HD2  sing N N 251 
PRO CD  HD3  sing N N 252 
PRO OXT HXT  sing N N 253 
SER N   CA   sing N N 254 
SER N   H    sing N N 255 
SER N   H2   sing N N 256 
SER CA  C    sing N N 257 
SER CA  CB   sing N N 258 
SER CA  HA   sing N N 259 
SER C   O    doub N N 260 
SER C   OXT  sing N N 261 
SER CB  OG   sing N N 262 
SER CB  HB2  sing N N 263 
SER CB  HB3  sing N N 264 
SER OG  HG   sing N N 265 
SER OXT HXT  sing N N 266 
THR N   CA   sing N N 267 
THR N   H    sing N N 268 
THR N   H2   sing N N 269 
THR CA  C    sing N N 270 
THR CA  CB   sing N N 271 
THR CA  HA   sing N N 272 
THR C   O    doub N N 273 
THR C   OXT  sing N N 274 
THR CB  OG1  sing N N 275 
THR CB  CG2  sing N N 276 
THR CB  HB   sing N N 277 
THR OG1 HG1  sing N N 278 
THR CG2 HG21 sing N N 279 
THR CG2 HG22 sing N N 280 
THR CG2 HG23 sing N N 281 
THR OXT HXT  sing N N 282 
TRP N   CA   sing N N 283 
TRP N   H    sing N N 284 
TRP N   H2   sing N N 285 
TRP CA  C    sing N N 286 
TRP CA  CB   sing N N 287 
TRP CA  HA   sing N N 288 
TRP C   O    doub N N 289 
TRP C   OXT  sing N N 290 
TRP CB  CG   sing N N 291 
TRP CB  HB2  sing N N 292 
TRP CB  HB3  sing N N 293 
TRP CG  CD1  doub Y N 294 
TRP CG  CD2  sing Y N 295 
TRP CD1 NE1  sing Y N 296 
TRP CD1 HD1  sing N N 297 
TRP CD2 CE2  doub Y N 298 
TRP CD2 CE3  sing Y N 299 
TRP NE1 CE2  sing Y N 300 
TRP NE1 HE1  sing N N 301 
TRP CE2 CZ2  sing Y N 302 
TRP CE3 CZ3  doub Y N 303 
TRP CE3 HE3  sing N N 304 
TRP CZ2 CH2  doub Y N 305 
TRP CZ2 HZ2  sing N N 306 
TRP CZ3 CH2  sing Y N 307 
TRP CZ3 HZ3  sing N N 308 
TRP CH2 HH2  sing N N 309 
TRP OXT HXT  sing N N 310 
TYR N   CA   sing N N 311 
TYR N   H    sing N N 312 
TYR N   H2   sing N N 313 
TYR CA  C    sing N N 314 
TYR CA  CB   sing N N 315 
TYR CA  HA   sing N N 316 
TYR C   O    doub N N 317 
TYR C   OXT  sing N N 318 
TYR CB  CG   sing N N 319 
TYR CB  HB2  sing N N 320 
TYR CB  HB3  sing N N 321 
TYR CG  CD1  doub Y N 322 
TYR CG  CD2  sing Y N 323 
TYR CD1 CE1  sing Y N 324 
TYR CD1 HD1  sing N N 325 
TYR CD2 CE2  doub Y N 326 
TYR CD2 HD2  sing N N 327 
TYR CE1 CZ   doub Y N 328 
TYR CE1 HE1  sing N N 329 
TYR CE2 CZ   sing Y N 330 
TYR CE2 HE2  sing N N 331 
TYR CZ  OH   sing N N 332 
TYR OH  HH   sing N N 333 
TYR OXT HXT  sing N N 334 
VAL N   CA   sing N N 335 
VAL N   H    sing N N 336 
VAL N   H2   sing N N 337 
VAL CA  C    sing N N 338 
VAL CA  CB   sing N N 339 
VAL CA  HA   sing N N 340 
VAL C   O    doub N N 341 
VAL C   OXT  sing N N 342 
VAL CB  CG1  sing N N 343 
VAL CB  CG2  sing N N 344 
VAL CB  HB   sing N N 345 
VAL CG1 HG11 sing N N 346 
VAL CG1 HG12 sing N N 347 
VAL CG1 HG13 sing N N 348 
VAL CG2 HG21 sing N N 349 
VAL CG2 HG22 sing N N 350 
VAL CG2 HG23 sing N N 351 
VAL OXT HXT  sing N N 352 
# 
_pdbx_initial_refinement_model.id               1 
_pdbx_initial_refinement_model.entity_id_list   ? 
_pdbx_initial_refinement_model.type             'experimental model' 
_pdbx_initial_refinement_model.source_name      PDB 
_pdbx_initial_refinement_model.accession_code   1DR9 
_pdbx_initial_refinement_model.details          ? 
# 
_atom_sites.entry_id                    4RWH 
_atom_sites.fract_transf_matrix[1][1]   0.00935981 
_atom_sites.fract_transf_matrix[1][2]   -0.01597087 
_atom_sites.fract_transf_matrix[1][3]   0.00049151 
_atom_sites.fract_transf_matrix[2][1]   -0.01051022 
_atom_sites.fract_transf_matrix[2][2]   -0.00658280 
_atom_sites.fract_transf_matrix[2][3]   -0.01375203 
_atom_sites.fract_transf_matrix[3][1]   0.00756764 
_atom_sites.fract_transf_matrix[3][2]   0.00419526 
_atom_sites.fract_transf_matrix[3][3]   -0.00779188 
_atom_sites.fract_transf_vector[1]      1.260689 
_atom_sites.fract_transf_vector[2]      0.203178 
_atom_sites.fract_transf_vector[3]      0.010668 
# 
loop_
_atom_type.symbol 
C 
N 
O 
S 
# 
loop_
_atom_site.group_PDB 
_atom_site.id 
_atom_site.type_symbol 
_atom_site.label_atom_id 
_atom_site.label_alt_id 
_atom_site.label_comp_id 
_atom_site.label_asym_id 
_atom_site.label_entity_id 
_atom_site.label_seq_id 
_atom_site.pdbx_PDB_ins_code 
_atom_site.Cartn_x 
_atom_site.Cartn_y 
_atom_site.Cartn_z 
_atom_site.occupancy 
_atom_site.B_iso_or_equiv 
_atom_site.pdbx_formal_charge 
_atom_site.auth_seq_id 
_atom_site.auth_comp_id 
_atom_site.auth_asym_id 
_atom_site.auth_atom_id 
_atom_site.pdbx_PDB_model_num 
ATOM   1   N N   . MET A 1 1   ? 1.616   14.303  1.971   1.00 93.11  ? 0   MET A N   1 
ATOM   2   C CA  . MET A 1 1   ? 2.482   13.305  2.597   1.00 86.69  ? 0   MET A CA  1 
ATOM   3   C C   . MET A 1 1   ? 2.079   13.054  4.046   1.00 77.27  ? 0   MET A C   1 
ATOM   4   O O   . MET A 1 1   ? 2.463   13.805  4.943   1.00 73.52  ? 0   MET A O   1 
ATOM   5   C CB  . MET A 1 1   ? 3.940   13.766  2.555   1.00 82.42  ? 0   MET A CB  1 
ATOM   6   C CG  . MET A 1 1   ? 4.916   12.811  3.229   1.00 67.66  ? 0   MET A CG  1 
ATOM   7   S SD  . MET A 1 1   ? 5.414   11.473  2.141   1.00 72.42  ? 0   MET A SD  1 
ATOM   8   C CE  . MET A 1 1   ? 6.291   12.372  0.868   1.00 93.86  ? 0   MET A CE  1 
ATOM   9   N N   . GLU A 1 2   ? 1.301   12.006  4.280   1.00 68.89  ? 1   GLU A N   1 
ATOM   10  C CA  . GLU A 1 2   ? 0.972   11.646  5.652   1.00 68.36  ? 1   GLU A CA  1 
ATOM   11  C C   . GLU A 1 2   ? 2.193   11.017  6.303   1.00 63.19  ? 1   GLU A C   1 
ATOM   12  O O   . GLU A 1 2   ? 2.980   10.344  5.633   1.00 59.78  ? 1   GLU A O   1 
ATOM   13  C CB  . GLU A 1 2   ? -0.210  10.679  5.712   1.00 74.64  ? 1   GLU A CB  1 
ATOM   14  C CG  . GLU A 1 2   ? -0.592  10.306  7.138   1.00 83.19  ? 1   GLU A CG  1 
ATOM   15  C CD  . GLU A 1 2   ? -1.908  9.573   7.230   1.00 87.96  ? 1   GLU A CD  1 
ATOM   16  O OE1 . GLU A 1 2   ? -2.439  9.170   6.172   1.00 91.18  ? 1   GLU A OE1 1 
ATOM   17  O OE2 . GLU A 1 2   ? -2.412  9.406   8.362   1.00 85.43  ? 1   GLU A OE2 1 
ATOM   18  N N   . GLN A 1 3   ? 2.362   11.245  7.603   1.00 63.16  ? 2   GLN A N   1 
ATOM   19  C CA  . GLN A 1 3   ? 3.492   10.674  8.322   1.00 63.08  ? 2   GLN A CA  1 
ATOM   20  C C   . GLN A 1 3   ? 3.068   9.885   9.561   1.00 61.99  ? 2   GLN A C   1 
ATOM   21  O O   . GLN A 1 3   ? 2.197   10.311  10.316  1.00 59.12  ? 2   GLN A O   1 
ATOM   22  C CB  . GLN A 1 3   ? 4.517   11.766  8.641   1.00 73.86  ? 2   GLN A CB  1 
ATOM   23  C CG  . GLN A 1 3   ? 5.071   12.386  7.359   1.00 90.38  ? 2   GLN A CG  1 
ATOM   24  C CD  . GLN A 1 3   ? 6.049   13.512  7.591   1.00 112.78 ? 2   GLN A CD  1 
ATOM   25  O OE1 . GLN A 1 3   ? 5.835   14.374  8.444   1.00 130.39 ? 2   GLN A OE1 1 
ATOM   26  N NE2 . GLN A 1 3   ? 7.133   13.516  6.823   1.00 111.20 ? 2   GLN A NE2 1 
ATOM   27  N N   . LEU A 1 4   ? 3.676   8.717   9.736   1.00 54.04  ? 3   LEU A N   1 
ATOM   28  C CA  . LEU A 1 4   ? 3.376   7.845   10.862  1.00 63.76  ? 3   LEU A CA  1 
ATOM   29  C C   . LEU A 1 4   ? 4.659   7.488   11.587  1.00 61.68  ? 3   LEU A C   1 
ATOM   30  O O   . LEU A 1 4   ? 5.673   7.198   10.958  1.00 57.93  ? 3   LEU A O   1 
ATOM   31  C CB  . LEU A 1 4   ? 2.694   6.566   10.374  1.00 63.99  ? 3   LEU A CB  1 
ATOM   32  C CG  . LEU A 1 4   ? 1.359   6.762   9.655   1.00 65.40  ? 3   LEU A CG  1 
ATOM   33  C CD1 . LEU A 1 4   ? 0.822   5.441   9.127   1.00 61.31  ? 3   LEU A CD1 1 
ATOM   34  C CD2 . LEU A 1 4   ? 0.357   7.426   10.587  1.00 71.90  ? 3   LEU A CD2 1 
ATOM   35  N N   . SER A 1 5   ? 4.614   7.517   12.913  1.00 66.20  ? 4   SER A N   1 
ATOM   36  C CA  . SER A 1 5   ? 5.750   7.098   13.726  1.00 66.70  ? 4   SER A CA  1 
ATOM   37  C C   . SER A 1 5   ? 5.401   5.855   14.532  1.00 63.70  ? 4   SER A C   1 
ATOM   38  O O   . SER A 1 5   ? 4.496   5.882   15.372  1.00 68.39  ? 4   SER A O   1 
ATOM   39  C CB  . SER A 1 5   ? 6.191   8.218   14.666  1.00 66.17  ? 4   SER A CB  1 
ATOM   40  O OG  . SER A 1 5   ? 6.578   9.365   13.933  1.00 88.23  ? 4   SER A OG  1 
ATOM   41  N N   . LYS A 1 6   ? 6.122   4.770   14.263  1.00 59.13  ? 5   LYS A N   1 
ATOM   42  C CA  . LYS A 1 6   ? 5.918   3.510   14.966  1.00 54.64  ? 5   LYS A CA  1 
ATOM   43  C C   . LYS A 1 6   ? 7.241   2.984   15.518  1.00 60.27  ? 5   LYS A C   1 
ATOM   44  O O   . LYS A 1 6   ? 8.289   3.610   15.353  1.00 63.81  ? 5   LYS A O   1 
ATOM   45  C CB  . LYS A 1 6   ? 5.287   2.474   14.040  1.00 48.61  ? 5   LYS A CB  1 
ATOM   46  C CG  . LYS A 1 6   ? 4.123   3.004   13.209  1.00 59.06  ? 5   LYS A CG  1 
ATOM   47  C CD  . LYS A 1 6   ? 2.923   3.384   14.074  1.00 63.42  ? 5   LYS A CD  1 
ATOM   48  C CE  . LYS A 1 6   ? 2.125   2.159   14.502  1.00 66.47  ? 5   LYS A CE  1 
ATOM   49  N NZ  . LYS A 1 6   ? 0.848   2.526   15.197  1.00 66.08  ? 5   LYS A NZ  1 
ATOM   50  N N   . SER A 1 7   ? 7.186   1.836   16.181  1.00 60.12  ? 6   SER A N   1 
ATOM   51  C CA  . SER A 1 7   ? 8.378   1.242   16.766  1.00 54.68  ? 6   SER A CA  1 
ATOM   52  C C   . SER A 1 7   ? 8.571   -0.155  16.209  1.00 52.69  ? 6   SER A C   1 
ATOM   53  O O   . SER A 1 7   ? 7.615   -0.773  15.733  1.00 52.36  ? 6   SER A O   1 
ATOM   54  C CB  . SER A 1 7   ? 8.253   1.188   18.288  1.00 56.68  ? 6   SER A CB  1 
ATOM   55  O OG  . SER A 1 7   ? 8.082   2.486   18.836  1.00 68.65  ? 6   SER A OG  1 
ATOM   56  N N   . VAL A 1 8   ? 9.803   -0.657  16.259  1.00 60.72  ? 7   VAL A N   1 
ATOM   57  C CA  . VAL A 1 8   ? 10.080  -2.029  15.836  1.00 55.54  ? 7   VAL A CA  1 
ATOM   58  C C   . VAL A 1 8   ? 9.161   -2.991  16.584  1.00 59.66  ? 7   VAL A C   1 
ATOM   59  O O   . VAL A 1 8   ? 8.958   -2.844  17.792  1.00 63.40  ? 7   VAL A O   1 
ATOM   60  C CB  . VAL A 1 8   ? 11.571  -2.406  16.035  1.00 61.34  ? 7   VAL A CB  1 
ATOM   61  C CG1 . VAL A 1 8   ? 11.779  -3.899  15.881  1.00 58.32  ? 7   VAL A CG1 1 
ATOM   62  C CG2 . VAL A 1 8   ? 12.448  -1.645  15.050  1.00 53.19  ? 7   VAL A CG2 1 
ATOM   63  N N   . LYS A 1 9   ? 8.585   -3.928  15.826  1.00 56.89  ? 8   LYS A N   1 
ATOM   64  C CA  . LYS A 1 9   ? 7.627   -4.941  16.291  1.00 52.93  ? 8   LYS A CA  1 
ATOM   65  C C   . LYS A 1 9   ? 6.161   -4.493  16.287  1.00 61.29  ? 8   LYS A C   1 
ATOM   66  O O   . LYS A 1 9   ? 5.262   -5.317  16.457  1.00 61.27  ? 8   LYS A O   1 
ATOM   67  C CB  . LYS A 1 9   ? 8.015   -5.554  17.646  1.00 65.48  ? 8   LYS A CB  1 
ATOM   68  C CG  . LYS A 1 9   ? 9.162   -6.542  17.563  1.00 73.84  ? 8   LYS A CG  1 
ATOM   69  C CD  . LYS A 1 9   ? 8.776   -7.771  16.750  1.00 72.02  ? 8   LYS A CD  1 
ATOM   70  C CE  . LYS A 1 9   ? 9.804   -8.876  16.922  1.00 71.56  ? 8   LYS A CE  1 
ATOM   71  N NZ  . LYS A 1 9   ? 9.303   -10.169 16.390  1.00 71.07  ? 8   LYS A NZ  1 
ATOM   72  N N   . ASP A 1 10  ? 5.920   -3.200  16.085  1.00 60.42  ? 9   ASP A N   1 
ATOM   73  C CA  . ASP A 1 10  ? 4.554   -2.701  15.928  1.00 59.66  ? 9   ASP A CA  1 
ATOM   74  C C   . ASP A 1 10  ? 3.943   -3.220  14.640  1.00 49.55  ? 9   ASP A C   1 
ATOM   75  O O   . ASP A 1 10  ? 4.655   -3.538  13.687  1.00 50.12  ? 9   ASP A O   1 
ATOM   76  C CB  . ASP A 1 10  ? 4.517   -1.173  15.868  1.00 56.19  ? 9   ASP A CB  1 
ATOM   77  C CG  . ASP A 1 10  ? 4.747   -0.519  17.214  1.00 68.04  ? 9   ASP A CG  1 
ATOM   78  O OD1 . ASP A 1 10  ? 4.746   -1.230  18.245  1.00 80.76  ? 9   ASP A OD1 1 
ATOM   79  O OD2 . ASP A 1 10  ? 4.909   0.721   17.232  1.00 65.94  ? 9   ASP A OD2 1 
ATOM   80  N N   . LYS A 1 11  ? 2.618   -3.303  14.602  1.00 50.88  ? 10  LYS A N   1 
ATOM   81  C CA  . LYS A 1 11  ? 1.952   -3.436  13.312  1.00 51.06  ? 10  LYS A CA  1 
ATOM   82  C C   . LYS A 1 11  ? 1.480   -2.032  12.932  1.00 46.95  ? 10  LYS A C   1 
ATOM   83  O O   . LYS A 1 11  ? 1.298   -1.176  13.804  1.00 50.22  ? 10  LYS A O   1 
ATOM   84  C CB  . LYS A 1 11  ? 0.788   -4.430  13.378  1.00 51.35  ? 10  LYS A CB  1 
ATOM   85  C CG  . LYS A 1 11  ? -0.335  -3.998  14.278  1.00 57.62  ? 10  LYS A CG  1 
ATOM   86  C CD  . LYS A 1 11  ? -1.419  -5.057  14.369  1.00 66.37  ? 10  LYS A CD  1 
ATOM   87  C CE  . LYS A 1 11  ? -2.497  -4.656  15.368  1.00 66.23  ? 10  LYS A CE  1 
ATOM   88  N NZ  . LYS A 1 11  ? -1.960  -4.476  16.747  1.00 72.08  ? 10  LYS A NZ  1 
ATOM   89  N N   . VAL A 1 12  ? 1.289   -1.781  11.646  1.00 43.17  ? 11  VAL A N   1 
ATOM   90  C CA  . VAL A 1 12  ? 0.843   -0.459  11.232  1.00 46.78  ? 11  VAL A CA  1 
ATOM   91  C C   . VAL A 1 12  ? -0.088  -0.531  10.026  1.00 48.85  ? 11  VAL A C   1 
ATOM   92  O O   . VAL A 1 12  ? 0.089   -1.366  9.136   1.00 45.62  ? 11  VAL A O   1 
ATOM   93  C CB  . VAL A 1 12  ? 2.033   0.498   10.963  1.00 52.18  ? 11  VAL A CB  1 
ATOM   94  C CG1 . VAL A 1 12  ? 2.855   0.041   9.759   1.00 52.11  ? 11  VAL A CG1 1 
ATOM   95  C CG2 . VAL A 1 12  ? 1.532   1.935   10.767  1.00 46.87  ? 11  VAL A CG2 1 
ATOM   96  N N   . LEU A 1 13  ? -1.108  0.324   10.029  1.00 45.54  ? 12  LEU A N   1 
ATOM   97  C CA  . LEU A 1 13  ? -1.938  0.505   8.849   1.00 47.92  ? 12  LEU A CA  1 
ATOM   98  C C   . LEU A 1 13  ? -1.536  1.796   8.119   1.00 49.06  ? 12  LEU A C   1 
ATOM   99  O O   . LEU A 1 13  ? -1.608  2.885   8.688   1.00 47.13  ? 12  LEU A O   1 
ATOM   100 C CB  . LEU A 1 13  ? -3.425  0.528   9.224   1.00 47.55  ? 12  LEU A CB  1 
ATOM   101 C CG  . LEU A 1 13  ? -4.374  0.426   8.025   1.00 45.97  ? 12  LEU A CG  1 
ATOM   102 C CD1 . LEU A 1 13  ? -5.667  -0.288  8.418   1.00 51.06  ? 12  LEU A CD1 1 
ATOM   103 C CD2 . LEU A 1 13  ? -4.688  1.799   7.441   1.00 48.11  ? 12  LEU A CD2 1 
ATOM   104 N N   . LEU A 1 14  ? -1.122  1.671   6.861   1.00 40.29  ? 13  LEU A N   1 
ATOM   105 C CA  . LEU A 1 14  ? -0.797  2.845   6.039   1.00 37.58  ? 13  LEU A CA  1 
ATOM   106 C C   . LEU A 1 14  ? -2.005  3.194   5.169   1.00 42.29  ? 13  LEU A C   1 
ATOM   107 O O   . LEU A 1 14  ? -2.372  2.416   4.278   1.00 44.35  ? 13  LEU A O   1 
ATOM   108 C CB  . LEU A 1 14  ? 0.419   2.572   5.137   1.00 36.12  ? 13  LEU A CB  1 
ATOM   109 C CG  . LEU A 1 14  ? 1.716   2.035   5.758   1.00 42.36  ? 13  LEU A CG  1 
ATOM   110 C CD1 . LEU A 1 14  ? 2.864   2.043   4.741   1.00 48.83  ? 13  LEU A CD1 1 
ATOM   111 C CD2 . LEU A 1 14  ? 2.094   2.850   6.976   1.00 58.38  ? 13  LEU A CD2 1 
ATOM   112 N N   . PRO A 1 15  ? -2.622  4.365   5.406   1.00 46.95  ? 14  PRO A N   1 
ATOM   113 C CA  . PRO A 1 15  ? -3.854  4.696   4.679   1.00 43.03  ? 14  PRO A CA  1 
ATOM   114 C C   . PRO A 1 15  ? -3.583  5.044   3.208   1.00 51.37  ? 14  PRO A C   1 
ATOM   115 O O   . PRO A 1 15  ? -2.693  5.856   2.923   1.00 47.02  ? 14  PRO A O   1 
ATOM   116 C CB  . PRO A 1 15  ? -4.389  5.923   5.431   1.00 51.38  ? 14  PRO A CB  1 
ATOM   117 C CG  . PRO A 1 15  ? -3.596  5.991   6.715   1.00 57.40  ? 14  PRO A CG  1 
ATOM   118 C CD  . PRO A 1 15  ? -2.266  5.409   6.378   1.00 49.19  ? 14  PRO A CD  1 
ATOM   119 N N   . CYS A 1 16  ? -4.340  4.436   2.294   1.00 50.26  ? 15  CYS A N   1 
ATOM   120 C CA  . CYS A 1 16  ? -4.244  4.762   0.867   1.00 49.17  ? 15  CYS A CA  1 
ATOM   121 C C   . CYS A 1 16  ? -4.931  6.090   0.568   1.00 53.86  ? 15  CYS A C   1 
ATOM   122 O O   . CYS A 1 16  ? -4.637  6.735   -0.435  1.00 51.95  ? 15  CYS A O   1 
ATOM   123 C CB  . CYS A 1 16  ? -4.874  3.660   0.011   1.00 51.40  ? 15  CYS A CB  1 
ATOM   124 S SG  . CYS A 1 16  ? -4.738  3.928   -1.792  1.00 50.59  ? 15  CYS A SG  1 
ATOM   125 N N   . ARG A 1 17  ? -5.855  6.486   1.437   1.00 47.09  ? 16  ARG A N   1 
ATOM   126 C CA  . ARG A 1 17  ? -6.596  7.743   1.275   1.00 56.30  ? 16  ARG A CA  1 
ATOM   127 C C   . ARG A 1 17  ? -7.388  7.813   -0.034  1.00 54.79  ? 16  ARG A C   1 
ATOM   128 O O   . ARG A 1 17  ? -7.639  8.890   -0.563  1.00 60.17  ? 16  ARG A O   1 
ATOM   129 C CB  . ARG A 1 17  ? -5.661  8.950   1.400   1.00 58.53  ? 16  ARG A CB  1 
ATOM   130 C CG  . ARG A 1 17  ? -4.914  9.026   2.723   1.00 55.17  ? 16  ARG A CG  1 
ATOM   131 C CD  . ARG A 1 17  ? -5.891  9.269   3.854   1.00 64.64  ? 16  ARG A CD  1 
ATOM   132 N NE  . ARG A 1 17  ? -5.245  9.313   5.162   1.00 66.83  ? 16  ARG A NE  1 
ATOM   133 C CZ  . ARG A 1 17  ? -5.895  9.163   6.311   1.00 70.85  ? 16  ARG A CZ  1 
ATOM   134 N NH1 . ARG A 1 17  ? -7.207  8.955   6.306   1.00 72.41  ? 16  ARG A NH1 1 
ATOM   135 N NH2 . ARG A 1 17  ? -5.238  9.219   7.462   1.00 69.19  ? 16  ARG A NH2 1 
ATOM   136 N N   . TYR A 1 18  ? -7.794  6.652   -0.536  1.00 57.61  ? 17  TYR A N   1 
ATOM   137 C CA  . TYR A 1 18  ? -8.558  6.578   -1.775  1.00 52.09  ? 17  TYR A CA  1 
ATOM   138 C C   . TYR A 1 18  ? -10.051 6.455   -1.511  1.00 72.08  ? 17  TYR A C   1 
ATOM   139 O O   . TYR A 1 18  ? -10.509 5.459   -0.946  1.00 70.35  ? 17  TYR A O   1 
ATOM   140 C CB  . TYR A 1 18  ? -8.100  5.369   -2.588  1.00 58.64  ? 17  TYR A CB  1 
ATOM   141 C CG  . TYR A 1 18  ? -8.832  5.191   -3.899  1.00 62.54  ? 17  TYR A CG  1 
ATOM   142 C CD1 . TYR A 1 18  ? -9.063  6.278   -4.742  1.00 65.41  ? 17  TYR A CD1 1 
ATOM   143 C CD2 . TYR A 1 18  ? -9.258  3.933   -4.312  1.00 56.08  ? 17  TYR A CD2 1 
ATOM   144 C CE1 . TYR A 1 18  ? -9.724  6.122   -5.946  1.00 64.29  ? 17  TYR A CE1 1 
ATOM   145 C CE2 . TYR A 1 18  ? -9.919  3.764   -5.519  1.00 67.84  ? 17  TYR A CE2 1 
ATOM   146 C CZ  . TYR A 1 18  ? -10.147 4.863   -6.333  1.00 73.73  ? 17  TYR A CZ  1 
ATOM   147 O OH  . TYR A 1 18  ? -10.803 4.706   -7.536  1.00 86.61  ? 17  TYR A OH  1 
ATOM   148 N N   . ASN A 1 19  ? -10.811 7.459   -1.929  1.00 79.35  ? 18  ASN A N   1 
ATOM   149 C CA  . ASN A 1 19  ? -12.267 7.381   -1.854  1.00 82.97  ? 18  ASN A CA  1 
ATOM   150 C C   . ASN A 1 19  ? -12.917 8.296   -2.870  1.00 87.29  ? 18  ASN A C   1 
ATOM   151 O O   . ASN A 1 19  ? -12.854 9.516   -2.738  1.00 96.07  ? 18  ASN A O   1 
ATOM   152 C CB  . ASN A 1 19  ? -12.772 7.715   -0.454  1.00 95.86  ? 18  ASN A CB  1 
ATOM   153 C CG  . ASN A 1 19  ? -14.284 7.653   -0.357  1.00 114.34 ? 18  ASN A CG  1 
ATOM   154 O OD1 . ASN A 1 19  ? -14.867 6.578   -0.216  1.00 118.35 ? 18  ASN A OD1 1 
ATOM   155 N ND2 . ASN A 1 19  ? -14.931 8.810   -0.441  1.00 124.80 ? 18  ASN A ND2 1 
ATOM   156 N N   . SER A 1 20  ? -13.528 7.701   -3.887  1.00 97.23  ? 19  SER A N   1 
ATOM   157 C CA  . SER A 1 20  ? -14.202 8.457   -4.940  1.00 114.03 ? 19  SER A CA  1 
ATOM   158 C C   . SER A 1 20  ? -15.315 7.597   -5.527  1.00 124.94 ? 19  SER A C   1 
ATOM   159 O O   . SER A 1 20  ? -15.229 6.372   -5.476  1.00 127.37 ? 19  SER A O   1 
ATOM   160 C CB  . SER A 1 20  ? -13.208 8.854   -6.038  1.00 110.96 ? 19  SER A CB  1 
ATOM   161 O OG  . SER A 1 20  ? -12.254 9.790   -5.563  1.00 111.71 ? 19  SER A OG  1 
ATOM   162 N N   . PRO A 1 21  ? -16.367 8.230   -6.084  1.00 127.15 ? 20  PRO A N   1 
ATOM   163 C CA  . PRO A 1 21  ? -17.486 7.493   -6.698  1.00 126.46 ? 20  PRO A CA  1 
ATOM   164 C C   . PRO A 1 21  ? -17.055 6.611   -7.874  1.00 122.59 ? 20  PRO A C   1 
ATOM   165 O O   . PRO A 1 21  ? -17.846 5.791   -8.351  1.00 120.53 ? 20  PRO A O   1 
ATOM   166 C CB  . PRO A 1 21  ? -18.412 8.608   -7.198  1.00 126.37 ? 20  PRO A CB  1 
ATOM   167 C CG  . PRO A 1 21  ? -18.084 9.783   -6.343  1.00 127.06 ? 20  PRO A CG  1 
ATOM   168 C CD  . PRO A 1 21  ? -16.614 9.683   -6.062  1.00 123.85 ? 20  PRO A CD  1 
ATOM   169 N N   . HIS A 1 22  ? -15.814 6.783   -8.326  1.00 116.26 ? 21  HIS A N   1 
ATOM   170 C CA  . HIS A 1 22  ? -15.289 6.048   -9.471  1.00 106.30 ? 21  HIS A CA  1 
ATOM   171 C C   . HIS A 1 22  ? -14.487 4.812   -9.076  1.00 99.81  ? 21  HIS A C   1 
ATOM   172 O O   . HIS A 1 22  ? -13.693 4.305   -9.870  1.00 87.78  ? 21  HIS A O   1 
ATOM   173 C CB  . HIS A 1 22  ? -14.445 6.973   -10.345 1.00 104.05 ? 21  HIS A CB  1 
ATOM   174 C CG  . HIS A 1 22  ? -15.211 8.134   -10.891 1.00 112.01 ? 21  HIS A CG  1 
ATOM   175 N ND1 . HIS A 1 22  ? -15.958 8.053   -12.047 1.00 120.00 ? 21  HIS A ND1 1 
ATOM   176 C CD2 . HIS A 1 22  ? -15.368 9.397   -10.429 1.00 115.64 ? 21  HIS A CD2 1 
ATOM   177 C CE1 . HIS A 1 22  ? -16.532 9.219   -12.280 1.00 128.56 ? 21  HIS A CE1 1 
ATOM   178 N NE2 . HIS A 1 22  ? -16.190 10.053  -11.314 1.00 127.69 ? 21  HIS A NE2 1 
ATOM   179 N N   . GLU A 1 23  ? -14.693 4.335   -7.850  1.00 103.77 ? 22  GLU A N   1 
ATOM   180 C CA  . GLU A 1 23  ? -14.124 3.060   -7.423  1.00 104.73 ? 22  GLU A CA  1 
ATOM   181 C C   . GLU A 1 23  ? -14.795 1.935   -8.207  1.00 115.98 ? 22  GLU A C   1 
ATOM   182 O O   . GLU A 1 23  ? -16.024 1.860   -8.282  1.00 121.32 ? 22  GLU A O   1 
ATOM   183 C CB  . GLU A 1 23  ? -14.293 2.852   -5.914  1.00 98.85  ? 22  GLU A CB  1 
ATOM   184 C CG  . GLU A 1 23  ? -13.478 3.817   -5.063  1.00 89.02  ? 22  GLU A CG  1 
ATOM   185 C CD  . GLU A 1 23  ? -13.664 3.599   -3.571  1.00 91.92  ? 22  GLU A CD  1 
ATOM   186 O OE1 . GLU A 1 23  ? -13.999 2.462   -3.156  1.00 83.74  ? 22  GLU A OE1 1 
ATOM   187 O OE2 . GLU A 1 23  ? -13.471 4.574   -2.814  1.00 91.83  ? 22  GLU A OE2 1 
ATOM   188 N N   . ASP A 1 24  ? -13.980 1.069   -8.798  1.00 117.30 ? 23  ASP A N   1 
ATOM   189 C CA  . ASP A 1 24  ? -14.475 0.063   -9.729  1.00 117.78 ? 23  ASP A CA  1 
ATOM   190 C C   . ASP A 1 24  ? -13.562 -1.157  -9.705  1.00 110.12 ? 23  ASP A C   1 
ATOM   191 O O   . ASP A 1 24  ? -12.518 -1.164  -10.354 1.00 105.82 ? 23  ASP A O   1 
ATOM   192 C CB  . ASP A 1 24  ? -14.524 0.657   -11.140 1.00 116.47 ? 23  ASP A CB  1 
ATOM   193 C CG  . ASP A 1 24  ? -15.255 -0.230  -12.131 1.00 118.67 ? 23  ASP A CG  1 
ATOM   194 O OD1 . ASP A 1 24  ? -15.507 0.240   -13.259 1.00 117.94 ? 23  ASP A OD1 1 
ATOM   195 O OD2 . ASP A 1 24  ? -15.586 -1.385  -11.790 1.00 123.27 ? 23  ASP A OD2 1 
ATOM   196 N N   . GLU A 1 25  ? -13.972 -2.189  -8.972  1.00 105.26 ? 24  GLU A N   1 
ATOM   197 C CA  . GLU A 1 25  ? -13.170 -3.400  -8.806  1.00 98.49  ? 24  GLU A CA  1 
ATOM   198 C C   . GLU A 1 25  ? -12.750 -4.011  -10.143 1.00 94.78  ? 24  GLU A C   1 
ATOM   199 O O   . GLU A 1 25  ? -11.723 -4.683  -10.238 1.00 92.32  ? 24  GLU A O   1 
ATOM   200 C CB  . GLU A 1 25  ? -13.939 -4.427  -7.973  1.00 102.06 ? 24  GLU A CB  1 
ATOM   201 C CG  . GLU A 1 25  ? -13.081 -5.524  -7.370  1.00 107.78 ? 24  GLU A CG  1 
ATOM   202 C CD  . GLU A 1 25  ? -13.883 -6.471  -6.493  1.00 119.45 ? 24  GLU A CD  1 
ATOM   203 O OE1 . GLU A 1 25  ? -15.065 -6.723  -6.817  1.00 122.96 ? 24  GLU A OE1 1 
ATOM   204 O OE2 . GLU A 1 25  ? -13.336 -6.952  -5.477  1.00 124.32 ? 24  GLU A OE2 1 
ATOM   205 N N   . SER A 1 26  ? -13.543 -3.762  -11.178 1.00 96.39  ? 25  SER A N   1 
ATOM   206 C CA  . SER A 1 26  ? -13.237 -4.264  -12.510 1.00 100.86 ? 25  SER A CA  1 
ATOM   207 C C   . SER A 1 26  ? -11.976 -3.617  -13.087 1.00 97.86  ? 25  SER A C   1 
ATOM   208 O O   . SER A 1 26  ? -11.022 -4.313  -13.439 1.00 93.17  ? 25  SER A O   1 
ATOM   209 C CB  . SER A 1 26  ? -14.428 -4.045  -13.448 1.00 109.43 ? 25  SER A CB  1 
ATOM   210 O OG  . SER A 1 26  ? -14.226 -4.690  -14.693 1.00 117.22 ? 25  SER A OG  1 
ATOM   211 N N   . GLU A 1 27  ? -11.974 -2.287  -13.171 1.00 98.45  ? 26  GLU A N   1 
ATOM   212 C CA  . GLU A 1 27  ? -10.865 -1.554  -13.789 1.00 97.20  ? 26  GLU A CA  1 
ATOM   213 C C   . GLU A 1 27  ? -9.748  -1.183  -12.810 1.00 87.03  ? 26  GLU A C   1 
ATOM   214 O O   . GLU A 1 27  ? -8.580  -1.088  -13.200 1.00 80.06  ? 26  GLU A O   1 
ATOM   215 C CB  . GLU A 1 27  ? -11.372 -0.289  -14.495 1.00 107.43 ? 26  GLU A CB  1 
ATOM   216 C CG  . GLU A 1 27  ? -11.908 0.785   -13.554 1.00 114.75 ? 26  GLU A CG  1 
ATOM   217 C CD  . GLU A 1 27  ? -12.105 2.130   -14.235 1.00 125.10 ? 26  GLU A CD  1 
ATOM   218 O OE1 . GLU A 1 27  ? -12.269 2.163   -15.473 1.00 131.22 ? 26  GLU A OE1 1 
ATOM   219 O OE2 . GLU A 1 27  ? -12.090 3.158   -13.525 1.00 126.01 ? 26  GLU A OE2 1 
ATOM   220 N N   . ASP A 1 28  ? -10.105 -0.968  -11.545 1.00 76.09  ? 27  ASP A N   1 
ATOM   221 C CA  . ASP A 1 28  ? -9.143  -0.492  -10.555 1.00 73.68  ? 27  ASP A CA  1 
ATOM   222 C C   . ASP A 1 28  ? -7.984  -1.457  -10.354 1.00 68.81  ? 27  ASP A C   1 
ATOM   223 O O   . ASP A 1 28  ? -8.179  -2.618  -9.996  1.00 57.55  ? 27  ASP A O   1 
ATOM   224 C CB  . ASP A 1 28  ? -9.824  -0.225  -9.208  1.00 77.28  ? 27  ASP A CB  1 
ATOM   225 C CG  . ASP A 1 28  ? -10.407 1.176   -9.110  1.00 81.17  ? 27  ASP A CG  1 
ATOM   226 O OD1 . ASP A 1 28  ? -10.379 1.910   -10.126 1.00 77.82  ? 27  ASP A OD1 1 
ATOM   227 O OD2 . ASP A 1 28  ? -10.896 1.535   -8.013  1.00 69.47  ? 27  ASP A OD2 1 
ATOM   228 N N   . ARG A 1 29  ? -6.774  -0.965  -10.594 1.00 57.26  ? 28  ARG A N   1 
ATOM   229 C CA  . ARG A 1 29  ? -5.577  -1.702  -10.231 1.00 52.55  ? 28  ARG A CA  1 
ATOM   230 C C   . ARG A 1 29  ? -4.862  -0.948  -9.117  1.00 59.56  ? 28  ARG A C   1 
ATOM   231 O O   . ARG A 1 29  ? -4.421  0.189   -9.298  1.00 59.94  ? 28  ARG A O   1 
ATOM   232 C CB  . ARG A 1 29  ? -4.667  -1.873  -11.448 1.00 53.73  ? 28  ARG A CB  1 
ATOM   233 C CG  . ARG A 1 29  ? -5.380  -2.450  -12.662 1.00 57.16  ? 28  ARG A CG  1 
ATOM   234 C CD  . ARG A 1 29  ? -4.619  -2.132  -13.935 1.00 68.94  ? 28  ARG A CD  1 
ATOM   235 N NE  . ARG A 1 29  ? -3.563  -3.098  -14.211 1.00 67.51  ? 28  ARG A NE  1 
ATOM   236 C CZ  . ARG A 1 29  ? -3.691  -4.098  -15.075 1.00 81.68  ? 28  ARG A CZ  1 
ATOM   237 N NH1 . ARG A 1 29  ? -4.826  -4.252  -15.742 1.00 91.26  ? 28  ARG A NH1 1 
ATOM   238 N NH2 . ARG A 1 29  ? -2.688  -4.941  -15.280 1.00 88.41  ? 28  ARG A NH2 1 
ATOM   239 N N   . ILE A 1 30  ? -4.752  -1.584  -7.959  1.00 45.58  ? 29  ILE A N   1 
ATOM   240 C CA  . ILE A 1 30  ? -4.163  -0.943  -6.798  1.00 41.19  ? 29  ILE A CA  1 
ATOM   241 C C   . ILE A 1 30  ? -2.787  -1.512  -6.527  1.00 45.44  ? 29  ILE A C   1 
ATOM   242 O O   . ILE A 1 30  ? -2.605  -2.728  -6.498  1.00 44.88  ? 29  ILE A O   1 
ATOM   243 C CB  . ILE A 1 30  ? -5.023  -1.153  -5.557  1.00 46.35  ? 29  ILE A CB  1 
ATOM   244 C CG1 . ILE A 1 30  ? -6.440  -0.648  -5.813  1.00 50.38  ? 29  ILE A CG1 1 
ATOM   245 C CG2 . ILE A 1 30  ? -4.398  -0.459  -4.358  1.00 46.83  ? 29  ILE A CG2 1 
ATOM   246 C CD1 . ILE A 1 30  ? -7.454  -1.762  -5.979  1.00 51.36  ? 29  ILE A CD1 1 
ATOM   247 N N   . TYR A 1 31  ? -1.820  -0.628  -6.322  1.00 43.73  ? 30  TYR A N   1 
ATOM   248 C CA  . TYR A 1 31  ? -0.464  -1.043  -6.007  1.00 40.35  ? 30  TYR A CA  1 
ATOM   249 C C   . TYR A 1 31  ? 0.043   -0.298  -4.773  1.00 40.54  ? 30  TYR A C   1 
ATOM   250 O O   . TYR A 1 31  ? -0.176  0.910   -4.639  1.00 42.95  ? 30  TYR A O   1 
ATOM   251 C CB  . TYR A 1 31  ? 0.467   -0.739  -7.187  1.00 41.17  ? 30  TYR A CB  1 
ATOM   252 C CG  . TYR A 1 31  ? 0.228   -1.543  -8.458  1.00 42.13  ? 30  TYR A CG  1 
ATOM   253 C CD1 . TYR A 1 31  ? 0.838   -2.775  -8.649  1.00 45.17  ? 30  TYR A CD1 1 
ATOM   254 C CD2 . TYR A 1 31  ? -0.583  -1.055  -9.473  1.00 41.05  ? 30  TYR A CD2 1 
ATOM   255 C CE1 . TYR A 1 31  ? 0.635   -3.502  -9.814  1.00 49.12  ? 30  TYR A CE1 1 
ATOM   256 C CE2 . TYR A 1 31  ? -0.792  -1.773  -10.645 1.00 43.71  ? 30  TYR A CE2 1 
ATOM   257 C CZ  . TYR A 1 31  ? -0.181  -2.999  -10.808 1.00 53.78  ? 30  TYR A CZ  1 
ATOM   258 O OH  . TYR A 1 31  ? -0.375  -3.720  -11.974 1.00 54.83  ? 30  TYR A OH  1 
ATOM   259 N N   . TRP A 1 32  ? 0.712   -1.018  -3.873  1.00 41.23  ? 31  TRP A N   1 
ATOM   260 C CA  . TRP A 1 32  ? 1.553   -0.394  -2.845  1.00 34.06  ? 31  TRP A CA  1 
ATOM   261 C C   . TRP A 1 32  ? 3.017   -0.636  -3.188  1.00 39.46  ? 31  TRP A C   1 
ATOM   262 O O   . TRP A 1 32  ? 3.411   -1.762  -3.516  1.00 37.82  ? 31  TRP A O   1 
ATOM   263 C CB  . TRP A 1 32  ? 1.243   -0.957  -1.460  1.00 31.78  ? 31  TRP A CB  1 
ATOM   264 C CG  . TRP A 1 32  ? 0.063   -0.321  -0.812  1.00 35.80  ? 31  TRP A CG  1 
ATOM   265 C CD1 . TRP A 1 32  ? -1.236  -0.746  -0.862  1.00 37.06  ? 31  TRP A CD1 1 
ATOM   266 C CD2 . TRP A 1 32  ? 0.068   0.874   -0.030  1.00 37.37  ? 31  TRP A CD2 1 
ATOM   267 N NE1 . TRP A 1 32  ? -2.043  0.109   -0.139  1.00 37.90  ? 31  TRP A NE1 1 
ATOM   268 C CE2 . TRP A 1 32  ? -1.267  1.111   0.383   1.00 41.82  ? 31  TRP A CE2 1 
ATOM   269 C CE3 . TRP A 1 32  ? 1.069   1.770   0.367   1.00 39.68  ? 31  TRP A CE3 1 
ATOM   270 C CZ2 . TRP A 1 32  ? -1.623  2.201   1.175   1.00 38.94  ? 31  TRP A CZ2 1 
ATOM   271 C CZ3 . TRP A 1 32  ? 0.709   2.859   1.160   1.00 38.79  ? 31  TRP A CZ3 1 
ATOM   272 C CH2 . TRP A 1 32  ? -0.627  3.059   1.554   1.00 41.31  ? 31  TRP A CH2 1 
ATOM   273 N N   . GLN A 1 33  ? 3.822   0.427   -3.146  1.00 35.74  ? 32  GLN A N   1 
ATOM   274 C CA  . GLN A 1 33  ? 5.227   0.317   -3.493  1.00 38.63  ? 32  GLN A CA  1 
ATOM   275 C C   . GLN A 1 33  ? 6.079   1.072   -2.483  1.00 37.82  ? 32  GLN A C   1 
ATOM   276 O O   . GLN A 1 33  ? 5.610   2.008   -1.831  1.00 42.86  ? 32  GLN A O   1 
ATOM   277 C CB  . GLN A 1 33  ? 5.486   0.903   -4.889  1.00 39.92  ? 32  GLN A CB  1 
ATOM   278 C CG  . GLN A 1 33  ? 4.537   0.392   -5.977  1.00 50.43  ? 32  GLN A CG  1 
ATOM   279 C CD  . GLN A 1 33  ? 4.874   0.958   -7.352  1.00 58.86  ? 32  GLN A CD  1 
ATOM   280 O OE1 . GLN A 1 33  ? 5.963   0.732   -7.864  1.00 52.56  ? 32  GLN A OE1 1 
ATOM   281 N NE2 . GLN A 1 33  ? 3.938   1.693   -7.953  1.00 50.15  ? 32  GLN A NE2 1 
ATOM   282 N N   . LYS A 1 34  ? 7.344   0.679   -2.398  1.00 40.25  ? 33  LYS A N   1 
ATOM   283 C CA  . LYS A 1 34  ? 8.330   1.362   -1.581  1.00 39.12  ? 33  LYS A CA  1 
ATOM   284 C C   . LYS A 1 34  ? 9.636   1.369   -2.356  1.00 44.86  ? 33  LYS A C   1 
ATOM   285 O O   . LYS A 1 34  ? 10.224  0.317   -2.627  1.00 42.08  ? 33  LYS A O   1 
ATOM   286 C CB  . LYS A 1 34  ? 8.491   0.636   -0.239  1.00 45.46  ? 33  LYS A CB  1 
ATOM   287 C CG  . LYS A 1 34  ? 9.380   1.347   0.759   1.00 50.88  ? 33  LYS A CG  1 
ATOM   288 C CD  . LYS A 1 34  ? 9.696   0.421   1.912   1.00 60.09  ? 33  LYS A CD  1 
ATOM   289 C CE  . LYS A 1 34  ? 10.575  1.099   2.933   1.00 62.79  ? 33  LYS A CE  1 
ATOM   290 N NZ  . LYS A 1 34  ? 11.959  1.276   2.435   1.00 67.89  ? 33  LYS A NZ  1 
ATOM   291 N N   . HIS A 1 35  ? 10.069  2.562   -2.752  1.00 41.24  ? 34  HIS A N   1 
ATOM   292 C CA  . HIS A 1 35  ? 11.298  2.717   -3.504  1.00 47.14  ? 34  HIS A CA  1 
ATOM   293 C C   . HIS A 1 35  ? 11.206  1.845   -4.756  1.00 47.02  ? 34  HIS A C   1 
ATOM   294 O O   . HIS A 1 35  ? 10.213  1.912   -5.478  1.00 51.26  ? 34  HIS A O   1 
ATOM   295 C CB  . HIS A 1 35  ? 12.513  2.354   -2.644  1.00 43.53  ? 34  HIS A CB  1 
ATOM   296 C CG  . HIS A 1 35  ? 13.811  2.842   -3.201  1.00 45.91  ? 34  HIS A CG  1 
ATOM   297 N ND1 . HIS A 1 35  ? 14.071  4.177   -3.416  1.00 51.11  ? 34  HIS A ND1 1 
ATOM   298 C CD2 . HIS A 1 35  ? 14.924  2.175   -3.590  1.00 50.95  ? 34  HIS A CD2 1 
ATOM   299 C CE1 . HIS A 1 35  ? 15.286  4.315   -3.913  1.00 56.37  ? 34  HIS A CE1 1 
ATOM   300 N NE2 . HIS A 1 35  ? 15.827  3.114   -4.026  1.00 60.69  ? 34  HIS A NE2 1 
ATOM   301 N N   . ASP A 1 36  ? 12.207  1.002   -4.998  1.00 46.82  ? 35  ASP A N   1 
ATOM   302 C CA  . ASP A 1 36  ? 12.203  0.185   -6.217  1.00 48.72  ? 35  ASP A CA  1 
ATOM   303 C C   . ASP A 1 36  ? 11.578  -1.203  -6.017  1.00 47.57  ? 35  ASP A C   1 
ATOM   304 O O   . ASP A 1 36  ? 11.864  -2.128  -6.776  1.00 49.99  ? 35  ASP A O   1 
ATOM   305 C CB  . ASP A 1 36  ? 13.604  0.090   -6.847  1.00 50.47  ? 35  ASP A CB  1 
ATOM   306 C CG  . ASP A 1 36  ? 14.668  -0.353  -5.864  1.00 58.51  ? 35  ASP A CG  1 
ATOM   307 O OD1 . ASP A 1 36  ? 14.317  -0.856  -4.774  1.00 52.89  ? 35  ASP A OD1 1 
ATOM   308 O OD2 . ASP A 1 36  ? 15.865  -0.203  -6.194  1.00 63.32  ? 35  ASP A OD2 1 
ATOM   309 N N   . LYS A 1 37  ? 10.718  -1.325  -5.010  1.00 44.42  ? 36  LYS A N   1 
ATOM   310 C CA  . LYS A 1 37  ? 10.040  -2.585  -4.721  1.00 41.52  ? 36  LYS A CA  1 
ATOM   311 C C   . LYS A 1 37  ? 8.517   -2.427  -4.709  1.00 42.58  ? 36  LYS A C   1 
ATOM   312 O O   . LYS A 1 37  ? 7.982   -1.443  -4.189  1.00 42.69  ? 36  LYS A O   1 
ATOM   313 C CB  . LYS A 1 37  ? 10.491  -3.134  -3.365  1.00 50.31  ? 36  LYS A CB  1 
ATOM   314 C CG  . LYS A 1 37  ? 11.995  -3.113  -3.145  1.00 75.68  ? 36  LYS A CG  1 
ATOM   315 C CD  . LYS A 1 37  ? 12.333  -3.383  -1.677  1.00 89.51  ? 36  LYS A CD  1 
ATOM   316 C CE  . LYS A 1 37  ? 11.709  -2.346  -0.727  1.00 92.37  ? 36  LYS A CE  1 
ATOM   317 N NZ  . LYS A 1 37  ? 12.354  -0.990  -0.796  1.00 84.36  ? 36  LYS A NZ  1 
ATOM   318 N N   . VAL A 1 38  ? 7.813   -3.409  -5.258  1.00 40.88  ? 37  VAL A N   1 
ATOM   319 C CA  . VAL A 1 38  ? 6.357   -3.447  -5.124  1.00 37.33  ? 37  VAL A CA  1 
ATOM   320 C C   . VAL A 1 38  ? 6.014   -4.288  -3.894  1.00 37.16  ? 37  VAL A C   1 
ATOM   321 O O   . VAL A 1 38  ? 6.636   -5.335  -3.673  1.00 39.28  ? 37  VAL A O   1 
ATOM   322 C CB  . VAL A 1 38  ? 5.704   -4.033  -6.396  1.00 40.56  ? 37  VAL A CB  1 
ATOM   323 C CG1 . VAL A 1 38  ? 4.185   -4.131  -6.225  1.00 42.92  ? 37  VAL A CG1 1 
ATOM   324 C CG2 . VAL A 1 38  ? 6.078   -3.172  -7.622  1.00 42.69  ? 37  VAL A CG2 1 
ATOM   325 N N   . VAL A 1 39  ? 5.063   -3.827  -3.085  1.00 33.54  ? 38  VAL A N   1 
ATOM   326 C CA  . VAL A 1 39  ? 4.653   -4.568  -1.884  1.00 34.85  ? 38  VAL A CA  1 
ATOM   327 C C   . VAL A 1 39  ? 3.538   -5.553  -2.234  1.00 43.87  ? 38  VAL A C   1 
ATOM   328 O O   . VAL A 1 39  ? 3.655   -6.768  -2.013  1.00 42.11  ? 38  VAL A O   1 
ATOM   329 C CB  . VAL A 1 39  ? 4.168   -3.634  -0.761  1.00 37.77  ? 38  VAL A CB  1 
ATOM   330 C CG1 . VAL A 1 39  ? 3.695   -4.458  0.485   1.00 34.91  ? 38  VAL A CG1 1 
ATOM   331 C CG2 . VAL A 1 39  ? 5.249   -2.626  -0.388  1.00 36.85  ? 38  VAL A CG2 1 
ATOM   332 N N   . LEU A 1 40  ? 2.454   -5.018  -2.788  1.00 35.74  ? 39  LEU A N   1 
ATOM   333 C CA  . LEU A 1 40  ? 1.346   -5.846  -3.245  1.00 36.09  ? 39  LEU A CA  1 
ATOM   334 C C   . LEU A 1 40  ? 0.604   -5.173  -4.380  1.00 38.89  ? 39  LEU A C   1 
ATOM   335 O O   . LEU A 1 40  ? 0.750   -3.963  -4.601  1.00 40.02  ? 39  LEU A O   1 
ATOM   336 C CB  . LEU A 1 40  ? 0.378   -6.142  -2.095  1.00 36.12  ? 39  LEU A CB  1 
ATOM   337 C CG  . LEU A 1 40  ? -0.318  -4.978  -1.372  1.00 41.96  ? 39  LEU A CG  1 
ATOM   338 C CD1 . LEU A 1 40  ? -1.555  -4.446  -2.098  1.00 41.45  ? 39  LEU A CD1 1 
ATOM   339 C CD2 . LEU A 1 40  ? -0.710  -5.436  0.006   1.00 40.10  ? 39  LEU A CD2 1 
ATOM   340 N N   . SER A 1 41  ? -0.184  -5.967  -5.099  1.00 40.09  ? 40  SER A N   1 
ATOM   341 C CA  . SER A 1 41  ? -1.089  -5.444  -6.110  1.00 43.76  ? 40  SER A CA  1 
ATOM   342 C C   . SER A 1 41  ? -2.478  -6.048  -5.932  1.00 45.98  ? 40  SER A C   1 
ATOM   343 O O   . SER A 1 41  ? -2.637  -7.150  -5.379  1.00 41.80  ? 40  SER A O   1 
ATOM   344 C CB  . SER A 1 41  ? -0.570  -5.735  -7.519  1.00 45.86  ? 40  SER A CB  1 
ATOM   345 O OG  . SER A 1 41  ? -0.750  -7.100  -7.870  1.00 48.91  ? 40  SER A OG  1 
ATOM   346 N N   . VAL A 1 42  ? -3.487  -5.316  -6.391  1.00 46.06  ? 41  VAL A N   1 
ATOM   347 C CA  . VAL A 1 42  ? -4.846  -5.845  -6.447  1.00 43.99  ? 41  VAL A CA  1 
ATOM   348 C C   . VAL A 1 42  ? -5.411  -5.578  -7.823  1.00 42.06  ? 41  VAL A C   1 
ATOM   349 O O   . VAL A 1 42  ? -5.627  -4.428  -8.202  1.00 45.71  ? 41  VAL A O   1 
ATOM   350 C CB  . VAL A 1 42  ? -5.770  -5.235  -5.371  1.00 41.21  ? 41  VAL A CB  1 
ATOM   351 C CG1 . VAL A 1 42  ? -7.199  -5.716  -5.580  1.00 45.53  ? 41  VAL A CG1 1 
ATOM   352 C CG2 . VAL A 1 42  ? -5.287  -5.622  -3.991  1.00 40.88  ? 41  VAL A CG2 1 
ATOM   353 N N   . ILE A 1 43  ? -5.614  -6.650  -8.578  1.00 45.72  ? 42  ILE A N   1 
ATOM   354 C CA  . ILE A 1 43  ? -6.119  -6.565  -9.930  1.00 57.35  ? 42  ILE A CA  1 
ATOM   355 C C   . ILE A 1 43  ? -7.398  -7.375  -9.981  1.00 52.78  ? 42  ILE A C   1 
ATOM   356 O O   . ILE A 1 43  ? -7.422  -8.526  -9.547  1.00 61.24  ? 42  ILE A O   1 
ATOM   357 C CB  . ILE A 1 43  ? -5.118  -7.168  -10.935 1.00 56.07  ? 42  ILE A CB  1 
ATOM   358 C CG1 . ILE A 1 43  ? -3.707  -6.614  -10.694 1.00 56.64  ? 42  ILE A CG1 1 
ATOM   359 C CG2 . ILE A 1 43  ? -5.583  -6.929  -12.351 1.00 57.59  ? 42  ILE A CG2 1 
ATOM   360 C CD1 . ILE A 1 43  ? -3.523  -5.200  -11.129 1.00 63.77  ? 42  ILE A CD1 1 
ATOM   361 N N   . ALA A 1 44  ? -8.458  -6.769  -10.508 1.00 58.11  ? 43  ALA A N   1 
ATOM   362 C CA  . ALA A 1 44  ? -9.787  -7.390  -10.539 1.00 67.66  ? 43  ALA A CA  1 
ATOM   363 C C   . ALA A 1 44  ? -10.208 -7.911  -9.164  1.00 66.61  ? 43  ALA A C   1 
ATOM   364 O O   . ALA A 1 44  ? -10.914 -8.913  -9.059  1.00 65.32  ? 43  ALA A O   1 
ATOM   365 C CB  . ALA A 1 44  ? -9.852  -8.500  -11.582 1.00 69.53  ? 43  ALA A CB  1 
ATOM   366 N N   . GLY A 1 45  ? -9.759  -7.224  -8.116  1.00 61.94  ? 44  GLY A N   1 
ATOM   367 C CA  . GLY A 1 45  ? -10.125 -7.570  -6.754  1.00 65.93  ? 44  GLY A CA  1 
ATOM   368 C C   . GLY A 1 45  ? -9.275  -8.664  -6.136  1.00 64.51  ? 44  GLY A C   1 
ATOM   369 O O   . GLY A 1 45  ? -9.435  -8.992  -4.960  1.00 67.63  ? 44  GLY A O   1 
ATOM   370 N N   . LYS A 1 46  ? -8.369  -9.229  -6.928  1.00 52.79  ? 45  LYS A N   1 
ATOM   371 C CA  . LYS A 1 46  ? -7.533  -10.333 -6.476  1.00 49.61  ? 45  LYS A CA  1 
ATOM   372 C C   . LYS A 1 46  ? -6.195  -9.812  -5.991  1.00 50.93  ? 45  LYS A C   1 
ATOM   373 O O   . LYS A 1 46  ? -5.496  -9.086  -6.699  1.00 46.17  ? 45  LYS A O   1 
ATOM   374 C CB  . LYS A 1 46  ? -7.345  -11.362 -7.598  1.00 56.39  ? 45  LYS A CB  1 
ATOM   375 C CG  . LYS A 1 46  ? -6.417  -12.522 -7.255  1.00 66.03  ? 45  LYS A CG  1 
ATOM   376 C CD  . LYS A 1 46  ? -6.382  -13.541 -8.391  1.00 81.19  ? 45  LYS A CD  1 
ATOM   377 C CE  . LYS A 1 46  ? -5.566  -14.776 -8.025  1.00 89.36  ? 45  LYS A CE  1 
ATOM   378 N NZ  . LYS A 1 46  ? -5.570  -15.799 -9.117  1.00 99.60  ? 45  LYS A NZ  1 
ATOM   379 N N   . LEU A 1 47  ? -5.846  -10.178 -4.766  1.00 47.98  ? 46  LEU A N   1 
ATOM   380 C CA  . LEU A 1 47  ? -4.635  -9.688  -4.125  1.00 41.05  ? 46  LEU A CA  1 
ATOM   381 C C   . LEU A 1 47  ? -3.410  -10.528 -4.498  1.00 47.76  ? 46  LEU A C   1 
ATOM   382 O O   . LEU A 1 47  ? -3.486  -11.762 -4.562  1.00 47.40  ? 46  LEU A O   1 
ATOM   383 C CB  . LEU A 1 47  ? -4.846  -9.713  -2.603  1.00 41.91  ? 46  LEU A CB  1 
ATOM   384 C CG  . LEU A 1 47  ? -3.677  -9.356  -1.683  1.00 47.53  ? 46  LEU A CG  1 
ATOM   385 C CD1 . LEU A 1 47  ? -3.187  -7.925  -1.911  1.00 43.25  ? 46  LEU A CD1 1 
ATOM   386 C CD2 . LEU A 1 47  ? -4.080  -9.582  -0.230  1.00 50.31  ? 46  LEU A CD2 1 
ATOM   387 N N   . LYS A 1 48  ? -2.287  -9.860  -4.748  1.00 46.73  ? 47  LYS A N   1 
ATOM   388 C CA  . LYS A 1 48  ? -1.006  -10.537 -4.942  1.00 43.16  ? 47  LYS A CA  1 
ATOM   389 C C   . LYS A 1 48  ? 0.051   -9.850  -4.108  1.00 45.75  ? 47  LYS A C   1 
ATOM   390 O O   . LYS A 1 48  ? 0.314   -8.665  -4.299  1.00 40.74  ? 47  LYS A O   1 
ATOM   391 C CB  . LYS A 1 48  ? -0.581  -10.495 -6.415  1.00 51.07  ? 47  LYS A CB  1 
ATOM   392 C CG  . LYS A 1 48  ? 0.851   -10.973 -6.667  1.00 50.29  ? 47  LYS A CG  1 
ATOM   393 C CD  . LYS A 1 48  ? 1.192   -10.889 -8.157  1.00 59.95  ? 47  LYS A CD  1 
ATOM   394 C CE  . LYS A 1 48  ? 2.475   -11.635 -8.507  1.00 74.99  ? 47  LYS A CE  1 
ATOM   395 N NZ  . LYS A 1 48  ? 3.670   -11.079 -7.811  1.00 78.37  ? 47  LYS A NZ  1 
ATOM   396 N N   . VAL A 1 49  ? 0.659   -10.580 -3.176  1.00 42.30  ? 48  VAL A N   1 
ATOM   397 C CA  . VAL A 1 49  ? 1.695   -9.990  -2.324  1.00 42.80  ? 48  VAL A CA  1 
ATOM   398 C C   . VAL A 1 49  ? 3.075   -10.447 -2.796  1.00 43.25  ? 48  VAL A C   1 
ATOM   399 O O   . VAL A 1 49  ? 3.268   -11.623 -3.091  1.00 42.52  ? 48  VAL A O   1 
ATOM   400 C CB  . VAL A 1 49  ? 1.472   -10.368 -0.847  1.00 42.31  ? 48  VAL A CB  1 
ATOM   401 C CG1 . VAL A 1 49  ? 2.503   -9.706  0.041   1.00 37.11  ? 48  VAL A CG1 1 
ATOM   402 C CG2 . VAL A 1 49  ? 0.060   -9.981  -0.420  1.00 50.96  ? 48  VAL A CG2 1 
ATOM   403 N N   . TRP A 1 50  ? 4.026   -9.522  -2.905  1.00 43.83  ? 49  TRP A N   1 
ATOM   404 C CA  . TRP A 1 50  ? 5.367   -9.874  -3.370  1.00 45.73  ? 49  TRP A CA  1 
ATOM   405 C C   . TRP A 1 50  ? 6.096   -10.715 -2.320  1.00 46.57  ? 49  TRP A C   1 
ATOM   406 O O   . TRP A 1 50  ? 5.864   -10.553 -1.125  1.00 43.99  ? 49  TRP A O   1 
ATOM   407 C CB  . TRP A 1 50  ? 6.166   -8.613  -3.734  1.00 45.18  ? 49  TRP A CB  1 
ATOM   408 C CG  . TRP A 1 50  ? 6.093   -8.248  -5.212  1.00 47.61  ? 49  TRP A CG  1 
ATOM   409 C CD1 . TRP A 1 50  ? 7.144   -8.133  -6.083  1.00 59.52  ? 49  TRP A CD1 1 
ATOM   410 C CD2 . TRP A 1 50  ? 4.907   -7.967  -5.982  1.00 49.21  ? 49  TRP A CD2 1 
ATOM   411 N NE1 . TRP A 1 50  ? 6.687   -7.790  -7.340  1.00 56.87  ? 49  TRP A NE1 1 
ATOM   412 C CE2 . TRP A 1 50  ? 5.321   -7.681  -7.302  1.00 54.75  ? 49  TRP A CE2 1 
ATOM   413 C CE3 . TRP A 1 50  ? 3.540   -7.915  -5.678  1.00 44.96  ? 49  TRP A CE3 1 
ATOM   414 C CZ2 . TRP A 1 50  ? 4.416   -7.362  -8.315  1.00 47.57  ? 49  TRP A CZ2 1 
ATOM   415 C CZ3 . TRP A 1 50  ? 2.643   -7.599  -6.691  1.00 41.23  ? 49  TRP A CZ3 1 
ATOM   416 C CH2 . TRP A 1 50  ? 3.090   -7.320  -7.993  1.00 47.54  ? 49  TRP A CH2 1 
ATOM   417 N N   . PRO A 1 51  ? 6.972   -11.626 -2.766  1.00 47.17  ? 50  PRO A N   1 
ATOM   418 C CA  . PRO A 1 51  ? 7.643   -12.589 -1.876  1.00 56.74  ? 50  PRO A CA  1 
ATOM   419 C C   . PRO A 1 51  ? 8.208   -12.008 -0.569  1.00 51.87  ? 50  PRO A C   1 
ATOM   420 O O   . PRO A 1 51  ? 8.026   -12.586 0.498   1.00 57.31  ? 50  PRO A O   1 
ATOM   421 C CB  . PRO A 1 51  ? 8.756   -13.139 -2.761  1.00 55.77  ? 50  PRO A CB  1 
ATOM   422 C CG  . PRO A 1 51  ? 8.124   -13.142 -4.134  1.00 57.58  ? 50  PRO A CG  1 
ATOM   423 C CD  . PRO A 1 51  ? 7.289   -11.878 -4.185  1.00 47.47  ? 50  PRO A CD  1 
ATOM   424 N N   . GLU A 1 52  ? 8.860   -10.859 -0.666  1.00 45.93  ? 51  GLU A N   1 
ATOM   425 C CA  . GLU A 1 52  ? 9.452   -10.186 0.479   1.00 49.84  ? 51  GLU A CA  1 
ATOM   426 C C   . GLU A 1 52  ? 8.414   -9.844  1.547   1.00 56.38  ? 51  GLU A C   1 
ATOM   427 O O   . GLU A 1 52  ? 8.751   -9.682  2.720   1.00 50.02  ? 51  GLU A O   1 
ATOM   428 C CB  . GLU A 1 52  ? 10.139  -8.911  -0.019  1.00 63.45  ? 51  GLU A CB  1 
ATOM   429 C CG  . GLU A 1 52  ? 10.711  -7.997  1.035   1.00 80.46  ? 51  GLU A CG  1 
ATOM   430 C CD  . GLU A 1 52  ? 11.065  -6.633  0.467   1.00 90.25  ? 51  GLU A CD  1 
ATOM   431 O OE1 . GLU A 1 52  ? 11.067  -6.489  -0.779  1.00 71.61  ? 51  GLU A OE1 1 
ATOM   432 O OE2 . GLU A 1 52  ? 11.332  -5.707  1.267   1.00 103.81 ? 51  GLU A OE2 1 
ATOM   433 N N   . TYR A 1 53  ? 7.151   -9.741  1.135   1.00 43.78  ? 52  TYR A N   1 
ATOM   434 C CA  . TYR A 1 53  ? 6.103   -9.258  2.020   1.00 41.38  ? 52  TYR A CA  1 
ATOM   435 C C   . TYR A 1 53  ? 5.054   -10.318 2.331   1.00 47.06  ? 52  TYR A C   1 
ATOM   436 O O   . TYR A 1 53  ? 4.139   -10.080 3.128   1.00 44.60  ? 52  TYR A O   1 
ATOM   437 C CB  . TYR A 1 53  ? 5.445   -7.999  1.441   1.00 40.43  ? 52  TYR A CB  1 
ATOM   438 C CG  . TYR A 1 53  ? 6.363   -6.797  1.461   1.00 43.06  ? 52  TYR A CG  1 
ATOM   439 C CD1 . TYR A 1 53  ? 7.034   -6.385  0.311   1.00 41.05  ? 52  TYR A CD1 1 
ATOM   440 C CD2 . TYR A 1 53  ? 6.584   -6.093  2.636   1.00 41.13  ? 52  TYR A CD2 1 
ATOM   441 C CE1 . TYR A 1 53  ? 7.893   -5.289  0.335   1.00 44.34  ? 52  TYR A CE1 1 
ATOM   442 C CE2 . TYR A 1 53  ? 7.448   -4.997  2.668   1.00 44.91  ? 52  TYR A CE2 1 
ATOM   443 C CZ  . TYR A 1 53  ? 8.094   -4.602  1.519   1.00 41.01  ? 52  TYR A CZ  1 
ATOM   444 O OH  . TYR A 1 53  ? 8.945   -3.503  1.567   1.00 43.16  ? 52  TYR A OH  1 
ATOM   445 N N   . LYS A 1 54  ? 5.176   -11.481 1.699   1.00 43.75  ? 53  LYS A N   1 
ATOM   446 C CA  . LYS A 1 54  ? 4.247   -12.561 1.998   1.00 42.70  ? 53  LYS A CA  1 
ATOM   447 C C   . LYS A 1 54  ? 4.460   -12.927 3.450   1.00 52.91  ? 53  LYS A C   1 
ATOM   448 O O   . LYS A 1 54  ? 5.608   -13.007 3.907   1.00 56.40  ? 53  LYS A O   1 
ATOM   449 C CB  . LYS A 1 54  ? 4.507   -13.778 1.117   1.00 47.57  ? 53  LYS A CB  1 
ATOM   450 C CG  . LYS A 1 54  ? 4.151   -13.583 -0.343  1.00 61.15  ? 53  LYS A CG  1 
ATOM   451 C CD  . LYS A 1 54  ? 4.326   -14.884 -1.112  1.00 73.33  ? 53  LYS A CD  1 
ATOM   452 C CE  . LYS A 1 54  ? 4.207   -14.678 -2.621  1.00 80.05  ? 53  LYS A CE  1 
ATOM   453 N NZ  . LYS A 1 54  ? 2.845   -14.223 -3.031  1.00 81.58  ? 53  LYS A NZ  1 
ATOM   454 N N   . ASN A 1 55  ? 3.355   -13.102 4.171   1.00 47.98  ? 54  ASN A N   1 
ATOM   455 C CA  . ASN A 1 55  ? 3.368   -13.498 5.584   1.00 45.52  ? 54  ASN A CA  1 
ATOM   456 C C   . ASN A 1 55  ? 3.704   -12.371 6.557   1.00 46.67  ? 54  ASN A C   1 
ATOM   457 O O   . ASN A 1 55  ? 3.731   -12.583 7.773   1.00 48.72  ? 54  ASN A O   1 
ATOM   458 C CB  . ASN A 1 55  ? 4.273   -14.716 5.827   1.00 48.37  ? 54  ASN A CB  1 
ATOM   459 C CG  . ASN A 1 55  ? 3.885   -15.906 4.969   1.00 61.28  ? 54  ASN A CG  1 
ATOM   460 O OD1 . ASN A 1 55  ? 2.706   -16.102 4.663   1.00 68.31  ? 54  ASN A OD1 1 
ATOM   461 N ND2 . ASN A 1 55  ? 4.874   -16.707 4.575   1.00 69.22  ? 54  ASN A ND2 1 
ATOM   462 N N   . ARG A 1 56  ? 3.959   -11.173 6.041   1.00 38.54  ? 55  ARG A N   1 
ATOM   463 C CA  . ARG A 1 56  ? 4.185   -10.055 6.950   1.00 39.50  ? 55  ARG A CA  1 
ATOM   464 C C   . ARG A 1 56  ? 3.355   -8.824  6.621   1.00 37.07  ? 55  ARG A C   1 
ATOM   465 O O   . ARG A 1 56  ? 3.570   -7.750  7.184   1.00 38.12  ? 55  ARG A O   1 
ATOM   466 C CB  . ARG A 1 56  ? 5.680   -9.724  7.109   1.00 53.33  ? 55  ARG A CB  1 
ATOM   467 C CG  . ARG A 1 56  ? 6.430   -9.331  5.841   1.00 43.29  ? 55  ARG A CG  1 
ATOM   468 C CD  . ARG A 1 56  ? 7.897   -9.074  6.190   1.00 44.64  ? 55  ARG A CD  1 
ATOM   469 N NE  . ARG A 1 56  ? 7.971   -8.178  7.340   1.00 39.60  ? 55  ARG A NE  1 
ATOM   470 C CZ  . ARG A 1 56  ? 8.327   -6.895  7.290   1.00 43.96  ? 55  ARG A CZ  1 
ATOM   471 N NH1 . ARG A 1 56  ? 8.714   -6.343  6.145   1.00 42.08  ? 55  ARG A NH1 1 
ATOM   472 N NH2 . ARG A 1 56  ? 8.325   -6.167  8.403   1.00 46.81  ? 55  ARG A NH2 1 
ATOM   473 N N   . THR A 1 57  ? 2.387   -8.981  5.726   1.00 43.12  ? 56  THR A N   1 
ATOM   474 C CA  . THR A 1 57  ? 1.504   -7.868  5.378   1.00 36.91  ? 56  THR A CA  1 
ATOM   475 C C   . THR A 1 57  ? 0.054   -8.324  5.248   1.00 46.20  ? 56  THR A C   1 
ATOM   476 O O   . THR A 1 57  ? -0.221  -9.515  5.028   1.00 45.35  ? 56  THR A O   1 
ATOM   477 C CB  . THR A 1 57  ? 1.903   -7.205  4.047   1.00 40.58  ? 56  THR A CB  1 
ATOM   478 O OG1 . THR A 1 57  ? 1.892   -8.188  3.009   1.00 43.51  ? 56  THR A OG1 1 
ATOM   479 C CG2 . THR A 1 57  ? 3.300   -6.566  4.126   1.00 39.15  ? 56  THR A CG2 1 
ATOM   480 N N   . LEU A 1 58  ? -0.867  -7.374  5.400   1.00 40.40  ? 57  LEU A N   1 
ATOM   481 C CA  . LEU A 1 58  ? -2.283  -7.622  5.158   1.00 41.13  ? 57  LEU A CA  1 
ATOM   482 C C   . LEU A 1 58  ? -2.811  -6.500  4.290   1.00 38.68  ? 57  LEU A C   1 
ATOM   483 O O   . LEU A 1 58  ? -2.201  -5.434  4.204   1.00 43.93  ? 57  LEU A O   1 
ATOM   484 C CB  . LEU A 1 58  ? -3.094  -7.717  6.460   1.00 40.08  ? 57  LEU A CB  1 
ATOM   485 C CG  . LEU A 1 58  ? -2.763  -8.877  7.395   1.00 44.48  ? 57  LEU A CG  1 
ATOM   486 C CD1 . LEU A 1 58  ? -3.691  -8.856  8.588   1.00 45.81  ? 57  LEU A CD1 1 
ATOM   487 C CD2 . LEU A 1 58  ? -2.862  -10.206 6.660   1.00 48.67  ? 57  LEU A CD2 1 
ATOM   488 N N   . TYR A 1 59  ? -3.939  -6.749  3.634   1.00 38.61  ? 58  TYR A N   1 
ATOM   489 C CA  . TYR A 1 59  ? -4.574  -5.743  2.796   1.00 44.18  ? 58  TYR A CA  1 
ATOM   490 C C   . TYR A 1 59  ? -5.930  -5.446  3.389   1.00 43.68  ? 58  TYR A C   1 
ATOM   491 O O   . TYR A 1 59  ? -6.672  -6.367  3.710   1.00 43.64  ? 58  TYR A O   1 
ATOM   492 C CB  . TYR A 1 59  ? -4.769  -6.283  1.387   1.00 46.80  ? 58  TYR A CB  1 
ATOM   493 C CG  . TYR A 1 59  ? -5.475  -5.335  0.444   1.00 41.40  ? 58  TYR A CG  1 
ATOM   494 C CD1 . TYR A 1 59  ? -4.839  -4.192  -0.015  1.00 40.84  ? 58  TYR A CD1 1 
ATOM   495 C CD2 . TYR A 1 59  ? -6.775  -5.592  -0.001  1.00 43.77  ? 58  TYR A CD2 1 
ATOM   496 C CE1 . TYR A 1 59  ? -5.461  -3.327  -0.898  1.00 41.35  ? 58  TYR A CE1 1 
ATOM   497 C CE2 . TYR A 1 59  ? -7.412  -4.717  -0.888  1.00 41.57  ? 58  TYR A CE2 1 
ATOM   498 C CZ  . TYR A 1 59  ? -6.746  -3.588  -1.325  1.00 46.40  ? 58  TYR A CZ  1 
ATOM   499 O OH  . TYR A 1 59  ? -7.333  -2.708  -2.210  1.00 47.38  ? 58  TYR A OH  1 
ATOM   500 N N   . ASP A 1 60  ? -6.264  -4.167  3.538   1.00 39.53  ? 59  ASP A N   1 
ATOM   501 C CA  . ASP A 1 60  ? -7.603  -3.806  3.998   1.00 46.55  ? 59  ASP A CA  1 
ATOM   502 C C   . ASP A 1 60  ? -8.476  -3.456  2.790   1.00 40.84  ? 59  ASP A C   1 
ATOM   503 O O   . ASP A 1 60  ? -8.290  -2.417  2.150   1.00 46.92  ? 59  ASP A O   1 
ATOM   504 C CB  . ASP A 1 60  ? -7.560  -2.660  5.019   1.00 40.93  ? 59  ASP A CB  1 
ATOM   505 C CG  . ASP A 1 60  ? -8.936  -2.076  5.301   1.00 56.44  ? 59  ASP A CG  1 
ATOM   506 O OD1 . ASP A 1 60  ? -9.934  -2.817  5.211   1.00 60.25  ? 59  ASP A OD1 1 
ATOM   507 O OD2 . ASP A 1 60  ? -9.026  -0.870  5.608   1.00 61.17  ? 59  ASP A OD2 1 
ATOM   508 N N   . ASN A 1 61  ? -9.433  -4.337  2.496   1.00 47.03  ? 60  ASN A N   1 
ATOM   509 C CA  . ASN A 1 61  ? -10.246 -4.236  1.282   1.00 40.80  ? 60  ASN A CA  1 
ATOM   510 C C   . ASN A 1 61  ? -11.158 -3.035  1.297   1.00 54.11  ? 60  ASN A C   1 
ATOM   511 O O   . ASN A 1 61  ? -11.553 -2.518  0.251   1.00 59.87  ? 60  ASN A O   1 
ATOM   512 C CB  . ASN A 1 61  ? -11.112 -5.488  1.120   1.00 52.36  ? 60  ASN A CB  1 
ATOM   513 C CG  . ASN A 1 61  ? -10.291 -6.750  0.979   1.00 57.36  ? 60  ASN A CG  1 
ATOM   514 O OD1 . ASN A 1 61  ? -9.723  -7.004  -0.077  1.00 48.13  ? 60  ASN A OD1 1 
ATOM   515 N ND2 . ASN A 1 61  ? -10.234 -7.557  2.043   1.00 50.50  ? 60  ASN A ND2 1 
ATOM   516 N N   . THR A 1 62  ? -11.510 -2.617  2.503   1.00 45.27  ? 61  THR A N   1 
ATOM   517 C CA  . THR A 1 62  ? -12.488 -1.557  2.709   1.00 48.15  ? 61  THR A CA  1 
ATOM   518 C C   . THR A 1 62  ? -11.927 -0.200  2.264   1.00 60.36  ? 61  THR A C   1 
ATOM   519 O O   . THR A 1 62  ? -12.646 0.634   1.691   1.00 61.18  ? 61  THR A O   1 
ATOM   520 C CB  . THR A 1 62  ? -12.879 -1.493  4.184   1.00 49.31  ? 61  THR A CB  1 
ATOM   521 O OG1 . THR A 1 62  ? -13.638 -2.669  4.516   1.00 59.93  ? 61  THR A OG1 1 
ATOM   522 C CG2 . THR A 1 62  ? -13.723 -0.262  4.459   1.00 93.28  ? 61  THR A CG2 1 
ATOM   523 N N   . THR A 1 63  ? -10.639 0.002   2.526   1.00 51.27  ? 62  THR A N   1 
ATOM   524 C CA  . THR A 1 63  ? -9.980  1.290   2.273   1.00 48.21  ? 62  THR A CA  1 
ATOM   525 C C   . THR A 1 63  ? -8.779  1.226   1.325   1.00 54.94  ? 62  THR A C   1 
ATOM   526 O O   . THR A 1 63  ? -8.142  2.254   1.068   1.00 55.13  ? 62  THR A O   1 
ATOM   527 C CB  . THR A 1 63  ? -9.497  1.915   3.591   1.00 49.67  ? 62  THR A CB  1 
ATOM   528 O OG1 . THR A 1 63  ? -8.414  1.131   4.106   1.00 53.68  ? 62  THR A OG1 1 
ATOM   529 C CG2 . THR A 1 63  ? -10.621 1.962   4.606   1.00 57.98  ? 62  THR A CG2 1 
ATOM   530 N N   . TYR A 1 64  ? -8.476  0.033   0.804   1.00 45.27  ? 63  TYR A N   1 
ATOM   531 C CA  . TYR A 1 64  ? -7.322  -0.187  -0.093  1.00 42.34  ? 63  TYR A CA  1 
ATOM   532 C C   . TYR A 1 64  ? -5.992  0.050   0.625   1.00 46.19  ? 63  TYR A C   1 
ATOM   533 O O   . TYR A 1 64  ? -4.980  0.313   -0.007  1.00 43.94  ? 63  TYR A O   1 
ATOM   534 C CB  . TYR A 1 64  ? -7.407  0.674   -1.372  1.00 45.74  ? 63  TYR A CB  1 
ATOM   535 C CG  . TYR A 1 64  ? -8.746  0.575   -2.089  1.00 58.72  ? 63  TYR A CG  1 
ATOM   536 C CD1 . TYR A 1 64  ? -8.953  -0.355  -3.103  1.00 62.19  ? 63  TYR A CD1 1 
ATOM   537 C CD2 . TYR A 1 64  ? -9.805  1.409   -1.745  1.00 61.29  ? 63  TYR A CD2 1 
ATOM   538 C CE1 . TYR A 1 64  ? -10.177 -0.451  -3.758  1.00 67.47  ? 63  TYR A CE1 1 
ATOM   539 C CE2 . TYR A 1 64  ? -11.029 1.323   -2.393  1.00 69.66  ? 63  TYR A CE2 1 
ATOM   540 C CZ  . TYR A 1 64  ? -11.211 0.395   -3.399  1.00 71.03  ? 63  TYR A CZ  1 
ATOM   541 O OH  . TYR A 1 64  ? -12.436 0.319   -4.035  1.00 83.32  ? 63  TYR A OH  1 
ATOM   542 N N   . SER A 1 65  ? -5.993  -0.066  1.951   1.00 48.81  ? 64  SER A N   1 
ATOM   543 C CA  . SER A 1 65  ? -4.793  0.253   2.722   1.00 46.58  ? 64  SER A CA  1 
ATOM   544 C C   . SER A 1 65  ? -3.880  -0.942  3.002   1.00 41.43  ? 64  SER A C   1 
ATOM   545 O O   . SER A 1 65  ? -4.316  -2.093  3.021   1.00 49.13  ? 64  SER A O   1 
ATOM   546 C CB  . SER A 1 65  ? -5.165  0.942   4.031   1.00 44.13  ? 64  SER A CB  1 
ATOM   547 O OG  . SER A 1 65  ? -5.961  2.093   3.797   1.00 50.98  ? 64  SER A OG  1 
ATOM   548 N N   . LEU A 1 66  ? -2.609  -0.647  3.225   1.00 41.47  ? 65  LEU A N   1 
ATOM   549 C CA  . LEU A 1 66  ? -1.608  -1.673  3.475   1.00 36.72  ? 65  LEU A CA  1 
ATOM   550 C C   . LEU A 1 66  ? -1.426  -1.832  4.980   1.00 43.25  ? 65  LEU A C   1 
ATOM   551 O O   . LEU A 1 66  ? -1.306  -0.839  5.694   1.00 47.30  ? 65  LEU A O   1 
ATOM   552 C CB  . LEU A 1 66  ? -0.278  -1.241  2.860   1.00 34.48  ? 65  LEU A CB  1 
ATOM   553 C CG  . LEU A 1 66  ? 0.956   -2.056  3.255   1.00 37.32  ? 65  LEU A CG  1 
ATOM   554 C CD1 . LEU A 1 66  ? 0.829   -3.499  2.784   1.00 40.13  ? 65  LEU A CD1 1 
ATOM   555 C CD2 . LEU A 1 66  ? 2.211   -1.407  2.666   1.00 33.80  ? 65  LEU A CD2 1 
ATOM   556 N N   . ILE A 1 67  ? -1.387  -3.073  5.460   1.00 40.20  ? 66  ILE A N   1 
ATOM   557 C CA  . ILE A 1 67  ? -1.055  -3.325  6.857   1.00 39.98  ? 66  ILE A CA  1 
ATOM   558 C C   . ILE A 1 67  ? 0.259   -4.090  6.905   1.00 45.88  ? 66  ILE A C   1 
ATOM   559 O O   . ILE A 1 67  ? 0.385   -5.130  6.264   1.00 44.91  ? 66  ILE A O   1 
ATOM   560 C CB  . ILE A 1 67  ? -2.120  -4.181  7.536   1.00 39.57  ? 66  ILE A CB  1 
ATOM   561 C CG1 . ILE A 1 67  ? -3.447  -3.424  7.607   1.00 37.67  ? 66  ILE A CG1 1 
ATOM   562 C CG2 . ILE A 1 67  ? -1.686  -4.572  8.944   1.00 40.69  ? 66  ILE A CG2 1 
ATOM   563 C CD1 . ILE A 1 67  ? -4.612  -4.288  8.010   1.00 51.20  ? 66  ILE A CD1 1 
ATOM   564 N N   . ILE A 1 68  ? 1.230   -3.588  7.665   1.00 39.25  ? 67  ILE A N   1 
ATOM   565 C CA  . ILE A 1 68  ? 2.511   -4.281  7.818   1.00 37.08  ? 67  ILE A CA  1 
ATOM   566 C C   . ILE A 1 68  ? 2.623   -4.815  9.234   1.00 44.15  ? 67  ILE A C   1 
ATOM   567 O O   . ILE A 1 68  ? 2.356   -4.090  10.200  1.00 42.67  ? 67  ILE A O   1 
ATOM   568 C CB  . ILE A 1 68  ? 3.727   -3.363  7.526   1.00 43.85  ? 67  ILE A CB  1 
ATOM   569 C CG1 . ILE A 1 68  ? 3.656   -2.786  6.107   1.00 43.88  ? 67  ILE A CG1 1 
ATOM   570 C CG2 . ILE A 1 68  ? 5.030   -4.141  7.712   1.00 42.96  ? 67  ILE A CG2 1 
ATOM   571 C CD1 . ILE A 1 68  ? 4.736   -1.761  5.819   1.00 48.05  ? 67  ILE A CD1 1 
ATOM   572 N N   . LEU A 1 69  ? 3.008   -6.085  9.352   1.00 40.91  ? 68  LEU A N   1 
ATOM   573 C CA  . LEU A 1 69  ? 3.116   -6.760  10.645  1.00 44.46  ? 68  LEU A CA  1 
ATOM   574 C C   . LEU A 1 69  ? 4.567   -6.877  11.080  1.00 48.23  ? 68  LEU A C   1 
ATOM   575 O O   . LEU A 1 69  ? 5.448   -7.154  10.266  1.00 62.84  ? 68  LEU A O   1 
ATOM   576 C CB  . LEU A 1 69  ? 2.519   -8.167  10.562  1.00 48.21  ? 68  LEU A CB  1 
ATOM   577 C CG  . LEU A 1 69  ? 1.132   -8.252  9.936   1.00 45.61  ? 68  LEU A CG  1 
ATOM   578 C CD1 . LEU A 1 69  ? 0.651   -9.692  9.850   1.00 48.14  ? 68  LEU A CD1 1 
ATOM   579 C CD2 . LEU A 1 69  ? 0.189   -7.400  10.750  1.00 47.55  ? 68  LEU A CD2 1 
ATOM   580 N N   . GLY A 1 70  ? 4.805   -6.664  12.366  1.00 41.99  ? 69  GLY A N   1 
ATOM   581 C CA  . GLY A 1 70  ? 6.125   -6.816  12.942  1.00 49.98  ? 69  GLY A CA  1 
ATOM   582 C C   . GLY A 1 70  ? 7.158   -5.947  12.257  1.00 49.61  ? 69  GLY A C   1 
ATOM   583 O O   . GLY A 1 70  ? 8.038   -6.459  11.568  1.00 49.80  ? 69  GLY A O   1 
ATOM   584 N N   . LEU A 1 71  ? 7.052   -4.634  12.438  1.00 49.61  ? 70  LEU A N   1 
ATOM   585 C CA  . LEU A 1 71  ? 7.955   -3.701  11.762  1.00 42.85  ? 70  LEU A CA  1 
ATOM   586 C C   . LEU A 1 71  ? 9.410   -3.934  12.141  1.00 54.79  ? 70  LEU A C   1 
ATOM   587 O O   . LEU A 1 71  ? 9.725   -4.255  13.293  1.00 49.40  ? 70  LEU A O   1 
ATOM   588 C CB  . LEU A 1 71  ? 7.573   -2.254  12.079  1.00 45.10  ? 70  LEU A CB  1 
ATOM   589 C CG  . LEU A 1 71  ? 6.310   -1.723  11.406  1.00 48.61  ? 70  LEU A CG  1 
ATOM   590 C CD1 . LEU A 1 71  ? 5.949   -0.357  11.969  1.00 57.08  ? 70  LEU A CD1 1 
ATOM   591 C CD2 . LEU A 1 71  ? 6.488   -1.654  9.902   1.00 47.10  ? 70  LEU A CD2 1 
ATOM   592 N N   . VAL A 1 72  ? 10.290  -3.779  11.156  1.00 49.25  ? 71  VAL A N   1 
ATOM   593 C CA  . VAL A 1 72  ? 11.725  -3.756  11.389  1.00 51.98  ? 71  VAL A CA  1 
ATOM   594 C C   . VAL A 1 72  ? 12.271  -2.435  10.852  1.00 53.83  ? 71  VAL A C   1 
ATOM   595 O O   . VAL A 1 72  ? 11.584  -1.728  10.104  1.00 47.54  ? 71  VAL A O   1 
ATOM   596 C CB  . VAL A 1 72  ? 12.435  -4.929  10.693  1.00 48.72  ? 71  VAL A CB  1 
ATOM   597 C CG1 . VAL A 1 72  ? 11.991  -6.250  11.292  1.00 45.21  ? 71  VAL A CG1 1 
ATOM   598 C CG2 . VAL A 1 72  ? 12.158  -4.900  9.203   1.00 48.17  ? 71  VAL A CG2 1 
ATOM   599 N N   . LEU A 1 73  ? 13.501  -2.097  11.227  1.00 46.59  ? 72  LEU A N   1 
ATOM   600 C CA  . LEU A 1 73  ? 14.075  -0.806  10.860  1.00 47.40  ? 72  LEU A CA  1 
ATOM   601 C C   . LEU A 1 73  ? 14.074  -0.532  9.359   1.00 47.47  ? 72  LEU A C   1 
ATOM   602 O O   . LEU A 1 73  ? 13.883  0.604   8.937   1.00 55.05  ? 72  LEU A O   1 
ATOM   603 C CB  . LEU A 1 73  ? 15.488  -0.663  11.412  1.00 55.27  ? 72  LEU A CB  1 
ATOM   604 C CG  . LEU A 1 73  ? 15.601  0.009   12.777  1.00 63.21  ? 72  LEU A CG  1 
ATOM   605 C CD1 . LEU A 1 73  ? 16.990  0.587   12.935  1.00 55.69  ? 72  LEU A CD1 1 
ATOM   606 C CD2 . LEU A 1 73  ? 14.556  1.097   12.938  1.00 59.77  ? 72  LEU A CD2 1 
ATOM   607 N N   . SER A 1 74  ? 14.275  -1.569  8.552   1.00 47.68  ? 73  SER A N   1 
ATOM   608 C CA  . SER A 1 74  ? 14.343  -1.383  7.104   1.00 46.76  ? 73  SER A CA  1 
ATOM   609 C C   . SER A 1 74  ? 12.986  -1.101  6.466   1.00 50.95  ? 73  SER A C   1 
ATOM   610 O O   . SER A 1 74  ? 12.903  -0.846  5.262   1.00 50.77  ? 73  SER A O   1 
ATOM   611 C CB  . SER A 1 74  ? 14.995  -2.583  6.428   1.00 51.35  ? 73  SER A CB  1 
ATOM   612 O OG  . SER A 1 74  ? 14.270  -3.766  6.690   1.00 51.60  ? 73  SER A OG  1 
ATOM   613 N N   . ASP A 1 75  ? 11.925  -1.138  7.268   1.00 46.31  ? 74  ASP A N   1 
ATOM   614 C CA  . ASP A 1 75  ? 10.603  -0.782  6.769   1.00 39.91  ? 74  ASP A CA  1 
ATOM   615 C C   . ASP A 1 75  ? 10.405  0.736   6.720   1.00 42.13  ? 74  ASP A C   1 
ATOM   616 O O   . ASP A 1 75  ? 9.421   1.217   6.159   1.00 43.00  ? 74  ASP A O   1 
ATOM   617 C CB  . ASP A 1 75  ? 9.516   -1.419  7.628   1.00 41.95  ? 74  ASP A CB  1 
ATOM   618 C CG  . ASP A 1 75  ? 9.469   -2.931  7.495   1.00 50.99  ? 74  ASP A CG  1 
ATOM   619 O OD1 . ASP A 1 75  ? 9.702   -3.448  6.382   1.00 40.80  ? 74  ASP A OD1 1 
ATOM   620 O OD2 . ASP A 1 75  ? 9.180   -3.605  8.508   1.00 50.03  ? 74  ASP A OD2 1 
ATOM   621 N N   . ARG A 1 76  ? 11.336  1.486   7.308   1.00 44.29  ? 75  ARG A N   1 
ATOM   622 C CA  . ARG A 1 76  ? 11.299  2.948   7.274   1.00 47.90  ? 75  ARG A CA  1 
ATOM   623 C C   . ARG A 1 76  ? 11.317  3.474   5.843   1.00 54.03  ? 75  ARG A C   1 
ATOM   624 O O   . ARG A 1 76  ? 12.002  2.915   4.993   1.00 45.63  ? 75  ARG A O   1 
ATOM   625 C CB  . ARG A 1 76  ? 12.518  3.532   7.998   1.00 52.56  ? 75  ARG A CB  1 
ATOM   626 C CG  . ARG A 1 76  ? 12.450  3.435   9.496   1.00 68.47  ? 75  ARG A CG  1 
ATOM   627 C CD  . ARG A 1 76  ? 13.641  4.093   10.150  1.00 76.54  ? 75  ARG A CD  1 
ATOM   628 N NE  . ARG A 1 76  ? 14.893  3.655   9.547   1.00 87.91  ? 75  ARG A NE  1 
ATOM   629 C CZ  . ARG A 1 76  ? 16.071  3.709   10.160  1.00 92.47  ? 75  ARG A CZ  1 
ATOM   630 N NH1 . ARG A 1 76  ? 16.156  4.177   11.401  1.00 86.23  ? 75  ARG A NH1 1 
ATOM   631 N NH2 . ARG A 1 76  ? 17.164  3.289   9.535   1.00 93.28  ? 75  ARG A NH2 1 
ATOM   632 N N   . GLY A 1 77  ? 10.590  4.562   5.582   1.00 48.50  ? 76  GLY A N   1 
ATOM   633 C CA  . GLY A 1 77  ? 10.659  5.212   4.285   1.00 45.25  ? 76  GLY A CA  1 
ATOM   634 C C   . GLY A 1 77  ? 9.322   5.661   3.734   1.00 51.34  ? 76  GLY A C   1 
ATOM   635 O O   . GLY A 1 77  ? 8.307   5.599   4.421   1.00 46.80  ? 76  GLY A O   1 
ATOM   636 N N   . THR A 1 78  ? 9.321   6.134   2.488   1.00 41.06  ? 77  THR A N   1 
ATOM   637 C CA  . THR A 1 78  ? 8.084   6.590   1.860   1.00 38.99  ? 77  THR A CA  1 
ATOM   638 C C   . THR A 1 78  ? 7.438   5.452   1.084   1.00 47.57  ? 77  THR A C   1 
ATOM   639 O O   . THR A 1 78  ? 8.113   4.743   0.332   1.00 47.39  ? 77  THR A O   1 
ATOM   640 C CB  . THR A 1 78  ? 8.340   7.751   0.894   1.00 51.50  ? 77  THR A CB  1 
ATOM   641 O OG1 . THR A 1 78  ? 8.970   8.831   1.600   1.00 53.12  ? 77  THR A OG1 1 
ATOM   642 C CG2 . THR A 1 78  ? 7.028   8.234   0.276   1.00 49.78  ? 77  THR A CG2 1 
ATOM   643 N N   . TYR A 1 79  ? 6.134   5.287   1.274   1.00 40.69  ? 78  TYR A N   1 
ATOM   644 C CA  . TYR A 1 79  ? 5.347   4.260   0.592   1.00 38.79  ? 78  TYR A CA  1 
ATOM   645 C C   . TYR A 1 79  ? 4.386   4.985   -0.348  1.00 46.33  ? 78  TYR A C   1 
ATOM   646 O O   . TYR A 1 79  ? 3.989   6.116   -0.076  1.00 43.68  ? 78  TYR A O   1 
ATOM   647 C CB  . TYR A 1 79  ? 4.557   3.435   1.626   1.00 39.21  ? 78  TYR A CB  1 
ATOM   648 C CG  . TYR A 1 79  ? 5.420   2.478   2.441   1.00 38.69  ? 78  TYR A CG  1 
ATOM   649 C CD1 . TYR A 1 79  ? 6.225   2.943   3.476   1.00 43.89  ? 78  TYR A CD1 1 
ATOM   650 C CD2 . TYR A 1 79  ? 5.427   1.113   2.173   1.00 42.02  ? 78  TYR A CD2 1 
ATOM   651 C CE1 . TYR A 1 79  ? 7.030   2.070   4.216   1.00 36.69  ? 78  TYR A CE1 1 
ATOM   652 C CE2 . TYR A 1 79  ? 6.226   0.228   2.915   1.00 40.47  ? 78  TYR A CE2 1 
ATOM   653 C CZ  . TYR A 1 79  ? 7.022   0.719   3.936   1.00 43.08  ? 78  TYR A CZ  1 
ATOM   654 O OH  . TYR A 1 79  ? 7.820   -0.145  4.669   1.00 42.48  ? 78  TYR A OH  1 
ATOM   655 N N   . SER A 1 80  ? 4.019   4.367   -1.463  1.00 40.27  ? 79  SER A N   1 
ATOM   656 C CA  . SER A 1 80  ? 3.018   4.987   -2.326  1.00 39.32  ? 79  SER A CA  1 
ATOM   657 C C   . SER A 1 80  ? 1.855   4.031   -2.529  1.00 42.84  ? 79  SER A C   1 
ATOM   658 O O   . SER A 1 80  ? 2.049   2.815   -2.651  1.00 42.68  ? 79  SER A O   1 
ATOM   659 C CB  . SER A 1 80  ? 3.613   5.403   -3.674  1.00 42.12  ? 79  SER A CB  1 
ATOM   660 O OG  . SER A 1 80  ? 4.034   4.278   -4.424  1.00 45.26  ? 79  SER A OG  1 
ATOM   661 N N   . CYS A 1 81  ? 0.653   4.595   -2.553  1.00 41.91  ? 80  CYS A N   1 
ATOM   662 C CA  . CYS A 1 81  ? -0.530  3.848   -2.935  1.00 41.78  ? 80  CYS A CA  1 
ATOM   663 C C   . CYS A 1 81  ? -0.994  4.426   -4.258  1.00 47.07  ? 80  CYS A C   1 
ATOM   664 O O   . CYS A 1 81  ? -1.284  5.629   -4.351  1.00 47.64  ? 80  CYS A O   1 
ATOM   665 C CB  . CYS A 1 81  ? -1.632  3.995   -1.893  1.00 42.94  ? 80  CYS A CB  1 
ATOM   666 S SG  . CYS A 1 81  ? -3.032  2.886   -2.202  1.00 48.11  ? 80  CYS A SG  1 
ATOM   667 N N   . VAL A 1 82  ? -1.041  3.582   -5.287  1.00 51.80  ? 81  VAL A N   1 
ATOM   668 C CA  . VAL A 1 82  ? -1.457  4.021   -6.619  1.00 55.05  ? 81  VAL A CA  1 
ATOM   669 C C   . VAL A 1 82  ? -2.664  3.238   -7.128  1.00 56.54  ? 81  VAL A C   1 
ATOM   670 O O   . VAL A 1 82  ? -2.703  2.006   -7.056  1.00 53.93  ? 81  VAL A O   1 
ATOM   671 C CB  . VAL A 1 82  ? -0.319  3.902   -7.647  1.00 57.76  ? 81  VAL A CB  1 
ATOM   672 C CG1 . VAL A 1 82  ? -0.827  4.250   -9.043  1.00 65.30  ? 81  VAL A CG1 1 
ATOM   673 C CG2 . VAL A 1 82  ? 0.823   4.822   -7.274  1.00 60.78  ? 81  VAL A CG2 1 
ATOM   674 N N   . VAL A 1 83  ? -3.654  3.970   -7.619  1.00 52.90  ? 82  VAL A N   1 
ATOM   675 C CA  . VAL A 1 83  ? -4.801  3.370   -8.283  1.00 50.89  ? 82  VAL A CA  1 
ATOM   676 C C   . VAL A 1 83  ? -4.742  3.738   -9.754  1.00 55.17  ? 82  VAL A C   1 
ATOM   677 O O   . VAL A 1 83  ? -4.767  4.917   -10.120 1.00 51.65  ? 82  VAL A O   1 
ATOM   678 C CB  . VAL A 1 83  ? -6.117  3.863   -7.689  1.00 54.55  ? 82  VAL A CB  1 
ATOM   679 C CG1 . VAL A 1 83  ? -7.282  3.155   -8.352  1.00 61.35  ? 82  VAL A CG1 1 
ATOM   680 C CG2 . VAL A 1 83  ? -6.130  3.601   -6.199  1.00 50.91  ? 82  VAL A CG2 1 
ATOM   681 N N   . GLN A 1 84  ? -4.652  2.730   -10.606 1.00 49.47  ? 83  GLN A N   1 
ATOM   682 C CA  . GLN A 1 84  ? -4.534  2.998   -12.026 1.00 61.23  ? 83  GLN A CA  1 
ATOM   683 C C   . GLN A 1 84  ? -5.569  2.220   -12.815 1.00 69.75  ? 83  GLN A C   1 
ATOM   684 O O   . GLN A 1 84  ? -6.232  1.319   -12.295 1.00 69.22  ? 83  GLN A O   1 
ATOM   685 C CB  . GLN A 1 84  ? -3.122  2.682   -12.521 1.00 65.99  ? 83  GLN A CB  1 
ATOM   686 C CG  . GLN A 1 84  ? -2.873  1.216   -12.787 1.00 77.15  ? 83  GLN A CG  1 
ATOM   687 C CD  . GLN A 1 84  ? -1.431  0.931   -13.151 1.00 88.50  ? 83  GLN A CD  1 
ATOM   688 O OE1 . GLN A 1 84  ? -0.573  1.812   -13.075 1.00 97.80  ? 83  GLN A OE1 1 
ATOM   689 N NE2 . GLN A 1 84  ? -1.155  -0.310  -13.547 1.00 88.59  ? 83  GLN A NE2 1 
ATOM   690 N N   . LYS A 1 85  ? -5.713  2.597   -14.073 1.00 62.06  ? 84  LYS A N   1 
ATOM   691 C CA  . LYS A 1 85  ? -6.595  1.905   -14.989 1.00 73.12  ? 84  LYS A CA  1 
ATOM   692 C C   . LYS A 1 85  ? -5.810  1.649   -16.275 1.00 86.97  ? 84  LYS A C   1 
ATOM   693 O O   . LYS A 1 85  ? -5.281  2.580   -16.890 1.00 85.56  ? 84  LYS A O   1 
ATOM   694 C CB  . LYS A 1 85  ? -7.854  2.743   -15.238 1.00 70.62  ? 84  LYS A CB  1 
ATOM   695 C CG  . LYS A 1 85  ? -8.506  2.533   -16.592 1.00 81.74  ? 84  LYS A CG  1 
ATOM   696 C CD  . LYS A 1 85  ? -9.605  3.557   -16.834 1.00 86.91  ? 84  LYS A CD  1 
ATOM   697 C CE  . LYS A 1 85  ? -9.949  3.670   -18.312 1.00 98.06  ? 84  LYS A CE  1 
ATOM   698 N NZ  . LYS A 1 85  ? -8.842  4.280   -19.113 1.00 102.17 ? 84  LYS A NZ  1 
ATOM   699 N N   . LYS A 1 86  ? -5.697  0.382   -16.655 1.00 93.71  ? 85  LYS A N   1 
ATOM   700 C CA  . LYS A 1 86  ? -5.015  0.037   -17.893 1.00 107.53 ? 85  LYS A CA  1 
ATOM   701 C C   . LYS A 1 86  ? -6.029  -0.032  -19.033 1.00 113.73 ? 85  LYS A C   1 
ATOM   702 O O   . LYS A 1 86  ? -7.074  -0.672  -18.906 1.00 119.83 ? 85  LYS A O   1 
ATOM   703 C CB  . LYS A 1 86  ? -4.255  -1.286  -17.744 1.00 109.51 ? 85  LYS A CB  1 
ATOM   704 C CG  . LYS A 1 86  ? -3.297  -1.581  -18.892 1.00 113.41 ? 85  LYS A CG  1 
ATOM   705 C CD  . LYS A 1 86  ? -2.434  -2.798  -18.597 1.00 109.85 ? 85  LYS A CD  1 
ATOM   706 C CE  . LYS A 1 86  ? -1.411  -3.026  -19.697 1.00 111.16 ? 85  LYS A CE  1 
ATOM   707 N NZ  . LYS A 1 86  ? -0.411  -4.062  -19.315 1.00 107.61 ? 85  LYS A NZ  1 
ATOM   708 N N   . GLU A 1 87  ? -5.725  0.638   -20.142 1.00 103.98 ? 86  GLU A N   1 
ATOM   709 C CA  . GLU A 1 87  ? -6.671  0.740   -21.249 1.00 103.39 ? 86  GLU A CA  1 
ATOM   710 C C   . GLU A 1 87  ? -6.246  -0.087  -22.461 1.00 100.03 ? 86  GLU A C   1 
ATOM   711 O O   . GLU A 1 87  ? -5.507  0.385   -23.323 1.00 101.53 ? 86  GLU A O   1 
ATOM   712 C CB  . GLU A 1 87  ? -6.864  2.205   -21.641 1.00 104.61 ? 86  GLU A CB  1 
ATOM   713 C CG  . GLU A 1 87  ? -7.934  2.431   -22.690 1.00 119.37 ? 86  GLU A CG  1 
ATOM   714 C CD  . GLU A 1 87  ? -8.283  3.899   -22.851 1.00 126.63 ? 86  GLU A CD  1 
ATOM   715 O OE1 . GLU A 1 87  ? -7.955  4.693   -21.940 1.00 127.12 ? 86  GLU A OE1 1 
ATOM   716 O OE2 . GLU A 1 87  ? -8.885  4.257   -23.886 1.00 128.62 ? 86  GLU A OE2 1 
ATOM   717 N N   . THR A 1 90  ? -2.686  1.136   -22.517 1.00 90.31  ? 89  THR A N   1 
ATOM   718 C CA  . THR A 1 90  ? -2.173  2.351   -21.891 1.00 93.71  ? 89  THR A CA  1 
ATOM   719 C C   . THR A 1 90  ? -2.624  2.464   -20.436 1.00 103.54 ? 89  THR A C   1 
ATOM   720 O O   . THR A 1 90  ? -3.789  2.215   -20.111 1.00 102.69 ? 89  THR A O   1 
ATOM   721 C CB  . THR A 1 90  ? -2.624  3.615   -22.649 1.00 101.66 ? 89  THR A CB  1 
ATOM   722 O OG1 . THR A 1 90  ? -4.018  3.846   -22.409 1.00 103.96 ? 89  THR A OG1 1 
ATOM   723 C CG2 . THR A 1 90  ? -2.378  3.462   -24.151 1.00 104.61 ? 89  THR A CG2 1 
ATOM   724 N N   . TYR A 1 91  ? -1.691  2.843   -19.567 1.00 108.33 ? 90  TYR A N   1 
ATOM   725 C CA  . TYR A 1 91  ? -1.974  3.022   -18.145 1.00 105.27 ? 90  TYR A CA  1 
ATOM   726 C C   . TYR A 1 91  ? -2.434  4.447   -17.857 1.00 98.72  ? 90  TYR A C   1 
ATOM   727 O O   . TYR A 1 91  ? -1.861  5.407   -18.379 1.00 98.60  ? 90  TYR A O   1 
ATOM   728 C CB  . TYR A 1 91  ? -0.725  2.735   -17.309 1.00 106.29 ? 90  TYR A CB  1 
ATOM   729 C CG  . TYR A 1 91  ? -0.234  1.307   -17.361 1.00 116.66 ? 90  TYR A CG  1 
ATOM   730 C CD1 . TYR A 1 91  ? -0.780  0.340   -16.533 1.00 117.41 ? 90  TYR A CD1 1 
ATOM   731 C CD2 . TYR A 1 91  ? 0.790   0.929   -18.225 1.00 128.98 ? 90  TYR A CD2 1 
ATOM   732 C CE1 . TYR A 1 91  ? -0.333  -0.967  -16.565 1.00 124.04 ? 90  TYR A CE1 1 
ATOM   733 C CE2 . TYR A 1 91  ? 1.244   -0.381  -18.267 1.00 134.64 ? 90  TYR A CE2 1 
ATOM   734 C CZ  . TYR A 1 91  ? 0.676   -1.325  -17.431 1.00 133.19 ? 90  TYR A CZ  1 
ATOM   735 O OH  . TYR A 1 91  ? 1.115   -2.632  -17.457 1.00 135.72 ? 90  TYR A OH  1 
ATOM   736 N N   . GLU A 1 92  ? -3.464  4.586   -17.028 1.00 78.72  ? 91  GLU A N   1 
ATOM   737 C CA  . GLU A 1 92  ? -3.858  5.902   -16.532 1.00 64.89  ? 91  GLU A CA  1 
ATOM   738 C C   . GLU A 1 92  ? -4.003  5.850   -15.021 1.00 67.69  ? 91  GLU A C   1 
ATOM   739 O O   . GLU A 1 92  ? -4.604  4.922   -14.485 1.00 72.15  ? 91  GLU A O   1 
ATOM   740 C CB  . GLU A 1 92  ? -5.156  6.380   -17.184 1.00 72.04  ? 91  GLU A CB  1 
ATOM   741 C CG  . GLU A 1 92  ? -5.121  6.432   -18.720 1.00 93.23  ? 91  GLU A CG  1 
ATOM   742 C CD  . GLU A 1 92  ? -4.047  7.370   -19.286 1.00 99.82  ? 91  GLU A CD  1 
ATOM   743 O OE1 . GLU A 1 92  ? -3.532  8.237   -18.543 1.00 105.43 ? 91  GLU A OE1 1 
ATOM   744 O OE2 . GLU A 1 92  ? -3.719  7.236   -20.486 1.00 87.27  ? 91  GLU A OE2 1 
ATOM   745 N N   . VAL A 1 93  ? -3.440  6.835   -14.332 1.00 68.72  ? 92  VAL A N   1 
ATOM   746 C CA  . VAL A 1 93  ? -3.490  6.852   -12.870 1.00 66.23  ? 92  VAL A CA  1 
ATOM   747 C C   . VAL A 1 93  ? -4.702  7.641   -12.370 1.00 71.76  ? 92  VAL A C   1 
ATOM   748 O O   . VAL A 1 93  ? -4.935  8.778   -12.793 1.00 69.62  ? 92  VAL A O   1 
ATOM   749 C CB  . VAL A 1 93  ? -2.181  7.403   -12.274 1.00 68.45  ? 92  VAL A CB  1 
ATOM   750 C CG1 . VAL A 1 93  ? -2.307  7.600   -10.774 1.00 63.03  ? 92  VAL A CG1 1 
ATOM   751 C CG2 . VAL A 1 93  ? -1.042  6.448   -12.574 1.00 76.08  ? 92  VAL A CG2 1 
ATOM   752 N N   . LYS A 1 94  ? -5.487  7.017   -11.496 1.00 65.47  ? 93  LYS A N   1 
ATOM   753 C CA  . LYS A 1 94  ? -6.683  7.639   -10.939 1.00 73.60  ? 93  LYS A CA  1 
ATOM   754 C C   . LYS A 1 94  ? -6.372  8.312   -9.599  1.00 66.31  ? 93  LYS A C   1 
ATOM   755 O O   . LYS A 1 94  ? -7.000  9.302   -9.218  1.00 69.67  ? 93  LYS A O   1 
ATOM   756 C CB  . LYS A 1 94  ? -7.783  6.584   -10.734 1.00 80.66  ? 93  LYS A CB  1 
ATOM   757 C CG  . LYS A 1 94  ? -7.989  5.635   -11.916 1.00 83.98  ? 93  LYS A CG  1 
ATOM   758 C CD  . LYS A 1 94  ? -9.058  4.580   -11.630 1.00 74.22  ? 93  LYS A CD  1 
ATOM   759 C CE  . LYS A 1 94  ? -10.429 5.208   -11.443 1.00 72.62  ? 93  LYS A CE  1 
ATOM   760 N NZ  . LYS A 1 94  ? -11.469 4.175   -11.176 1.00 68.99  ? 93  LYS A NZ  1 
ATOM   761 N N   . HIS A 1 95  ? -5.394  7.763   -8.885  1.00 53.61  ? 94  HIS A N   1 
ATOM   762 C CA  . HIS A 1 95  ? -5.103  8.198   -7.524  1.00 51.32  ? 94  HIS A CA  1 
ATOM   763 C C   . HIS A 1 95  ? -3.665  7.883   -7.113  1.00 51.24  ? 94  HIS A C   1 
ATOM   764 O O   . HIS A 1 95  ? -3.140  6.807   -7.412  1.00 56.39  ? 94  HIS A O   1 
ATOM   765 C CB  . HIS A 1 95  ? -6.084  7.530   -6.551  1.00 60.05  ? 94  HIS A CB  1 
ATOM   766 C CG  . HIS A 1 95  ? -5.710  7.690   -5.110  1.00 56.10  ? 94  HIS A CG  1 
ATOM   767 N ND1 . HIS A 1 95  ? -6.006  8.826   -4.387  1.00 54.37  ? 94  HIS A ND1 1 
ATOM   768 C CD2 . HIS A 1 95  ? -5.064  6.858   -4.261  1.00 54.00  ? 94  HIS A CD2 1 
ATOM   769 C CE1 . HIS A 1 95  ? -5.557  8.684   -3.151  1.00 50.16  ? 94  HIS A CE1 1 
ATOM   770 N NE2 . HIS A 1 95  ? -4.978  7.501   -3.050  1.00 48.20  ? 94  HIS A NE2 1 
ATOM   771 N N   . LEU A 1 96  ? -3.044  8.828   -6.415  1.00 48.46  ? 95  LEU A N   1 
ATOM   772 C CA  . LEU A 1 96  ? -1.705  8.643   -5.865  1.00 46.19  ? 95  LEU A CA  1 
ATOM   773 C C   . LEU A 1 96  ? -1.652  9.267   -4.474  1.00 48.02  ? 95  LEU A C   1 
ATOM   774 O O   . LEU A 1 96  ? -2.019  10.438  -4.302  1.00 52.30  ? 95  LEU A O   1 
ATOM   775 C CB  . LEU A 1 96  ? -0.663  9.312   -6.770  1.00 50.10  ? 95  LEU A CB  1 
ATOM   776 C CG  . LEU A 1 96  ? 0.769   9.430   -6.235  1.00 51.30  ? 95  LEU A CG  1 
ATOM   777 C CD1 . LEU A 1 96  ? 1.299   8.049   -5.873  1.00 50.63  ? 95  LEU A CD1 1 
ATOM   778 C CD2 . LEU A 1 96  ? 1.687   10.128  -7.247  1.00 56.03  ? 95  LEU A CD2 1 
ATOM   779 N N   . ALA A 1 97  ? -1.198  8.488   -3.495  1.00 42.96  ? 96  ALA A N   1 
ATOM   780 C CA  . ALA A 1 97  ? -1.050  8.958   -2.120  1.00 52.50  ? 96  ALA A CA  1 
ATOM   781 C C   . ALA A 1 97  ? 0.264   8.471   -1.522  1.00 43.50  ? 96  ALA A C   1 
ATOM   782 O O   . ALA A 1 97  ? 0.660   7.325   -1.727  1.00 45.40  ? 96  ALA A O   1 
ATOM   783 C CB  . ALA A 1 97  ? -2.222  8.492   -1.269  1.00 50.15  ? 96  ALA A CB  1 
ATOM   784 N N   . LEU A 1 98  ? 0.949   9.352   -0.795  1.00 45.35  ? 97  LEU A N   1 
ATOM   785 C CA  . LEU A 1 98  ? 2.233   8.989   -0.210  1.00 45.87  ? 97  LEU A CA  1 
ATOM   786 C C   . LEU A 1 98  ? 2.152   8.935   1.301   1.00 50.96  ? 97  LEU A C   1 
ATOM   787 O O   . LEU A 1 98  ? 1.501   9.780   1.924   1.00 51.95  ? 97  LEU A O   1 
ATOM   788 C CB  . LEU A 1 98  ? 3.297   10.002  -0.615  1.00 47.94  ? 97  LEU A CB  1 
ATOM   789 C CG  . LEU A 1 98  ? 3.333   10.334  -2.098  1.00 56.60  ? 97  LEU A CG  1 
ATOM   790 C CD1 . LEU A 1 98  ? 4.533   11.193  -2.330  1.00 66.21  ? 97  LEU A CD1 1 
ATOM   791 C CD2 . LEU A 1 98  ? 3.390   9.076   -2.943  1.00 54.43  ? 97  LEU A CD2 1 
ATOM   792 N N   . VAL A 1 99  ? 2.814   7.942   1.886   1.00 45.59  ? 98  VAL A N   1 
ATOM   793 C CA  . VAL A 1 99  ? 2.893   7.809   3.338   1.00 43.73  ? 98  VAL A CA  1 
ATOM   794 C C   . VAL A 1 99  ? 4.345   7.627   3.759   1.00 47.85  ? 98  VAL A C   1 
ATOM   795 O O   . VAL A 1 99  ? 5.062   6.773   3.223   1.00 47.69  ? 98  VAL A O   1 
ATOM   796 C CB  . VAL A 1 99  ? 2.070   6.613   3.869   1.00 46.00  ? 98  VAL A CB  1 
ATOM   797 C CG1 . VAL A 1 99  ? 2.206   6.511   5.397   1.00 46.19  ? 98  VAL A CG1 1 
ATOM   798 C CG2 . VAL A 1 99  ? 0.606   6.762   3.486   1.00 51.21  ? 98  VAL A CG2 1 
ATOM   799 N N   . LYS A 1 100 ? 4.776   8.446   4.710   1.00 46.77  ? 99  LYS A N   1 
ATOM   800 C CA  . LYS A 1 100 ? 6.128   8.376   5.236   1.00 49.23  ? 99  LYS A CA  1 
ATOM   801 C C   . LYS A 1 100 ? 6.095   7.648   6.575   1.00 54.40  ? 99  LYS A C   1 
ATOM   802 O O   . LYS A 1 100 ? 5.491   8.131   7.539   1.00 52.66  ? 99  LYS A O   1 
ATOM   803 C CB  . LYS A 1 100 ? 6.679   9.786   5.422   1.00 59.10  ? 99  LYS A CB  1 
ATOM   804 C CG  . LYS A 1 100 ? 8.042   9.854   6.086   1.00 76.98  ? 99  LYS A CG  1 
ATOM   805 C CD  . LYS A 1 100 ? 9.167   9.725   5.072   1.00 89.02  ? 99  LYS A CD  1 
ATOM   806 C CE  . LYS A 1 100 ? 10.526  9.875   5.743   1.00 102.23 ? 99  LYS A CE  1 
ATOM   807 N NZ  . LYS A 1 100 ? 10.732  8.856   6.820   1.00 112.61 ? 99  LYS A NZ  1 
ATOM   808 N N   . LEU A 1 101 ? 6.729   6.482   6.636   1.00 47.65  ? 100 LEU A N   1 
ATOM   809 C CA  . LEU A 1 101 ? 6.771   5.708   7.880   1.00 49.60  ? 100 LEU A CA  1 
ATOM   810 C C   . LEU A 1 101 ? 8.127   5.892   8.560   1.00 56.31  ? 100 LEU A C   1 
ATOM   811 O O   . LEU A 1 101 ? 9.169   5.575   7.983   1.00 51.33  ? 100 LEU A O   1 
ATOM   812 C CB  . LEU A 1 101 ? 6.489   4.224   7.595   1.00 45.92  ? 100 LEU A CB  1 
ATOM   813 C CG  . LEU A 1 101 ? 6.461   3.192   8.720   1.00 49.03  ? 100 LEU A CG  1 
ATOM   814 C CD1 . LEU A 1 101 ? 5.515   3.605   9.861   1.00 50.28  ? 100 LEU A CD1 1 
ATOM   815 C CD2 . LEU A 1 101 ? 6.071   1.815   8.167   1.00 44.97  ? 100 LEU A CD2 1 
ATOM   816 N N   . SER A 1 102 ? 8.111   6.449   9.766   1.00 54.11  ? 101 SER A N   1 
ATOM   817 C CA  . SER A 1 102 ? 9.323   6.577   10.568  1.00 54.79  ? 101 SER A CA  1 
ATOM   818 C C   . SER A 1 102 ? 9.277   5.521   11.662  1.00 61.38  ? 101 SER A C   1 
ATOM   819 O O   . SER A 1 102 ? 8.215   5.249   12.229  1.00 56.56  ? 101 SER A O   1 
ATOM   820 C CB  . SER A 1 102 ? 9.441   7.973   11.182  1.00 59.09  ? 101 SER A CB  1 
ATOM   821 O OG  . SER A 1 102 ? 9.767   8.946   10.204  1.00 56.31  ? 101 SER A OG  1 
ATOM   822 N N   . ILE A 1 103 ? 10.423  4.906   11.939  1.00 57.90  ? 102 ILE A N   1 
ATOM   823 C CA  . ILE A 1 103 ? 10.487  3.810   12.903  1.00 50.02  ? 102 ILE A CA  1 
ATOM   824 C C   . ILE A 1 103 ? 11.727  3.960   13.773  1.00 62.29  ? 102 ILE A C   1 
ATOM   825 O O   . ILE A 1 103 ? 12.788  4.354   13.289  1.00 62.73  ? 102 ILE A O   1 
ATOM   826 C CB  . ILE A 1 103 ? 10.544  2.443   12.197  1.00 47.80  ? 102 ILE A CB  1 
ATOM   827 C CG1 . ILE A 1 103 ? 9.413   2.309   11.176  1.00 49.44  ? 102 ILE A CG1 1 
ATOM   828 C CG2 . ILE A 1 103 ? 10.463  1.297   13.204  1.00 55.26  ? 102 ILE A CG2 1 
ATOM   829 C CD1 . ILE A 1 103 ? 9.472   1.032   10.380  1.00 51.30  ? 102 ILE A CD1 1 
ATOM   830 N N   . LYS A 1 104 ? 11.590  3.675   15.063  1.00 62.19  ? 103 LYS A N   1 
ATOM   831 C CA  . LYS A 1 104 ? 12.741  3.645   15.958  1.00 71.68  ? 103 LYS A CA  1 
ATOM   832 C C   . LYS A 1 104 ? 12.681  2.400   16.848  1.00 74.65  ? 103 LYS A C   1 
ATOM   833 O O   . LYS A 1 104 ? 11.695  1.655   16.818  1.00 69.22  ? 103 LYS A O   1 
ATOM   834 C CB  . LYS A 1 104 ? 12.820  4.934   16.785  1.00 86.37  ? 103 LYS A CB  1 
ATOM   835 C CG  . LYS A 1 104 ? 12.673  6.210   15.945  1.00 94.26  ? 103 LYS A CG  1 
ATOM   836 C CD  . LYS A 1 104 ? 13.116  7.467   16.678  1.00 100.11 ? 103 LYS A CD  1 
ATOM   837 C CE  . LYS A 1 104 ? 14.631  7.610   16.665  1.00 105.02 ? 103 LYS A CE  1 
ATOM   838 N NZ  . LYS A 1 104 ? 15.084  8.875   17.317  1.00 107.70 ? 103 LYS A NZ  1 
ATOM   839 N N   . ALA A 1 105 ? 13.736  2.157   17.620  1.00 82.34  ? 104 ALA A N   1 
ATOM   840 C CA  . ALA A 1 105 ? 13.751  1.020   18.540  1.00 83.79  ? 104 ALA A CA  1 
ATOM   841 C C   . ALA A 1 105 ? 14.008  1.459   19.983  1.00 91.78  ? 104 ALA A C   1 
ATOM   842 O O   . ALA A 1 105 ? 13.116  1.400   20.834  1.00 93.85  ? 104 ALA A O   1 
ATOM   843 C CB  . ALA A 1 105 ? 14.780  -0.008  18.097  1.00 74.32  ? 104 ALA A CB  1 
HETATM 844 O O   . HOH B 2 .   ? 10.424  -7.337  4.089   1.00 41.63  ? 201 HOH A O   1 
HETATM 845 O O   . HOH B 2 .   ? 8.568   4.074   -5.506  1.00 41.95  ? 202 HOH A O   1 
HETATM 846 O O   . HOH B 2 .   ? 9.158   5.139   -2.024  1.00 50.71  ? 203 HOH A O   1 
HETATM 847 O O   . HOH B 2 .   ? 8.998   -2.341  3.943   1.00 43.01  ? 204 HOH A O   1 
HETATM 848 O O   . HOH B 2 .   ? -7.767  5.641   3.506   1.00 49.16  ? 205 HOH A O   1 
HETATM 849 O O   . HOH B 2 .   ? 8.059   -13.119 3.045   1.00 53.53  ? 206 HOH A O   1 
HETATM 850 O O   . HOH B 2 .   ? -3.015  -8.501  -7.979  1.00 44.12  ? 207 HOH A O   1 
HETATM 851 O O   . HOH B 2 .   ? 1.139   -2.829  17.266  1.00 56.17  ? 208 HOH A O   1 
HETATM 852 O O   . HOH B 2 .   ? 9.782   -9.533  -2.965  1.00 50.96  ? 209 HOH A O   1 
HETATM 853 O O   . HOH B 2 .   ? -8.930  4.894   1.367   1.00 57.24  ? 210 HOH A O   1 
HETATM 854 O O   . HOH B 2 .   ? 14.858  -3.550  13.222  1.00 48.33  ? 211 HOH A O   1 
HETATM 855 O O   . HOH B 2 .   ? 6.872   4.808   -3.567  1.00 52.13  ? 212 HOH A O   1 
HETATM 856 O O   . HOH B 2 .   ? 2.223   2.513   -5.623  1.00 53.95  ? 213 HOH A O   1 
HETATM 857 O O   . HOH B 2 .   ? -9.254  -4.224  -8.183  1.00 50.50  ? 214 HOH A O   1 
HETATM 858 O O   . HOH B 2 .   ? 11.953  -4.420  5.254   1.00 58.47  ? 215 HOH A O   1 
HETATM 859 O O   . HOH B 2 .   ? 7.499   -9.067  9.832   1.00 54.35  ? 216 HOH A O   1 
HETATM 860 O O   . HOH B 2 .   ? -8.481  -4.424  -12.275 1.00 67.09  ? 217 HOH A O   1 
HETATM 861 O O   . HOH B 2 .   ? -4.584  -9.403  3.404   1.00 48.72  ? 218 HOH A O   1 
HETATM 862 O O   . HOH B 2 .   ? 9.249   -9.190  12.105  0.50 46.88  ? 219 HOH A O   1 
HETATM 863 O O   . HOH B 2 .   ? 0.053   -3.109  -14.390 1.00 62.54  ? 220 HOH A O   1 
HETATM 864 O O   . HOH B 2 .   ? 9.138   -6.750  -3.410  1.00 54.83  ? 221 HOH A O   1 
HETATM 865 O O   . HOH B 2 .   ? -7.581  -1.356  -15.630 1.00 57.51  ? 222 HOH A O   1 
HETATM 866 O O   . HOH B 2 .   ? -1.864  1.635   12.638  1.00 57.33  ? 223 HOH A O   1 
HETATM 867 O O   . HOH B 2 .   ? -0.049  -13.342 -2.958  1.00 61.09  ? 224 HOH A O   1 
HETATM 868 O O   . HOH B 2 .   ? 11.484  6.546   -1.356  1.00 62.84  ? 225 HOH A O   1 
HETATM 869 O O   . HOH B 2 .   ? 12.589  6.432   -3.586  1.00 57.52  ? 226 HOH A O   1 
HETATM 870 O O   . HOH B 2 .   ? -10.592 -3.577  -6.268  1.00 53.17  ? 227 HOH A O   1 
HETATM 871 O O   . HOH B 2 .   ? 12.941  -8.794  4.109   1.00 51.66  ? 228 HOH A O   1 
HETATM 872 O O   . HOH B 2 .   ? 1.855   8.050   14.060  1.00 60.34  ? 229 HOH A O   1 
HETATM 873 O O   . HOH B 2 .   ? 12.476  6.932   11.097  1.00 63.04  ? 230 HOH A O   1 
HETATM 874 O O   . HOH B 2 .   ? -9.541  9.817   -3.289  1.00 62.73  ? 231 HOH A O   1 
HETATM 875 O O   . HOH B 2 .   ? -0.184  12.118  -0.718  1.00 64.88  ? 232 HOH A O   1 
HETATM 876 O O   . HOH B 2 .   ? 0.858   -12.643 2.911   1.00 63.03  ? 233 HOH A O   1 
HETATM 877 O O   . HOH B 2 .   ? 15.724  3.316   17.373  1.00 73.28  ? 234 HOH A O   1 
HETATM 878 O O   . HOH B 2 .   ? 2.047   14.536  -0.776  1.00 55.97  ? 235 HOH A O   1 
HETATM 879 O O   . HOH B 2 .   ? -9.575  -3.869  -3.180  1.00 52.61  ? 236 HOH A O   1 
HETATM 880 O O   . HOH B 2 .   ? -11.730 -0.987  -6.465  1.00 61.42  ? 237 HOH A O   1 
HETATM 881 O O   . HOH B 2 .   ? -10.444 -6.372  -2.788  1.00 45.69  ? 238 HOH A O   1 
HETATM 882 O O   . HOH B 2 .   ? 7.377   -10.228 14.033  0.50 55.48  ? 239 HOH A O   1 
HETATM 883 O O   . HOH B 2 .   ? 17.827  0.863   -5.153  1.00 69.80  ? 240 HOH A O   1 
HETATM 884 O O   . HOH B 2 .   ? -11.765 -9.213  -3.867  1.00 62.76  ? 241 HOH A O   1 
HETATM 885 O O   . HOH B 2 .   ? 3.148   -7.090  14.653  1.00 58.39  ? 242 HOH A O   1 
HETATM 886 O O   . HOH B 2 .   ? -13.854 -1.754  -3.366  1.00 59.48  ? 243 HOH A O   1 
# 
loop_
_atom_site_anisotrop.id 
_atom_site_anisotrop.type_symbol 
_atom_site_anisotrop.pdbx_label_atom_id 
_atom_site_anisotrop.pdbx_label_alt_id 
_atom_site_anisotrop.pdbx_label_comp_id 
_atom_site_anisotrop.pdbx_label_asym_id 
_atom_site_anisotrop.pdbx_label_seq_id 
_atom_site_anisotrop.pdbx_PDB_ins_code 
_atom_site_anisotrop.U[1][1] 
_atom_site_anisotrop.U[2][2] 
_atom_site_anisotrop.U[3][3] 
_atom_site_anisotrop.U[1][2] 
_atom_site_anisotrop.U[1][3] 
_atom_site_anisotrop.U[2][3] 
_atom_site_anisotrop.pdbx_auth_seq_id 
_atom_site_anisotrop.pdbx_auth_comp_id 
_atom_site_anisotrop.pdbx_auth_asym_id 
_atom_site_anisotrop.pdbx_auth_atom_id 
1   N N   . MET A 1   ? 1.3108 0.8413 1.3855 0.0914  0.0811  0.0947  0   MET A N   
2   C CA  . MET A 1   ? 1.2319 0.7831 1.2788 0.0679  0.0828  0.0741  0   MET A CA  
3   C C   . MET A 1   ? 1.1323 0.6593 1.1444 0.0864  0.0953  0.0334  0   MET A C   
4   O O   . MET A 1   ? 1.1171 0.5733 1.1029 0.0879  0.0869  0.0089  0   MET A O   
5   C CB  . MET A 1   ? 1.1906 0.7061 1.2351 0.0336  0.0618  0.0800  0   MET A CB  
6   C CG  . MET A 1   ? 1.0038 0.5394 1.0274 0.0106  0.0591  0.0612  0   MET A CG  
7   S SD  . MET A 1   ? 1.0272 0.6552 1.0694 -0.0089 0.0668  0.0845  0   MET A SD  
8   C CE  . MET A 1   ? 1.2881 0.9153 1.3628 -0.0344 0.0547  0.1255  0   MET A CE  
9   N N   . GLU A 2   ? 1.0087 0.5920 1.0166 0.0983  0.1144  0.0268  1   GLU A N   
10  C CA  . GLU A 2   ? 1.0196 0.5887 0.9889 0.1116  0.1291  -0.0074 1   GLU A CA  
11  C C   . GLU A 2   ? 0.9692 0.5279 0.9041 0.0813  0.1155  -0.0218 1   GLU A C   
12  O O   . GLU A 2   ? 0.9086 0.5039 0.8590 0.0556  0.1047  -0.0042 1   GLU A O   
13  C CB  . GLU A 2   ? 1.0730 0.7098 1.0534 0.1285  0.1528  -0.0045 1   GLU A CB  
14  C CG  . GLU A 2   ? 1.1986 0.8261 1.1363 0.1412  0.1722  -0.0352 1   GLU A CG  
15  C CD  . GLU A 2   ? 1.2299 0.9238 1.1882 0.1600  0.1986  -0.0283 1   GLU A CD  
16  O OE1 . GLU A 2   ? 1.2368 0.9865 1.2413 0.1580  0.1963  -0.0004 1   GLU A OE1 
17  O OE2 . GLU A 2   ? 1.2093 0.9007 1.1361 0.1750  0.2208  -0.0497 1   GLU A OE2 
18  N N   . GLN A 3   ? 1.0015 0.5101 0.8884 0.0858  0.1157  -0.0540 2   GLN A N   
19  C CA  . GLN A 3   ? 1.0153 0.5126 0.8687 0.0576  0.0981  -0.0665 2   GLN A CA  
20  C C   . GLN A 3   ? 1.0159 0.5206 0.8189 0.0657  0.1129  -0.0897 2   GLN A C   
21  O O   . GLN A 3   ? 0.9982 0.4779 0.7704 0.0924  0.1331  -0.1110 2   GLN A O   
22  C CB  . GLN A 3   ? 1.1820 0.6036 1.0208 0.0410  0.0701  -0.0778 2   GLN A CB  
23  C CG  . GLN A 3   ? 1.3723 0.7975 1.2643 0.0252  0.0552  -0.0462 2   GLN A CG  
24  C CD  . GLN A 3   ? 1.6753 1.0404 1.5693 0.0041  0.0238  -0.0507 2   GLN A CD  
25  O OE1 . GLN A 3   ? 1.9215 1.2394 1.7933 0.0157  0.0164  -0.0773 2   GLN A OE1 
26  N NE2 . GLN A 3   ? 1.6373 1.0198 1.5680 -0.0278 0.0065  -0.0236 2   GLN A NE2 
27  N N   . LEU A 4   ? 0.9054 0.4466 0.7013 0.0436  0.1045  -0.0833 3   LEU A N   
28  C CA  . LEU A 4   ? 1.0411 0.5924 0.7891 0.0451  0.1148  -0.0973 3   LEU A CA  
29  C C   . LEU A 4   ? 1.0343 0.5602 0.7492 0.0174  0.0848  -0.1053 3   LEU A C   
30  O O   . LEU A 4   ? 0.9691 0.5121 0.7200 -0.0046 0.0629  -0.0891 3   LEU A O   
31  C CB  . LEU A 4   ? 1.0100 0.6350 0.7862 0.0458  0.1316  -0.0764 3   LEU A CB  
32  C CG  . LEU A 4   ? 1.0024 0.6649 0.8174 0.0703  0.1576  -0.0644 3   LEU A CG  
33  C CD1 . LEU A 4   ? 0.9184 0.6493 0.7617 0.0630  0.1655  -0.0431 3   LEU A CD1 
34  C CD2 . LEU A 4   ? 1.1026 0.7425 0.8866 0.0997  0.1840  -0.0851 3   LEU A CD2 
35  N N   . SER A 5   ? 1.1268 0.6150 0.7733 0.0192  0.0842  -0.1292 4   SER A N   
36  C CA  . SER A 5   ? 1.1527 0.6192 0.7625 -0.0072 0.0521  -0.1350 4   SER A CA  
37  C C   . SER A 5   ? 1.1174 0.6147 0.6884 -0.0093 0.0617  -0.1310 4   SER A C   
38  O O   . SER A 5   ? 1.1980 0.6856 0.7150 0.0074  0.0869  -0.1457 4   SER A O   
39  C CB  . SER A 5   ? 1.1915 0.5792 0.7435 -0.0104 0.0322  -0.1652 4   SER A CB  
40  O OG  . SER A 5   ? 1.4621 0.8287 1.0617 -0.0126 0.0183  -0.1623 4   SER A OG  
41  N N   . LYS A 6   ? 1.0373 0.5718 0.6375 -0.0290 0.0430  -0.1096 5   LYS A N   
42  C CA  . LYS A 6   ? 0.9824 0.5418 0.5519 -0.0351 0.0455  -0.0998 5   LYS A CA  
43  C C   . LYS A 6   ? 1.0624 0.6083 0.6194 -0.0602 0.0037  -0.0942 5   LYS A C   
44  O O   . LYS A 6   ? 1.1086 0.6316 0.6844 -0.0733 -0.0256 -0.0984 5   LYS A O   
45  C CB  . LYS A 6   ? 0.8669 0.4884 0.4917 -0.0305 0.0646  -0.0755 5   LYS A CB  
46  C CG  . LYS A 6   ? 0.9801 0.6248 0.6389 -0.0087 0.0974  -0.0746 5   LYS A CG  
47  C CD  . LYS A 6   ? 1.0538 0.6908 0.6651 0.0111  0.1296  -0.0883 5   LYS A CD  
48  C CE  . LYS A 6   ? 1.0818 0.7620 0.6820 0.0078  0.1479  -0.0715 5   LYS A CE  
49  N NZ  . LYS A 6   ? 1.0843 0.7741 0.6523 0.0295  0.1875  -0.0805 5   LYS A NZ  
50  N N   . SER A 7   ? 1.0645 0.6262 0.5935 -0.0678 -0.0008 -0.0816 6   SER A N   
51  C CA  . SER A 7   ? 1.0024 0.5541 0.5213 -0.0892 -0.0427 -0.0724 6   SER A CA  
52  C C   . SER A 7   ? 0.9441 0.5417 0.5162 -0.0928 -0.0472 -0.0451 6   SER A C   
53  O O   . SER A 7   ? 0.9238 0.5523 0.5136 -0.0827 -0.0183 -0.0352 6   SER A O   
54  C CB  . SER A 7   ? 1.0734 0.5867 0.4933 -0.0965 -0.0521 -0.0823 6   SER A CB  
55  O OG  . SER A 7   ? 1.2616 0.7231 0.6236 -0.0908 -0.0484 -0.1138 6   SER A OG  
56  N N   . VAL A 8   ? 1.0347 0.6362 0.6361 -0.1066 -0.0849 -0.0331 7   VAL A N   
57  C CA  . VAL A 8   ? 0.9421 0.5774 0.5906 -0.1070 -0.0928 -0.0100 7   VAL A CA  
58  C C   . VAL A 8   ? 1.0119 0.6451 0.6097 -0.1079 -0.0808 0.0023  7   VAL A C   
59  O O   . VAL A 8   ? 1.0948 0.6988 0.6152 -0.1158 -0.0868 -0.0008 7   VAL A O   
60  C CB  . VAL A 8   ? 1.0033 0.6408 0.6865 -0.1191 -0.1380 0.0015  7   VAL A CB  
61  C CG1 . VAL A 8   ? 0.9464 0.6058 0.6638 -0.1161 -0.1480 0.0238  7   VAL A CG1 
62  C CG2 . VAL A 8   ? 0.8698 0.5268 0.6242 -0.1191 -0.1435 -0.0032 7   VAL A CG2 
63  N N   . LYS A 9   ? 0.9533 0.6164 0.5920 -0.1012 -0.0631 0.0158  8   LYS A N   
64  C CA  . LYS A 9   ? 0.9112 0.5796 0.5202 -0.1050 -0.0496 0.0332  8   LYS A CA  
65  C C   . LYS A 9   ? 1.0213 0.7032 0.6042 -0.0973 -0.0064 0.0269  8   LYS A C   
66  O O   . LYS A 9   ? 1.0185 0.7162 0.5934 -0.1018 0.0093  0.0441  8   LYS A O   
67  C CB  . LYS A 9   ? 1.0992 0.7410 0.6478 -0.1203 -0.0775 0.0490  8   LYS A CB  
68  C CG  . LYS A 9   ? 1.1917 0.8310 0.7829 -0.1256 -0.1184 0.0672  8   LYS A CG  
69  C CD  . LYS A 9   ? 1.1450 0.8022 0.7892 -0.1209 -0.1110 0.0832  8   LYS A CD  
70  C CE  . LYS A 9   ? 1.1327 0.7783 0.8080 -0.1233 -0.1518 0.1033  8   LYS A CE  
71  N NZ  . LYS A 9   ? 1.1151 0.7618 0.8233 -0.1215 -0.1478 0.1192  8   LYS A NZ  
72  N N   . ASP A 10  ? 1.0142 0.6910 0.5904 -0.0858 0.0117  0.0044  9   ASP A N   
73  C CA  . ASP A 10  ? 1.0007 0.6966 0.5694 -0.0726 0.0532  -0.0018 9   ASP A CA  
74  C C   . ASP A 10  ? 0.8361 0.5724 0.4741 -0.0674 0.0676  0.0096  9   ASP A C   
75  O O   . ASP A 10  ? 0.8237 0.5674 0.5131 -0.0686 0.0502  0.0119  9   ASP A O   
76  C CB  . ASP A 10  ? 0.9684 0.6427 0.5238 -0.0580 0.0650  -0.0286 9   ASP A CB  
77  C CG  . ASP A 10  ? 1.1619 0.7911 0.6324 -0.0604 0.0589  -0.0466 9   ASP A CG  
78  O OD1 . ASP A 10  ? 1.3441 0.9657 0.7588 -0.0725 0.0518  -0.0360 9   ASP A OD1 
79  O OD2 . ASP A 10  ? 1.1506 0.7481 0.6065 -0.0508 0.0602  -0.0713 9   ASP A OD2 
80  N N   . LYS A 11  ? 0.8426 0.6082 0.4824 -0.0615 0.0995  0.0164  10  LYS A N   
81  C CA  . LYS A 11  ? 0.8117 0.6140 0.5145 -0.0552 0.1120  0.0223  10  LYS A CA  
82  C C   . LYS A 11  ? 0.7555 0.5611 0.4673 -0.0346 0.1338  0.0052  10  LYS A C   
83  O O   . LYS A 11  ? 0.8191 0.6035 0.4855 -0.0244 0.1476  -0.0095 10  LYS A O   
84  C CB  . LYS A 11  ? 0.7996 0.6373 0.5140 -0.0643 0.1277  0.0449  10  LYS A CB  
85  C CG  . LYS A 11  ? 0.8837 0.7406 0.5649 -0.0574 0.1624  0.0473  10  LYS A CG  
86  C CD  . LYS A 11  ? 0.9745 0.8726 0.6748 -0.0724 0.1758  0.0758  10  LYS A CD  
87  C CE  . LYS A 11  ? 0.9744 0.9004 0.6417 -0.0649 0.2158  0.0807  10  LYS A CE  
88  N NZ  . LYS A 11  ? 1.0878 0.9780 0.6729 -0.0667 0.2154  0.0726  10  LYS A NZ  
89  N N   . VAL A 12  ? 0.6823 0.5099 0.4480 -0.0273 0.1358  0.0065  11  VAL A N   
90  C CA  . VAL A 12  ? 0.7236 0.5512 0.5026 -0.0074 0.1527  -0.0051 11  VAL A CA  
91  C C   . VAL A 12  ? 0.7167 0.5885 0.5510 -0.0009 0.1635  0.0078  11  VAL A C   
92  O O   . VAL A 12  ? 0.6596 0.5496 0.5240 -0.0126 0.1492  0.0185  11  VAL A O   
93  C CB  . VAL A 12  ? 0.8055 0.5943 0.5827 -0.0058 0.1338  -0.0201 11  VAL A CB  
94  C CG1 . VAL A 12  ? 0.7852 0.5876 0.6069 -0.0156 0.1141  -0.0115 11  VAL A CG1 
95  C CG2 . VAL A 12  ? 0.7414 0.5162 0.5235 0.0151  0.1500  -0.0320 11  VAL A CG2 
96  N N   . LEU A 13  ? 0.6655 0.5535 0.5114 0.0190  0.1878  0.0062  12  LEU A N   
97  C CA  . LEU A 13  ? 0.6641 0.5918 0.5645 0.0272  0.1930  0.0192  12  LEU A CA  
98  C C   . LEU A 13  ? 0.6818 0.5855 0.5968 0.0421  0.1879  0.0111  12  LEU A C   
99  O O   . LEU A 13  ? 0.6732 0.5473 0.5704 0.0605  0.1995  -0.0031 12  LEU A O   
100 C CB  . LEU A 13  ? 0.6378 0.6108 0.5579 0.0401  0.2217  0.0297  12  LEU A CB  
101 C CG  . LEU A 13  ? 0.5799 0.6045 0.5624 0.0425  0.2203  0.0495  12  LEU A CG  
102 C CD1 . LEU A 13  ? 0.6160 0.6987 0.6253 0.0381  0.2391  0.0689  12  LEU A CD1 
103 C CD2 . LEU A 13  ? 0.5993 0.6203 0.6085 0.0696  0.2268  0.0462  12  LEU A CD2 
104 N N   . LEU A 14  ? 0.5577 0.4713 0.5018 0.0339  0.1705  0.0204  13  LEU A N   
105 C CA  . LEU A 14  ? 0.5234 0.4197 0.4847 0.0442  0.1650  0.0207  13  LEU A CA  
106 C C   . LEU A 14  ? 0.5559 0.4914 0.5595 0.0582  0.1726  0.0379  13  LEU A C   
107 O O   . LEU A 14  ? 0.5618 0.5355 0.5879 0.0471  0.1638  0.0527  13  LEU A O   
108 C CB  . LEU A 14  ? 0.5063 0.3949 0.4713 0.0270  0.1441  0.0238  13  LEU A CB  
109 C CG  . LEU A 14  ? 0.6026 0.4651 0.5419 0.0114  0.1309  0.0123  13  LEU A CG  
110 C CD1 . LEU A 14  ? 0.6786 0.5425 0.6343 0.0005  0.1167  0.0170  13  LEU A CD1 
111 C CD2 . LEU A 14  ? 0.8313 0.6487 0.7380 0.0162  0.1319  -0.0038 13  LEU A CD2 
112 N N   . PRO A 15  ? 0.6152 0.5390 0.6299 0.0833  0.1862  0.0356  14  PRO A N   
113 C CA  . PRO A 15  ? 0.5352 0.5017 0.5981 0.0999  0.1923  0.0548  14  PRO A CA  
114 C C   . PRO A 15  ? 0.6315 0.6031 0.7171 0.0936  0.1712  0.0733  14  PRO A C   
115 O O   . PRO A 15  ? 0.5949 0.5239 0.6679 0.0928  0.1620  0.0703  14  PRO A O   
116 C CB  . PRO A 15  ? 0.6489 0.5893 0.7140 0.1328  0.2127  0.0430  14  PRO A CB  
117 C CG  . PRO A 15  ? 0.7615 0.6504 0.7690 0.1297  0.2197  0.0150  14  PRO A CG  
118 C CD  . PRO A 15  ? 0.6720 0.5408 0.6563 0.0990  0.1949  0.0142  14  PRO A CD  
119 N N   . CYS A 16  ? 0.5903 0.6133 0.7062 0.0868  0.1624  0.0936  15  CYS A N   
120 C CA  . CYS A 16  ? 0.5684 0.6011 0.6989 0.0815  0.1427  0.1135  15  CYS A CA  
121 C C   . CYS A 16  ? 0.6179 0.6463 0.7825 0.1084  0.1442  0.1289  15  CYS A C   
122 O O   . CYS A 16  ? 0.5959 0.6135 0.7645 0.1067  0.1287  0.1460  15  CYS A O   
123 C CB  . CYS A 16  ? 0.5747 0.6590 0.7192 0.0640  0.1282  0.1280  15  CYS A CB  
124 S SG  . CYS A 16  ? 0.5601 0.6571 0.7049 0.0540  0.1020  0.1515  15  CYS A SG  
125 N N   . ARG A 17  ? 0.5204 0.5586 0.7102 0.1344  0.1639  0.1242  16  ARG A N   
126 C CA  . ARG A 17  ? 0.6259 0.6582 0.8552 0.1672  0.1676  0.1365  16  ARG A CA  
127 C C   . ARG A 17  ? 0.5758 0.6557 0.8501 0.1677  0.1462  0.1715  16  ARG A C   
128 O O   . ARG A 17  ? 0.6406 0.7046 0.9409 0.1876  0.1373  0.1890  16  ARG A O   
129 C CB  . ARG A 17  ? 0.6876 0.6439 0.8924 0.1758  0.1642  0.1261  16  ARG A CB  
130 C CG  . ARG A 17  ? 0.6779 0.5819 0.8365 0.1760  0.1801  0.0910  16  ARG A CG  
131 C CD  . ARG A 17  ? 0.7918 0.7031 0.9613 0.2087  0.2093  0.0742  16  ARG A CD  
132 N NE  . ARG A 17  ? 0.8547 0.7156 0.9689 0.2084  0.2236  0.0395  16  ARG A NE  
133 C CZ  . ARG A 17  ? 0.9063 0.7780 1.0076 0.2279  0.2530  0.0204  16  ARG A CZ  
134 N NH1 . ARG A 17  ? 0.8880 0.8250 1.0383 0.2493  0.2736  0.0342  16  ARG A NH1 
135 N NH2 . ARG A 17  ? 0.9227 0.7438 0.9625 0.2249  0.2617  -0.0107 16  ARG A NH2 
136 N N   . TYR A 18  ? 0.5908 0.7254 0.8727 0.1448  0.1348  0.1824  17  TYR A N   
137 C CA  . TYR A 18  ? 0.4935 0.6755 0.8104 0.1398  0.1090  0.2146  17  TYR A CA  
138 C C   . TYR A 18  ? 0.7015 0.9503 1.0868 0.1578  0.1155  0.2306  17  TYR A C   
139 O O   . TYR A 18  ? 0.6631 0.9513 1.0584 0.1454  0.1256  0.2245  17  TYR A O   
140 C CB  . TYR A 18  ? 0.5832 0.7811 0.8638 0.1016  0.0878  0.2150  17  TYR A CB  
141 C CG  . TYR A 18  ? 0.6106 0.8531 0.9126 0.0911  0.0563  0.2451  17  TYR A CG  
142 C CD1 . TYR A 18  ? 0.6418 0.8809 0.9625 0.1059  0.0399  0.2727  17  TYR A CD1 
143 C CD2 . TYR A 18  ? 0.5163 0.7990 0.8155 0.0640  0.0389  0.2467  17  TYR A CD2 
144 C CE1 . TYR A 18  ? 0.6097 0.8893 0.9437 0.0947  0.0069  0.3022  17  TYR A CE1 
145 C CE2 . TYR A 18  ? 0.6487 0.9688 0.9601 0.0515  0.0050  0.2725  17  TYR A CE2 
146 C CZ  . TYR A 18  ? 0.7178 1.0385 1.0450 0.0670  -0.0111 0.3007  17  TYR A CZ  
147 O OH  . TYR A 18  ? 0.8665 1.2243 1.2002 0.0532  -0.0488 0.3286  17  TYR A OH  
148 N N   . ASN A 19  ? 0.7713 1.0350 1.2087 0.1864  0.1087  0.2544  18  ASN A N   
149 C CA  . ASN A 19  ? 0.7655 1.1049 1.2821 0.2046  0.1111  0.2762  18  ASN A CA  
150 C C   . ASN A 19  ? 0.7970 1.1547 1.3647 0.2245  0.0843  0.3123  18  ASN A C   
151 O O   . ASN A 19  ? 0.9212 1.2333 1.4958 0.2547  0.0910  0.3108  18  ASN A O   
152 C CB  . ASN A 19  ? 0.9178 1.2630 1.4613 0.2380  0.1540  0.2564  18  ASN A CB  
153 C CG  . ASN A 19  ? 1.1089 1.5215 1.7142 0.2462  0.1552  0.2713  18  ASN A CG  
154 O OD1 . ASN A 19  ? 1.1348 1.6043 1.7575 0.2223  0.1545  0.2779  18  ASN A OD1 
155 N ND2 . ASN A 19  ? 1.2322 1.6369 1.8728 0.2792  0.1557  0.2771  18  ASN A ND2 
156 N N   . SER A 20  ? 0.8960 1.3106 1.4879 0.2019  0.0497  0.3414  19  SER A N   
157 C CA  . SER A 20  ? 1.0928 1.5221 1.7178 0.2102  0.0173  0.3747  19  SER A CA  
158 C C   . SER A 20  ? 1.1920 1.6987 1.8565 0.1862  -0.0099 0.3962  19  SER A C   
159 O O   . SER A 20  ? 1.2168 1.7546 1.8679 0.1554  -0.0153 0.3903  19  SER A O   
160 C CB  . SER A 20  ? 1.0875 1.4696 1.6590 0.1966  -0.0116 0.3911  19  SER A CB  
161 O OG  . SER A 20  ? 1.1348 1.4379 1.6719 0.2145  0.0096  0.3734  19  SER A OG  
162 N N   . PRO A 21  ? 1.1942 1.7290 1.9078 0.1986  -0.0292 0.4205  20  PRO A N   
163 C CA  . PRO A 21  ? 1.1489 1.7537 1.9022 0.1748  -0.0594 0.4430  20  PRO A CA  
164 C C   . PRO A 21  ? 1.1153 1.7254 1.8170 0.1304  -0.1034 0.4550  20  PRO A C   
165 O O   . PRO A 21  ? 1.0667 1.7255 1.7873 0.1025  -0.1310 0.4673  20  PRO A O   
166 C CB  . PRO A 21  ? 1.1265 1.7430 1.9321 0.2015  -0.0744 0.4676  20  PRO A CB  
167 C CG  . PRO A 21  ? 1.1506 1.7154 1.9616 0.2452  -0.0380 0.4488  20  PRO A CG  
168 C CD  . PRO A 21  ? 1.1558 1.6560 1.8941 0.2371  -0.0230 0.4261  20  PRO A CD  
169 N N   . HIS A 22  ? 1.0763 1.6327 1.7084 0.1233  -0.1097 0.4497  21  HIS A N   
170 C CA  . HIS A 22  ? 0.9743 1.5256 1.5391 0.0841  -0.1486 0.4563  21  HIS A CA  
171 C C   . HIS A 22  ? 0.9132 1.4533 1.4259 0.0564  -0.1387 0.4260  21  HIS A C   
172 O O   . HIS A 22  ? 0.8005 1.3055 1.2291 0.0275  -0.1556 0.4138  21  HIS A O   
173 C CB  . HIS A 22  ? 0.9834 1.4799 1.4902 0.0882  -0.1608 0.4686  21  HIS A CB  
174 C CG  . HIS A 22  ? 1.0706 1.5684 1.6168 0.1082  -0.1756 0.4955  21  HIS A CG  
175 N ND1 . HIS A 22  ? 1.1623 1.6895 1.7076 0.0891  -0.2176 0.5200  21  HIS A ND1 
176 C CD2 . HIS A 22  ? 1.1120 1.5827 1.6992 0.1460  -0.1559 0.5001  21  HIS A CD2 
177 C CE1 . HIS A 22  ? 1.2581 1.7805 1.8462 0.1151  -0.2234 0.5422  21  HIS A CE1 
178 N NE2 . HIS A 22  ? 1.2503 1.7371 1.8641 0.1501  -0.1867 0.5297  21  HIS A NE2 
179 N N   . GLU A 23  ? 0.9466 1.5016 1.4943 0.0625  -0.1045 0.4048  22  GLU A N   
180 C CA  . GLU A 23  ? 0.9825 1.5179 1.4790 0.0310  -0.0941 0.3711  22  GLU A CA  
181 C C   . GLU A 23  ? 1.1104 1.6878 1.6085 -0.0084 -0.1377 0.3818  22  GLU A C   
182 O O   . GLU A 23  ? 1.1295 1.7751 1.7052 -0.0099 -0.1571 0.4098  22  GLU A O   
183 C CB  . GLU A 23  ? 0.8919 1.4375 1.4265 0.0459  -0.0497 0.3529  22  GLU A CB  
184 C CG  . GLU A 23  ? 0.7929 1.2827 1.3067 0.0793  -0.0088 0.3327  22  GLU A CG  
185 C CD  . GLU A 23  ? 0.8181 1.3173 1.3571 0.0932  0.0343  0.3139  22  GLU A CD  
186 O OE1 . GLU A 23  ? 0.7015 1.2320 1.2483 0.0678  0.0358  0.3095  22  GLU A OE1 
187 O OE2 . GLU A 23  ? 0.8235 1.2952 1.3704 0.1284  0.0656  0.3039  22  GLU A OE2 
188 N N   . ASP A 24  ? 1.1703 1.7042 1.5824 -0.0400 -0.1532 0.3578  23  ASP A N   
189 C CA  . ASP A 24  ? 1.1756 1.7309 1.5685 -0.0788 -0.2008 0.3629  23  ASP A CA  
190 C C   . ASP A 24  ? 1.1235 1.6247 1.4359 -0.1071 -0.1978 0.3221  23  ASP A C   
191 O O   . ASP A 24  ? 1.1147 1.5634 1.3424 -0.1105 -0.1975 0.3019  23  ASP A O   
192 C CB  . ASP A 24  ? 1.1711 1.7264 1.5280 -0.0820 -0.2405 0.3862  23  ASP A CB  
193 C CG  . ASP A 24  ? 1.1963 1.7755 1.5371 -0.1204 -0.2944 0.3938  23  ASP A CG  
194 O OD1 . ASP A 24  ? 1.1990 1.7730 1.5094 -0.1237 -0.3218 0.4094  23  ASP A OD1 
195 O OD2 . ASP A 24  ? 1.2492 1.8356 1.5990 -0.1477 -0.3027 0.3775  23  ASP A OD2 
196 N N   . GLU A 25  ? 1.0471 1.5630 1.3894 -0.1268 -0.1954 0.3122  24  GLU A N   
197 C CA  . GLU A 25  ? 1.0011 1.4626 1.2785 -0.1509 -0.1928 0.2749  24  GLU A CA  
198 C C   . GLU A 25  ? 0.9952 1.4191 1.1869 -0.1760 -0.2315 0.2576  24  GLU A C   
199 O O   . GLU A 25  ? 1.0082 1.3726 1.1270 -0.1828 -0.2227 0.2219  24  GLU A O   
200 C CB  . GLU A 25  ? 1.0185 1.5090 1.3506 -0.1745 -0.1959 0.2783  24  GLU A CB  
201 C CG  . GLU A 25  ? 1.1274 1.5583 1.4094 -0.1897 -0.1815 0.2434  24  GLU A CG  
202 C CD  . GLU A 25  ? 1.2459 1.7068 1.5859 -0.2149 -0.1838 0.2545  24  GLU A CD  
203 O OE1 . GLU A 25  ? 1.2516 1.7698 1.6506 -0.2377 -0.2161 0.2823  24  GLU A OE1 
204 O OE2 . GLU A 25  ? 1.3217 1.7515 1.6505 -0.2138 -0.1549 0.2389  24  GLU A OE2 
205 N N   . SER A 26  ? 1.0013 1.4606 1.2006 -0.1878 -0.2745 0.2831  25  SER A N   
206 C CA  . SER A 26  ? 1.0992 1.5249 1.2083 -0.2114 -0.3134 0.2676  25  SER A CA  
207 C C   . SER A 26  ? 1.1048 1.4838 1.1296 -0.1910 -0.2897 0.2516  25  SER A C   
208 O O   . SER A 26  ? 1.0911 1.4158 1.0329 -0.1991 -0.2833 0.2142  25  SER A O   
209 C CB  . SER A 26  ? 1.1825 1.6561 1.3193 -0.2272 -0.3639 0.3012  25  SER A CB  
210 O OG  . SER A 26  ? 1.3282 1.7561 1.3695 -0.2506 -0.3957 0.2774  25  SER A OG  
211 N N   . GLU A 27  ? 1.0964 1.4974 1.1472 -0.1642 -0.2759 0.2814  26  GLU A N   
212 C CA  . GLU A 27  ? 1.1164 1.4812 1.0955 -0.1489 -0.2565 0.2766  26  GLU A CA  
213 C C   . GLU A 27  ? 0.9982 1.3287 0.9796 -0.1245 -0.2021 0.2569  26  GLU A C   
214 O O   . GLU A 27  ? 0.9454 1.2379 0.8586 -0.1206 -0.1822 0.2385  26  GLU A O   
215 C CB  . GLU A 27  ? 1.2285 1.6254 1.2277 -0.1361 -0.2755 0.3226  26  GLU A CB  
216 C CG  . GLU A 27  ? 1.2769 1.7056 1.3776 -0.1049 -0.2543 0.3519  26  GLU A CG  
217 C CD  . GLU A 27  ? 1.4001 1.8415 1.5118 -0.0867 -0.2673 0.3947  26  GLU A CD  
218 O OE1 . GLU A 27  ? 1.4955 1.9357 1.5547 -0.1031 -0.2999 0.4065  26  GLU A OE1 
219 O OE2 . GLU A 27  ? 1.3924 1.8335 1.5619 -0.0554 -0.2403 0.4099  26  GLU A OE2 
220 N N   . ASP A 28  ? 0.8283 1.1754 0.8872 -0.1089 -0.1783 0.2614  27  ASP A N   
221 C CA  . ASP A 28  ? 0.8065 1.1225 0.8706 -0.0860 -0.1320 0.2460  27  ASP A CA  
222 C C   . ASP A 28  ? 0.7806 1.0494 0.7846 -0.0958 -0.1141 0.2047  27  ASP A C   
223 O O   . ASP A 28  ? 0.6403 0.9025 0.6439 -0.1126 -0.1219 0.1846  27  ASP A O   
224 C CB  . ASP A 28  ? 0.8155 1.1574 0.9635 -0.0693 -0.1109 0.2545  27  ASP A CB  
225 C CG  . ASP A 28  ? 0.8368 1.2049 1.0425 -0.0410 -0.1061 0.2880  27  ASP A CG  
226 O OD1 . ASP A 28  ? 0.8010 1.1693 0.9865 -0.0379 -0.1252 0.3104  27  ASP A OD1 
227 O OD2 . ASP A 28  ? 0.6614 1.0478 0.9303 -0.0210 -0.0828 0.2921  27  ASP A OD2 
228 N N   . ARG A 29  ? 0.6601 0.8971 0.6184 -0.0851 -0.0913 0.1948  28  ARG A N   
229 C CA  . ARG A 29  ? 0.6269 0.8247 0.5452 -0.0864 -0.0682 0.1585  28  ARG A CA  
230 C C   . ARG A 29  ? 0.7102 0.8927 0.6600 -0.0658 -0.0329 0.1574  28  ARG A C   
231 O O   . ARG A 29  ? 0.7157 0.8948 0.6668 -0.0532 -0.0208 0.1742  28  ARG A O   
232 C CB  . ARG A 29  ? 0.6746 0.8535 0.5136 -0.0926 -0.0692 0.1455  28  ARG A CB  
233 C CG  . ARG A 29  ? 0.7295 0.9190 0.5233 -0.1129 -0.1075 0.1469  28  ARG A CG  
234 C CD  . ARG A 29  ? 0.9074 1.0890 0.6227 -0.1142 -0.1047 0.1469  28  ARG A CD  
235 N NE  . ARG A 29  ? 0.9212 1.0699 0.5741 -0.1154 -0.0878 0.1048  28  ARG A NE  
236 C CZ  . ARG A 29  ? 1.1286 1.2602 0.7145 -0.1301 -0.1099 0.0788  28  ARG A CZ  
237 N NH1 . ARG A 29  ? 1.2497 1.3957 0.8221 -0.1492 -0.1534 0.0926  28  ARG A NH1 
238 N NH2 . ARG A 29  ? 1.2422 1.3413 0.7757 -0.1249 -0.0903 0.0380  28  ARG A NH2 
239 N N   . ILE A 30  ? 0.5296 0.6997 0.5024 -0.0650 -0.0194 0.1388  29  ILE A N   
240 C CA  . ILE A 30  ? 0.4710 0.6246 0.4693 -0.0480 0.0094  0.1357  29  ILE A CA  
241 C C   . ILE A 30  ? 0.5479 0.6671 0.5118 -0.0490 0.0257  0.1077  29  ILE A C   
242 O O   . ILE A 30  ? 0.5515 0.6578 0.4958 -0.0600 0.0191  0.0862  29  ILE A O   
243 C CB  . ILE A 30  ? 0.5152 0.6829 0.5630 -0.0445 0.0154  0.1384  29  ILE A CB  
244 C CG1 . ILE A 30  ? 0.5356 0.7480 0.6305 -0.0410 0.0004  0.1674  29  ILE A CG1 
245 C CG2 . ILE A 30  ? 0.5245 0.6693 0.5854 -0.0271 0.0434  0.1317  29  ILE A CG2 
246 C CD1 . ILE A 30  ? 0.5326 0.7743 0.6445 -0.0628 -0.0237 0.1705  29  ILE A CD1 
247 N N   . TYR A 31  ? 0.5319 0.6358 0.4937 -0.0378 0.0449  0.1094  30  TYR A N   
248 C CA  . TYR A 31  ? 0.5038 0.5832 0.4460 -0.0371 0.0605  0.0872  30  TYR A CA  
249 C C   . TYR A 31  ? 0.5031 0.5649 0.4725 -0.0267 0.0769  0.0876  30  TYR A C   
250 O O   . TYR A 31  ? 0.5276 0.5885 0.5158 -0.0182 0.0810  0.1054  30  TYR A O   
251 C CB  . TYR A 31  ? 0.5250 0.6073 0.4318 -0.0386 0.0664  0.0892  30  TYR A CB  
252 C CG  . TYR A 31  ? 0.5492 0.6411 0.4102 -0.0483 0.0525  0.0812  30  TYR A CG  
253 C CD1 . TYR A 31  ? 0.6027 0.6798 0.4337 -0.0507 0.0544  0.0504  30  TYR A CD1 
254 C CD2 . TYR A 31  ? 0.5342 0.6464 0.3792 -0.0541 0.0354  0.1036  30  TYR A CD2 
255 C CE1 . TYR A 31  ? 0.6697 0.7471 0.4494 -0.0584 0.0413  0.0375  30  TYR A CE1 
256 C CE2 . TYR A 31  ? 0.5837 0.7008 0.3760 -0.0648 0.0195  0.0941  30  TYR A CE2 
257 C CZ  . TYR A 31  ? 0.7299 0.8272 0.4865 -0.0669 0.0233  0.0588  30  TYR A CZ  
258 O OH  . TYR A 31  ? 0.7647 0.8586 0.4598 -0.0765 0.0072  0.0437  30  TYR A OH  
259 N N   . TRP A 32  ? 0.5183 0.5610 0.4872 -0.0275 0.0833  0.0676  31  TRP A N   
260 C CA  . TRP A 32  ? 0.4304 0.4519 0.4119 -0.0212 0.0954  0.0640  31  TRP A CA  
261 C C   . TRP A 32  ? 0.5045 0.5202 0.4747 -0.0234 0.1020  0.0534  31  TRP A C   
262 O O   . TRP A 32  ? 0.4883 0.5049 0.4440 -0.0259 0.0998  0.0373  31  TRP A O   
263 C CB  . TRP A 32  ? 0.4033 0.4110 0.3933 -0.0207 0.0960  0.0537  31  TRP A CB  
264 C CG  . TRP A 32  ? 0.4456 0.4604 0.4544 -0.0133 0.0998  0.0650  31  TRP A CG  
265 C CD1 . TRP A 32  ? 0.4483 0.4885 0.4715 -0.0155 0.0948  0.0737  31  TRP A CD1 
266 C CD2 . TRP A 32  ? 0.4680 0.4657 0.4863 -0.0010 0.1101  0.0682  31  TRP A CD2 
267 N NE1 . TRP A 32  ? 0.4492 0.4959 0.4948 -0.0020 0.1057  0.0828  31  TRP A NE1 
268 C CE2 . TRP A 32  ? 0.5117 0.5274 0.5500 0.0084  0.1153  0.0771  31  TRP A CE2 
269 C CE3 . TRP A 32  ? 0.5090 0.4765 0.5223 0.0023  0.1143  0.0639  31  TRP A CE3 
270 C CZ2 . TRP A 32  ? 0.4768 0.4778 0.5251 0.0258  0.1278  0.0777  31  TRP A CZ2 
271 C CZ3 . TRP A 32  ? 0.5028 0.4486 0.5223 0.0155  0.1218  0.0642  31  TRP A CZ3 
272 C CH2 . TRP A 32  ? 0.5250 0.4855 0.5592 0.0295  0.1301  0.0691  31  TRP A CH2 
273 N N   . GLN A 33  ? 0.4557 0.4658 0.4364 -0.0222 0.1097  0.0631  32  GLN A N   
274 C CA  . GLN A 33  ? 0.4900 0.5062 0.4716 -0.0250 0.1181  0.0584  32  GLN A CA  
275 C C   . GLN A 33  ? 0.4783 0.4755 0.4830 -0.0269 0.1191  0.0604  32  GLN A C   
276 O O   . GLN A 33  ? 0.5470 0.5228 0.5587 -0.0256 0.1154  0.0679  32  GLN A O   
277 C CB  . GLN A 33  ? 0.5026 0.5420 0.4719 -0.0286 0.1257  0.0757  32  GLN A CB  
278 C CG  . GLN A 33  ? 0.6410 0.6963 0.5790 -0.0292 0.1195  0.0770  32  GLN A CG  
279 C CD  . GLN A 33  ? 0.7478 0.8260 0.6627 -0.0340 0.1273  0.0957  32  GLN A CD  
280 O OE1 . GLN A 33  ? 0.6653 0.7595 0.5720 -0.0349 0.1433  0.0908  32  GLN A OE1 
281 N NE2 . GLN A 33  ? 0.6388 0.7218 0.5449 -0.0366 0.1167  0.1195  32  GLN A NE2 
282 N N   . LYS A 34  ? 0.5022 0.5074 0.5196 -0.0293 0.1232  0.0530  33  LYS A N   
283 C CA  . LYS A 34  ? 0.4837 0.4764 0.5263 -0.0356 0.1197  0.0566  33  LYS A CA  
284 C C   . LYS A 34  ? 0.5381 0.5641 0.6024 -0.0403 0.1309  0.0641  33  LYS A C   
285 O O   . LYS A 34  ? 0.4942 0.5414 0.5631 -0.0333 0.1374  0.0510  33  LYS A O   
286 C CB  . LYS A 34  ? 0.5707 0.5416 0.6149 -0.0335 0.1079  0.0395  33  LYS A CB  
287 C CG  . LYS A 34  ? 0.6397 0.5911 0.7024 -0.0423 0.0970  0.0415  33  LYS A CG  
288 C CD  . LYS A 34  ? 0.7620 0.6990 0.8220 -0.0409 0.0836  0.0271  33  LYS A CD  
289 C CE  . LYS A 34  ? 0.7990 0.7152 0.8716 -0.0519 0.0668  0.0284  33  LYS A CE  
290 N NZ  . LYS A 34  ? 0.8383 0.7859 0.9555 -0.0600 0.0660  0.0387  33  LYS A NZ  
291 N N   . HIS A 35  ? 0.4853 0.5168 0.5649 -0.0514 0.1346  0.0863  34  HIS A N   
292 C CA  . HIS A 35  ? 0.5378 0.6095 0.6439 -0.0589 0.1488  0.0999  34  HIS A CA  
293 C C   . HIS A 35  ? 0.5327 0.6403 0.6135 -0.0485 0.1684  0.0939  34  HIS A C   
294 O O   . HIS A 35  ? 0.6000 0.7036 0.6442 -0.0461 0.1695  0.0979  34  HIS A O   
295 C CB  . HIS A 35  ? 0.4755 0.5560 0.6224 -0.0619 0.1423  0.0921  34  HIS A CB  
296 C CG  . HIS A 35  ? 0.4765 0.6011 0.6669 -0.0741 0.1548  0.1131  34  HIS A CG  
297 N ND1 . HIS A 35  ? 0.5378 0.6589 0.7453 -0.0949 0.1522  0.1415  34  HIS A ND1 
298 C CD2 . HIS A 35  ? 0.5115 0.6873 0.7369 -0.0686 0.1708  0.1117  34  HIS A CD2 
299 C CE1 . HIS A 35  ? 0.5724 0.7448 0.8244 -0.1054 0.1664  0.1596  34  HIS A CE1 
300 N NE2 . HIS A 35  ? 0.6101 0.8203 0.8756 -0.0878 0.1796  0.1412  34  HIS A NE2 
301 N N   . ASP A 36  ? 0.5128 0.6540 0.6121 -0.0407 0.1822  0.0825  35  ASP A N   
302 C CA  . ASP A 36  ? 0.5374 0.7082 0.6056 -0.0285 0.2032  0.0715  35  ASP A CA  
303 C C   . ASP A 36  ? 0.5398 0.6873 0.5803 -0.0119 0.1949  0.0386  35  ASP A C   
304 O O   . ASP A 36  ? 0.5710 0.7356 0.5929 0.0021  0.2099  0.0196  35  ASP A O   
305 C CB  . ASP A 36  ? 0.5303 0.7563 0.6310 -0.0255 0.2304  0.0778  35  ASP A CB  
306 C CG  . ASP A 36  ? 0.6089 0.8451 0.7690 -0.0200 0.2246  0.0691  35  ASP A CG  
307 O OD1 . ASP A 36  ? 0.5497 0.7469 0.7130 -0.0156 0.2005  0.0529  35  ASP A OD1 
308 O OD2 . ASP A 36  ? 0.6377 0.9253 0.8430 -0.0207 0.2442  0.0813  35  ASP A OD2 
309 N N   . LYS A 37  ? 0.5149 0.6219 0.5508 -0.0140 0.1717  0.0320  36  LYS A N   
310 C CA  . LYS A 37  ? 0.4944 0.5754 0.5078 -0.0042 0.1601  0.0068  36  LYS A CA  
311 C C   . LYS A 37  ? 0.5262 0.5839 0.5076 -0.0109 0.1457  0.0106  36  LYS A C   
312 O O   . LYS A 37  ? 0.5287 0.5755 0.5179 -0.0189 0.1384  0.0277  36  LYS A O   
313 C CB  . LYS A 37  ? 0.6024 0.6625 0.6465 -0.0008 0.1454  -0.0027 36  LYS A CB  
314 C CG  . LYS A 37  ? 0.8990 0.9860 0.9903 0.0039  0.1531  -0.0002 36  LYS A CG  
315 C CD  . LYS A 37  ? 1.0734 1.1363 1.1914 0.0021  0.1308  -0.0023 36  LYS A CD  
316 C CE  . LYS A 37  ? 1.1222 1.1566 1.2309 -0.0143 0.1152  0.0109  36  LYS A CE  
317 N NZ  . LYS A 37  ? 1.0070 1.0571 1.1412 -0.0279 0.1185  0.0310  36  LYS A NZ  
318 N N   . VAL A 38  ? 0.5185 0.5676 0.4673 -0.0069 0.1404  -0.0060 37  VAL A N   
319 C CA  . VAL A 38  ? 0.4852 0.5179 0.4154 -0.0145 0.1234  -0.0020 37  VAL A CA  
320 C C   . VAL A 38  ? 0.4880 0.4926 0.4312 -0.0148 0.1088  -0.0131 37  VAL A C   
321 O O   . VAL A 38  ? 0.5181 0.5096 0.4646 -0.0079 0.1068  -0.0316 37  VAL A O   
322 C CB  . VAL A 38  ? 0.5389 0.5768 0.4254 -0.0159 0.1195  -0.0110 37  VAL A CB  
323 C CG1 . VAL A 38  ? 0.5743 0.6026 0.4538 -0.0260 0.0983  -0.0038 37  VAL A CG1 
324 C CG2 . VAL A 38  ? 0.5630 0.6305 0.4285 -0.0170 0.1351  0.0041  37  VAL A CG2 
325 N N   . VAL A 39  ? 0.4424 0.4383 0.3938 -0.0213 0.1000  -0.0006 38  VAL A N   
326 C CA  . VAL A 39  ? 0.4639 0.4373 0.4228 -0.0244 0.0886  -0.0060 38  VAL A CA  
327 C C   . VAL A 39  ? 0.5854 0.5531 0.5285 -0.0322 0.0751  -0.0111 38  VAL A C   
328 O O   . VAL A 39  ? 0.5718 0.5178 0.5102 -0.0340 0.0648  -0.0250 38  VAL A O   
329 C CB  . VAL A 39  ? 0.4983 0.4666 0.4701 -0.0266 0.0899  0.0081  38  VAL A CB  
330 C CG1 . VAL A 39  ? 0.4686 0.4178 0.4400 -0.0315 0.0811  0.0054  38  VAL A CG1 
331 C CG2 . VAL A 39  ? 0.4829 0.4487 0.4684 -0.0231 0.0972  0.0124  38  VAL A CG2 
332 N N   . LEU A 40  ? 0.4775 0.4639 0.4165 -0.0378 0.0720  0.0021  39  LEU A N   
333 C CA  . LEU A 40  ? 0.4849 0.4725 0.4137 -0.0493 0.0550  0.0006  39  LEU A CA  
334 C C   . LEU A 40  ? 0.5150 0.5290 0.4336 -0.0524 0.0504  0.0134  39  LEU A C   
335 O O   . LEU A 40  ? 0.5218 0.5519 0.4471 -0.0453 0.0612  0.0286  39  LEU A O   
336 C CB  . LEU A 40  ? 0.4784 0.4650 0.4292 -0.0585 0.0486  0.0118  39  LEU A CB  
337 C CG  . LEU A 40  ? 0.5370 0.5452 0.5120 -0.0538 0.0601  0.0322  39  LEU A CG  
338 C CD1 . LEU A 40  ? 0.5148 0.5566 0.5035 -0.0567 0.0537  0.0497  39  LEU A CD1 
339 C CD2 . LEU A 40  ? 0.5120 0.5125 0.4990 -0.0590 0.0624  0.0365  39  LEU A CD2 
340 N N   . SER A 41  ? 0.5355 0.5503 0.4374 -0.0648 0.0305  0.0086  40  SER A N   
341 C CA  . SER A 41  ? 0.5759 0.6175 0.4693 -0.0713 0.0179  0.0243  40  SER A CA  
342 C C   . SER A 41  ? 0.5932 0.6467 0.5072 -0.0887 -0.0058 0.0340  40  SER A C   
343 O O   . SER A 41  ? 0.5458 0.5783 0.4641 -0.0999 -0.0157 0.0229  40  SER A O   
344 C CB  . SER A 41  ? 0.6219 0.6576 0.4629 -0.0719 0.0134  0.0086  40  SER A CB  
345 O OG  . SER A 41  ? 0.6789 0.6876 0.4918 -0.0829 -0.0060 -0.0161 40  SER A OG  
346 N N   . VAL A 42  ? 0.5766 0.6653 0.5082 -0.0921 -0.0163 0.0583  41  VAL A N   
347 C CA  . VAL A 42  ? 0.5341 0.6459 0.4913 -0.1110 -0.0423 0.0716  41  VAL A CA  
348 C C   . VAL A 42  ? 0.5106 0.6427 0.4449 -0.1195 -0.0675 0.0817  41  VAL A C   
349 O O   . VAL A 42  ? 0.5440 0.7029 0.4900 -0.1082 -0.0636 0.1043  41  VAL A O   
350 C CB  . VAL A 42  ? 0.4658 0.6138 0.4864 -0.1058 -0.0314 0.0977  41  VAL A CB  
351 C CG1 . VAL A 42  ? 0.4959 0.6814 0.5528 -0.1268 -0.0588 0.1168  41  VAL A CG1 
352 C CG2 . VAL A 42  ? 0.4651 0.5911 0.4969 -0.1018 -0.0102 0.0880  41  VAL A CG2 
353 N N   . ILE A 43  ? 0.5754 0.6891 0.4728 -0.1396 -0.0957 0.0645  42  ILE A N   
354 C CA  . ILE A 43  ? 0.7305 0.8569 0.5916 -0.1518 -0.1255 0.0699  42  ILE A CA  
355 C C   . ILE A 43  ? 0.6584 0.8003 0.5468 -0.1804 -0.1645 0.0788  42  ILE A C   
356 O O   . ILE A 43  ? 0.7758 0.8873 0.6640 -0.1960 -0.1744 0.0601  42  ILE A O   
357 C CB  . ILE A 43  ? 0.7567 0.8404 0.5332 -0.1514 -0.1264 0.0346  42  ILE A CB  
358 C CG1 . ILE A 43  ? 0.7738 0.8436 0.5346 -0.1256 -0.0846 0.0238  42  ILE A CG1 
359 C CG2 . ILE A 43  ? 0.7883 0.8857 0.5141 -0.1628 -0.1551 0.0419  42  ILE A CG2 
360 C CD1 . ILE A 43  ? 0.8535 0.9538 0.6156 -0.1128 -0.0699 0.0513  42  ILE A CD1 
361 N N   . ALA A 44  ? 0.7005 0.8901 0.6174 -0.1881 -0.1889 0.1101  43  ALA A N   
362 C CA  . ALA A 44  ? 0.7969 1.0167 0.7572 -0.2173 -0.2283 0.1271  43  ALA A CA  
363 C C   . ALA A 44  ? 0.7571 0.9881 0.7856 -0.2238 -0.2144 0.1345  43  ALA A C   
364 O O   . ALA A 44  ? 0.7339 0.9651 0.7827 -0.2542 -0.2434 0.1355  43  ALA A O   
365 C CB  . ALA A 44  ? 0.8561 1.0368 0.7489 -0.2463 -0.2709 0.1007  43  ALA A CB  
366 N N   . GLY A 45  ? 0.6850 0.9235 0.7448 -0.1972 -0.1711 0.1402  44  GLY A N   
367 C CA  . GLY A 45  ? 0.7116 0.9647 0.8285 -0.2001 -0.1520 0.1500  44  GLY A CA  
368 C C   . GLY A 45  ? 0.7250 0.9184 0.8077 -0.2080 -0.1435 0.1211  44  GLY A C   
369 O O   . GLY A 45  ? 0.7509 0.9493 0.8694 -0.2111 -0.1264 0.1294  44  GLY A O   
370 N N   . LYS A 46  ? 0.6187 0.7561 0.6310 -0.2095 -0.1549 0.0882  45  LYS A N   
371 C CA  . LYS A 46  ? 0.6094 0.6853 0.5904 -0.2141 -0.1516 0.0593  45  LYS A CA  
372 C C   . LYS A 46  ? 0.6417 0.6933 0.6001 -0.1826 -0.1130 0.0435  45  LYS A C   
373 O O   . LYS A 46  ? 0.5933 0.6436 0.5175 -0.1636 -0.1008 0.0341  45  LYS A O   
374 C CB  . LYS A 46  ? 0.7323 0.7577 0.6523 -0.2318 -0.1867 0.0285  45  LYS A CB  
375 C CG  . LYS A 46  ? 0.8896 0.8431 0.7758 -0.2310 -0.1852 -0.0049 45  LYS A CG  
376 C CD  . LYS A 46  ? 1.1203 1.0196 0.9450 -0.2477 -0.2220 -0.0385 45  LYS A CD  
377 C CE  . LYS A 46  ? 1.2578 1.0800 1.0573 -0.2454 -0.2242 -0.0713 45  LYS A CE  
378 N NZ  . LYS A 46  ? 1.4297 1.1894 1.1652 -0.2597 -0.2609 -0.1094 45  LYS A NZ  
379 N N   . LEU A 47  ? 0.6031 0.6380 0.5820 -0.1797 -0.0954 0.0437  46  LEU A N   
380 C CA  . LEU A 47  ? 0.5255 0.5417 0.4924 -0.1532 -0.0629 0.0329  46  LEU A CA  
381 C C   . LEU A 47  ? 0.6452 0.6039 0.5655 -0.1459 -0.0654 -0.0018 46  LEU A C   
382 O O   . LEU A 47  ? 0.6583 0.5770 0.5658 -0.1617 -0.0878 -0.0161 46  LEU A O   
383 C CB  . LEU A 47  ? 0.5209 0.5460 0.5258 -0.1542 -0.0458 0.0504  46  LEU A CB  
384 C CG  . LEU A 47  ? 0.6028 0.6054 0.5979 -0.1328 -0.0191 0.0415  46  LEU A CG  
385 C CD1 . LEU A 47  ? 0.5427 0.5657 0.5351 -0.1087 0.0033  0.0431  46  LEU A CD1 
386 C CD2 . LEU A 47  ? 0.6271 0.6364 0.6483 -0.1402 -0.0084 0.0598  46  LEU A CD2 
387 N N   . LYS A 48  ? 0.6405 0.5952 0.5397 -0.1215 -0.0425 -0.0142 47  LYS A N   
388 C CA  . LYS A 48  ? 0.6203 0.5312 0.4883 -0.1077 -0.0366 -0.0447 47  LYS A CA  
389 C C   . LYS A 48  ? 0.6458 0.5618 0.5308 -0.0869 -0.0084 -0.0413 47  LYS A C   
390 O O   . LYS A 48  ? 0.5712 0.5168 0.4601 -0.0758 0.0096  -0.0306 47  LYS A O   
391 C CB  . LYS A 48  ? 0.7387 0.6448 0.5571 -0.1002 -0.0381 -0.0666 47  LYS A CB  
392 C CG  . LYS A 48  ? 0.7478 0.6225 0.5405 -0.0779 -0.0217 -0.0975 47  LYS A CG  
393 C CD  . LYS A 48  ? 0.8882 0.7648 0.6247 -0.0704 -0.0180 -0.1184 47  LYS A CD  
394 C CE  . LYS A 48  ? 1.0983 0.9424 0.8085 -0.0471 -0.0024 -0.1546 47  LYS A CE  
395 N NZ  . LYS A 48  ? 1.1222 0.9858 0.8699 -0.0257 0.0281  -0.1474 47  LYS A NZ  
396 N N   . VAL A 49  ? 0.6089 0.4936 0.5046 -0.0835 -0.0082 -0.0482 48  VAL A N   
397 C CA  . VAL A 49  ? 0.6087 0.4968 0.5207 -0.0668 0.0123  -0.0446 48  VAL A CA  
398 C C   . VAL A 49  ? 0.6257 0.4925 0.5251 -0.0474 0.0194  -0.0700 48  VAL A C   
399 O O   . VAL A 49  ? 0.6335 0.4631 0.5190 -0.0461 0.0058  -0.0906 48  VAL A O   
400 C CB  . VAL A 49  ? 0.6000 0.4745 0.5334 -0.0754 0.0078  -0.0297 48  VAL A CB  
401 C CG1 . VAL A 49  ? 0.5295 0.4063 0.4742 -0.0610 0.0235  -0.0261 48  VAL A CG1 
402 C CG2 . VAL A 49  ? 0.6943 0.5981 0.6439 -0.0925 0.0061  -0.0050 48  VAL A CG2 
403 N N   . TRP A 50  ? 0.6228 0.5131 0.5295 -0.0320 0.0406  -0.0686 49  TRP A N   
404 C CA  . TRP A 50  ? 0.6494 0.5335 0.5545 -0.0118 0.0521  -0.0894 49  TRP A CA  
405 C C   . TRP A 50  ? 0.6619 0.5160 0.5916 -0.0040 0.0437  -0.0942 49  TRP A C   
406 O O   . TRP A 50  ? 0.6248 0.4743 0.5722 -0.0134 0.0362  -0.0759 49  TRP A O   
407 C CB  . TRP A 50  ? 0.6259 0.5498 0.5410 -0.0024 0.0762  -0.0800 49  TRP A CB  
408 C CG  . TRP A 50  ? 0.6605 0.6065 0.5418 0.0001  0.0879  -0.0862 49  TRP A CG  
409 C CD1 . TRP A 50  ? 0.8075 0.7736 0.6802 0.0154  0.1099  -0.0976 49  TRP A CD1 
410 C CD2 . TRP A 50  ? 0.6886 0.6420 0.5391 -0.0140 0.0779  -0.0788 49  TRP A CD2 
411 N NE1 . TRP A 50  ? 0.7831 0.7653 0.6125 0.0108  0.1149  -0.0979 49  TRP A NE1 
412 C CE2 . TRP A 50  ? 0.7637 0.7370 0.5794 -0.0074 0.0926  -0.0862 49  TRP A CE2 
413 C CE3 . TRP A 50  ? 0.6351 0.5857 0.4872 -0.0316 0.0580  -0.0642 49  TRP A CE3 
414 C CZ2 . TRP A 50  ? 0.6820 0.6666 0.4589 -0.0189 0.0834  -0.0795 49  TRP A CZ2 
415 C CZ3 . TRP A 50  ? 0.5920 0.5584 0.4161 -0.0418 0.0486  -0.0572 49  TRP A CZ3 
416 C CH2 . TRP A 50  ? 0.6805 0.6612 0.4647 -0.0359 0.0592  -0.0647 49  TRP A CH2 
417 N N   . PRO A 51  ? 0.6767 0.5099 0.6055 0.0145  0.0447  -0.1187 50  PRO A N   
418 C CA  . PRO A 51  ? 0.8010 0.5999 0.7551 0.0245  0.0313  -0.1231 50  PRO A CA  
419 C C   . PRO A 51  ? 0.7230 0.5363 0.7118 0.0230  0.0303  -0.0995 50  PRO A C   
420 O O   . PRO A 51  ? 0.7988 0.5831 0.7956 0.0147  0.0108  -0.0880 50  PRO A O   
421 C CB  . PRO A 51  ? 0.7886 0.5851 0.7454 0.0538  0.0452  -0.1521 50  PRO A CB  
422 C CG  . PRO A 51  ? 0.8271 0.6251 0.7353 0.0506  0.0523  -0.1710 50  PRO A CG  
423 C CD  . PRO A 51  ? 0.6894 0.5263 0.5881 0.0286  0.0573  -0.1450 50  PRO A CD  
424 N N   . GLU A 52  ? 0.6282 0.4839 0.6331 0.0279  0.0491  -0.0910 51  GLU A N   
425 C CA  . GLU A 52  ? 0.6642 0.5325 0.6970 0.0246  0.0457  -0.0717 51  GLU A CA  
426 C C   . GLU A 52  ? 0.7572 0.6116 0.7732 0.0030  0.0338  -0.0524 51  GLU A C   
427 O O   . GLU A 52  ? 0.6761 0.5228 0.7017 -0.0016 0.0232  -0.0394 51  GLU A O   
428 C CB  . GLU A 52  ? 0.8161 0.7300 0.8649 0.0279  0.0670  -0.0655 51  GLU A CB  
429 C CG  . GLU A 52  ? 1.0195 0.9452 1.0925 0.0201  0.0615  -0.0471 51  GLU A CG  
430 C CD  . GLU A 52  ? 1.1278 1.0907 1.2107 0.0160  0.0798  -0.0375 51  GLU A CD  
431 O OE1 . GLU A 52  ? 0.8868 0.8727 0.9615 0.0219  0.0990  -0.0436 51  GLU A OE1 
432 O OE2 . GLU A 52  ? 1.2948 1.2600 1.3894 0.0052  0.0734  -0.0235 51  GLU A OE2 
433 N N   . TYR A 53  ? 0.6062 0.4605 0.5968 -0.0097 0.0358  -0.0503 52  TYR A N   
434 C CA  . TYR A 53  ? 0.5795 0.4339 0.5589 -0.0267 0.0328  -0.0318 52  TYR A CA  
435 C C   . TYR A 53  ? 0.6638 0.4933 0.6310 -0.0413 0.0175  -0.0272 52  TYR A C   
436 O O   . TYR A 53  ? 0.6333 0.4674 0.5941 -0.0554 0.0174  -0.0100 52  TYR A O   
437 C CB  . TYR A 53  ? 0.5593 0.4448 0.5321 -0.0299 0.0488  -0.0252 52  TYR A CB  
438 C CG  . TYR A 53  ? 0.5820 0.4863 0.5679 -0.0223 0.0609  -0.0219 52  TYR A CG  
439 C CD1 . TYR A 53  ? 0.5466 0.4734 0.5395 -0.0137 0.0733  -0.0281 52  TYR A CD1 
440 C CD2 . TYR A 53  ? 0.5587 0.4567 0.5475 -0.0261 0.0589  -0.0123 52  TYR A CD2 
441 C CE1 . TYR A 53  ? 0.5764 0.5212 0.5871 -0.0115 0.0828  -0.0206 52  TYR A CE1 
442 C CE2 . TYR A 53  ? 0.5981 0.5075 0.6008 -0.0233 0.0649  -0.0092 52  TYR A CE2 
443 C CZ  . TYR A 53  ? 0.5355 0.4692 0.5534 -0.0173 0.0763  -0.0114 52  TYR A CZ  
444 O OH  . TYR A 53  ? 0.5524 0.4982 0.5893 -0.0193 0.0806  -0.0036 52  TYR A OH  
445 N N   . LYS A 54  ? 0.6315 0.4346 0.5962 -0.0382 0.0054  -0.0423 53  LYS A N   
446 C CA  . LYS A 54  ? 0.6307 0.4038 0.5878 -0.0562 -0.0139 -0.0360 53  LYS A CA  
447 C C   . LYS A 54  ? 0.7650 0.5179 0.7276 -0.0630 -0.0246 -0.0168 53  LYS A C   
448 O O   . LYS A 54  ? 0.8091 0.5511 0.7828 -0.0485 -0.0283 -0.0196 53  LYS A O   
449 C CB  . LYS A 54  ? 0.7074 0.4417 0.6583 -0.0495 -0.0287 -0.0597 53  LYS A CB  
450 C CG  . LYS A 54  ? 0.8816 0.6295 0.8126 -0.0469 -0.0222 -0.0796 53  LYS A CG  
451 C CD  . LYS A 54  ? 1.0578 0.7556 0.9727 -0.0412 -0.0394 -0.1075 53  LYS A CD  
452 C CE  . LYS A 54  ? 1.1498 0.8591 1.0328 -0.0348 -0.0314 -0.1322 53  LYS A CE  
453 N NZ  . LYS A 54  ? 1.1656 0.8992 1.0346 -0.0606 -0.0394 -0.1181 53  LYS A NZ  
454 N N   . ASN A 55  ? 0.7046 0.4584 0.6602 -0.0855 -0.0291 0.0050  54  ASN A N   
455 C CA  . ASN A 55  ? 0.6812 0.4169 0.6314 -0.0968 -0.0385 0.0279  54  ASN A CA  
456 C C   . ASN A 55  ? 0.6915 0.4505 0.6313 -0.0919 -0.0236 0.0376  54  ASN A C   
457 O O   . ASN A 55  ? 0.7269 0.4729 0.6515 -0.1013 -0.0302 0.0564  54  ASN A O   
458 C CB  . ASN A 55  ? 0.7318 0.4170 0.6889 -0.0904 -0.0633 0.0247  54  ASN A CB  
459 C CG  . ASN A 55  ? 0.9064 0.5543 0.8676 -0.0965 -0.0814 0.0125  54  ASN A CG  
460 O OD1 . ASN A 55  ? 0.9949 0.6491 0.9517 -0.1184 -0.0837 0.0199  54  ASN A OD1 
461 N ND2 . ASN A 55  ? 1.0166 0.6249 0.9885 -0.0764 -0.0956 -0.0068 54  ASN A ND2 
462 N N   . ARG A 56  ? 0.5773 0.3665 0.5207 -0.0786 -0.0053 0.0255  55  ARG A N   
463 C CA  . ARG A 56  ? 0.5893 0.3923 0.5192 -0.0758 0.0064  0.0318  55  ARG A CA  
464 C C   . ARG A 56  ? 0.5480 0.3848 0.4756 -0.0737 0.0296  0.0312  55  ARG A C   
465 O O   . ARG A 56  ? 0.5631 0.4061 0.4792 -0.0680 0.0402  0.0305  55  ARG A O   
466 C CB  . ARG A 56  ? 0.7641 0.5588 0.7032 -0.0617 -0.0015 0.0226  55  ARG A CB  
467 C CG  . ARG A 56  ? 0.6227 0.4347 0.5875 -0.0459 0.0060  0.0046  55  ARG A CG  
468 C CD  . ARG A 56  ? 0.6338 0.4448 0.6173 -0.0356 -0.0032 0.0017  55  ARG A CD  
469 N NE  . ARG A 56  ? 0.5776 0.3861 0.5410 -0.0437 -0.0054 0.0112  55  ARG A NE  
470 C CZ  . ARG A 56  ? 0.6270 0.4504 0.5928 -0.0422 0.0037  0.0076  55  ARG A CZ  
471 N NH1 . ARG A 56  ? 0.5866 0.4341 0.5783 -0.0339 0.0164  -0.0003 55  ARG A NH1 
472 N NH2 . ARG A 56  ? 0.6768 0.4870 0.6149 -0.0500 -0.0013 0.0121  55  ARG A NH2 
473 N N   . THR A 57  ? 0.6146 0.4703 0.5536 -0.0785 0.0344  0.0317  56  THR A N   
474 C CA  . THR A 57  ? 0.5228 0.4125 0.4670 -0.0747 0.0535  0.0350  56  THR A CA  
475 C C   . THR A 57  ? 0.6289 0.5417 0.5846 -0.0893 0.0551  0.0498  56  THR A C   
476 O O   . THR A 57  ? 0.6210 0.5207 0.5814 -0.1043 0.0382  0.0537  56  THR A O   
477 C CB  . THR A 57  ? 0.5611 0.4640 0.5166 -0.0627 0.0573  0.0222  56  THR A CB  
478 O OG1 . THR A 57  ? 0.5989 0.4955 0.5586 -0.0671 0.0440  0.0138  56  THR A OG1 
479 C CG2 . THR A 57  ? 0.5471 0.4387 0.5017 -0.0505 0.0587  0.0119  56  THR A CG2 
480 N N   . LEU A 58  ? 0.5414 0.4880 0.5056 -0.0847 0.0741  0.0587  57  LEU A N   
481 C CA  . LEU A 58  ? 0.5303 0.5134 0.5190 -0.0967 0.0770  0.0755  57  LEU A CA  
482 C C   . LEU A 58  ? 0.4815 0.4975 0.4906 -0.0827 0.0869  0.0750  57  LEU A C   
483 O O   . LEU A 58  ? 0.5535 0.5618 0.5540 -0.0645 0.0967  0.0650  57  LEU A O   
484 C CB  . LEU A 58  ? 0.5115 0.5130 0.4984 -0.1047 0.0935  0.0948  57  LEU A CB  
485 C CG  . LEU A 58  ? 0.5842 0.5558 0.5499 -0.1231 0.0822  0.1044  57  LEU A CG  
486 C CD1 . LEU A 58  ? 0.5929 0.5933 0.5542 -0.1317 0.1042  0.1271  57  LEU A CD1 
487 C CD2 . LEU A 58  ? 0.6382 0.5921 0.6190 -0.1439 0.0539  0.1079  57  LEU A CD2 
488 N N   . TYR A 59  ? 0.4591 0.5104 0.4975 -0.0930 0.0806  0.0883  58  TYR A N   
489 C CA  . TYR A 59  ? 0.5100 0.5961 0.5724 -0.0805 0.0855  0.0936  58  TYR A CA  
490 C C   . TYR A 59  ? 0.4745 0.6108 0.5744 -0.0800 0.1019  0.1155  58  TYR A C   
491 O O   . TYR A 59  ? 0.4611 0.6178 0.5792 -0.1012 0.0966  0.1309  58  TYR A O   
492 C CB  . TYR A 59  ? 0.5399 0.6308 0.6075 -0.0930 0.0595  0.0918  58  TYR A CB  
493 C CG  . TYR A 59  ? 0.4512 0.5793 0.5426 -0.0833 0.0578  0.1025  58  TYR A CG  
494 C CD1 . TYR A 59  ? 0.4512 0.5701 0.5305 -0.0628 0.0664  0.0963  58  TYR A CD1 
495 C CD2 . TYR A 59  ? 0.4536 0.6268 0.5828 -0.0968 0.0443  0.1224  58  TYR A CD2 
496 C CE1 . TYR A 59  ? 0.4407 0.5895 0.5407 -0.0540 0.0616  0.1102  58  TYR A CE1 
497 C CE2 . TYR A 59  ? 0.4059 0.6143 0.5594 -0.0869 0.0383  0.1356  58  TYR A CE2 
498 C CZ  . TYR A 59  ? 0.4777 0.6711 0.6141 -0.0646 0.0471  0.1297  58  TYR A CZ  
499 O OH  . TYR A 59  ? 0.4730 0.6959 0.6311 -0.0548 0.0384  0.1463  58  TYR A OH  
500 N N   . ASP A 60  ? 0.4101 0.5668 0.5249 -0.0554 0.1225  0.1179  59  ASP A N   
501 C CA  . ASP A 60  ? 0.4655 0.6784 0.6248 -0.0485 0.1418  0.1383  59  ASP A CA  
502 C C   . ASP A 60  ? 0.3632 0.6195 0.5692 -0.0466 0.1264  0.1538  59  ASP A C   
503 O O   . ASP A 60  ? 0.4410 0.6919 0.6498 -0.0261 0.1256  0.1503  59  ASP A O   
504 C CB  . ASP A 60  ? 0.3996 0.6070 0.5484 -0.0189 0.1754  0.1303  59  ASP A CB  
505 C CG  . ASP A 60  ? 0.5576 0.8274 0.7597 -0.0016 0.1995  0.1486  59  ASP A CG  
506 O OD1 . ASP A 60  ? 0.5759 0.8952 0.8181 -0.0195 0.1935  0.1690  59  ASP A OD1 
507 O OD2 . ASP A 60  ? 0.6178 0.8835 0.8227 0.0305  0.2213  0.1402  59  ASP A OD2 
508 N N   . ASN A 61  ? 0.4151 0.7135 0.6584 -0.0709 0.1107  0.1737  60  ASN A N   
509 C CA  . ASN A 61  ? 0.3089 0.6480 0.5935 -0.0770 0.0856  0.1899  60  ASN A CA  
510 C C   . ASN A 61  ? 0.4420 0.8334 0.7806 -0.0481 0.1034  0.2071  60  ASN A C   
511 O O   . ASN A 61  ? 0.4992 0.9125 0.8631 -0.0422 0.0835  0.2184  60  ASN A O   
512 C CB  . ASN A 61  ? 0.4334 0.8059 0.7502 -0.1138 0.0623  0.2087  60  ASN A CB  
513 C CG  . ASN A 61  ? 0.5327 0.8469 0.8000 -0.1417 0.0391  0.1914  60  ASN A CG  
514 O OD1 . ASN A 61  ? 0.4386 0.7175 0.6726 -0.1481 0.0122  0.1752  60  ASN A OD1 
515 N ND2 . ASN A 61  ? 0.4517 0.7545 0.7124 -0.1572 0.0499  0.1956  60  ASN A ND2 
516 N N   . THR A 62  ? 0.3179 0.7292 0.6729 -0.0291 0.1409  0.2097  61  THR A N   
517 C CA  . THR A 62  ? 0.3238 0.7778 0.7279 0.0033  0.1603  0.2202  61  THR A CA  
518 C C   . THR A 62  ? 0.4898 0.9165 0.8869 0.0371  0.1667  0.2117  61  THR A C   
519 O O   . THR A 62  ? 0.4712 0.9334 0.9198 0.0590  0.1629  0.2282  61  THR A O   
520 C CB  . THR A 62  ? 0.3419 0.7973 0.7344 0.0161  0.1951  0.2105  61  THR A CB  
521 O OG1 . THR A 62  ? 0.4590 0.9479 0.8701 -0.0145 0.1877  0.2253  61  THR A OG1 
522 C CG2 . THR A 62  ? 0.8764 1.3602 1.3076 0.0555  0.2181  0.2125  61  THR A CG2 
523 N N   . THR A 63  ? 0.4215 0.7759 0.7508 0.0399  0.1702  0.1848  62  THR A N   
524 C CA  . THR A 63  ? 0.4044 0.7137 0.7137 0.0678  0.1738  0.1721  62  THR A CA  
525 C C   . THR A 63  ? 0.5228 0.7805 0.7841 0.0525  0.1468  0.1614  62  THR A C   
526 O O   . THR A 63  ? 0.5438 0.7627 0.7882 0.0697  0.1475  0.1545  62  THR A O   
527 C CB  . THR A 63  ? 0.4479 0.7167 0.7226 0.0903  0.2074  0.1488  62  THR A CB  
528 O OG1 . THR A 63  ? 0.5339 0.7575 0.7481 0.0673  0.2036  0.1302  62  THR A OG1 
529 C CG2 . THR A 63  ? 0.5257 0.8426 0.8348 0.1068  0.2393  0.1548  62  THR A CG2 
530 N N   . TYR A 64  ? 0.4074 0.6644 0.6481 0.0208  0.1243  0.1603  63  TYR A N   
531 C CA  . TYR A 64  ? 0.4001 0.6147 0.5940 0.0070  0.1034  0.1481  63  TYR A CA  
532 C C   . TYR A 64  ? 0.4830 0.6411 0.6309 0.0123  0.1176  0.1243  63  TYR A C   
533 O O   . TYR A 64  ? 0.4747 0.6012 0.5936 0.0102  0.1089  0.1162  63  TYR A O   
534 C CB  . TYR A 64  ? 0.4382 0.6589 0.6408 0.0155  0.0862  0.1624  63  TYR A CB  
535 C CG  . TYR A 64  ? 0.5664 0.8458 0.8189 0.0117  0.0671  0.1892  63  TYR A CG  
536 C CD1 . TYR A 64  ? 0.6090 0.9038 0.8503 -0.0157 0.0358  0.1944  63  TYR A CD1 
537 C CD2 . TYR A 64  ? 0.5658 0.8849 0.8779 0.0364  0.0791  0.2084  63  TYR A CD2 
538 C CE1 . TYR A 64  ? 0.6419 0.9917 0.9300 -0.0228 0.0121  0.2205  63  TYR A CE1 
539 C CE2 . TYR A 64  ? 0.6330 1.0132 1.0007 0.0330  0.0587  0.2362  63  TYR A CE2 
540 C CZ  . TYR A 64  ? 0.6490 1.0452 1.0047 0.0012  0.0230  0.2435  63  TYR A CZ  
541 O OH  . TYR A 64  ? 0.7649 1.2234 1.1776 -0.0053 -0.0027 0.2729  63  TYR A OH  
542 N N   . SER A 65  ? 0.5216 0.6706 0.6623 0.0173  0.1387  0.1150  64  SER A N   
543 C CA  . SER A 65  ? 0.5249 0.6214 0.6235 0.0221  0.1481  0.0940  64  SER A CA  
544 C C   . SER A 65  ? 0.4792 0.5512 0.5438 0.0000  0.1377  0.0818  64  SER A C   
545 O O   . SER A 65  ? 0.5686 0.6590 0.6390 -0.0180 0.1295  0.0878  64  SER A O   
546 C CB  . SER A 65  ? 0.4969 0.5867 0.5930 0.0424  0.1751  0.0872  64  SER A CB  
547 O OG  . SER A 65  ? 0.5664 0.6730 0.6974 0.0687  0.1857  0.0959  64  SER A OG  
548 N N   . LEU A 66  ? 0.5040 0.5337 0.5381 0.0014  0.1359  0.0664  65  LEU A N   
549 C CA  . LEU A 66  ? 0.4605 0.4659 0.4688 -0.0144 0.1248  0.0554  65  LEU A CA  
550 C C   . LEU A 66  ? 0.5579 0.5429 0.5423 -0.0145 0.1348  0.0487  65  LEU A C   
551 O O   . LEU A 66  ? 0.6196 0.5867 0.5909 -0.0008 0.1474  0.0415  65  LEU A O   
552 C CB  . LEU A 66  ? 0.4446 0.4245 0.4409 -0.0131 0.1168  0.0459  65  LEU A CB  
553 C CG  . LEU A 66  ? 0.4954 0.4496 0.4728 -0.0225 0.1073  0.0335  65  LEU A CG  
554 C CD1 . LEU A 66  ? 0.5285 0.4900 0.5064 -0.0351 0.0947  0.0327  65  LEU A CD1 
555 C CD2 . LEU A 66  ? 0.4551 0.3964 0.4327 -0.0197 0.1041  0.0283  65  LEU A CD2 
556 N N   . ILE A 67  ? 0.5237 0.5063 0.4976 -0.0306 0.1274  0.0509  66  ILE A N   
557 C CA  . ILE A 67  ? 0.5389 0.4988 0.4812 -0.0341 0.1325  0.0473  66  ILE A CA  
558 C C   . ILE A 67  ? 0.6300 0.5573 0.5557 -0.0441 0.1114  0.0393  66  ILE A C   
559 O O   . ILE A 67  ? 0.6134 0.5420 0.5509 -0.0548 0.0965  0.0418  66  ILE A O   
560 C CB  . ILE A 67  ? 0.5244 0.5095 0.4696 -0.0461 0.1409  0.0635  66  ILE A CB  
561 C CG1 . ILE A 67  ? 0.4779 0.5051 0.4484 -0.0329 0.1656  0.0731  66  ILE A CG1 
562 C CG2 . ILE A 67  ? 0.5614 0.5205 0.4643 -0.0531 0.1432  0.0632  66  ILE A CG2 
563 C CD1 . ILE A 67  ? 0.6288 0.6974 0.6193 -0.0479 0.1745  0.0950  66  ILE A CD1 
564 N N   . ILE A 68  ? 0.5647 0.4616 0.4650 -0.0401 0.1083  0.0291  67  ILE A N   
565 C CA  . ILE A 68  ? 0.5483 0.4196 0.4410 -0.0475 0.0871  0.0244  67  ILE A CA  
566 C C   . ILE A 68  ? 0.6563 0.5072 0.5138 -0.0565 0.0816  0.0296  67  ILE A C   
567 O O   . ILE A 68  ? 0.6514 0.4933 0.4767 -0.0528 0.0934  0.0265  67  ILE A O   
568 C CB  . ILE A 68  ? 0.6373 0.4937 0.5351 -0.0406 0.0803  0.0129  67  ILE A CB  
569 C CG1 . ILE A 68  ? 0.6209 0.4982 0.5482 -0.0335 0.0868  0.0121  67  ILE A CG1 
570 C CG2 . ILE A 68  ? 0.6300 0.4703 0.5320 -0.0464 0.0585  0.0107  67  ILE A CG2 
571 C CD1 . ILE A 68  ? 0.6741 0.5411 0.6104 -0.0302 0.0831  0.0067  67  ILE A CD1 
572 N N   . LEU A 69  ? 0.6183 0.4581 0.4779 -0.0675 0.0632  0.0371  68  LEU A N   
573 C CA  . LEU A 69  ? 0.6817 0.5009 0.5066 -0.0790 0.0535  0.0487  68  LEU A CA  
574 C C   . LEU A 69  ? 0.7417 0.5321 0.5589 -0.0787 0.0280  0.0439  68  LEU A C   
575 O O   . LEU A 69  ? 0.9155 0.7049 0.7671 -0.0729 0.0145  0.0371  68  LEU A O   
576 C CB  . LEU A 69  ? 0.7250 0.5461 0.5608 -0.0938 0.0454  0.0662  68  LEU A CB  
577 C CG  . LEU A 69  ? 0.6731 0.5286 0.5313 -0.0984 0.0631  0.0741  68  LEU A CG  
578 C CD1 . LEU A 69  ? 0.7029 0.5525 0.5736 -0.1182 0.0482  0.0919  68  LEU A CD1 
579 C CD2 . LEU A 69  ? 0.6968 0.5763 0.5336 -0.0952 0.0916  0.0798  68  LEU A CD2 
580 N N   . GLY A 70  ? 0.6845 0.4548 0.4563 -0.0846 0.0218  0.0478  69  GLY A N   
581 C CA  . GLY A 70  ? 0.7968 0.5420 0.5604 -0.0875 -0.0081 0.0477  69  GLY A CA  
582 C C   . GLY A 70  ? 0.7798 0.5288 0.5764 -0.0779 -0.0151 0.0317  69  GLY A C   
583 O O   . GLY A 70  ? 0.7652 0.5206 0.6063 -0.0733 -0.0298 0.0316  69  GLY A O   
584 N N   . LEU A 71  ? 0.7878 0.5326 0.5646 -0.0746 -0.0033 0.0185  70  LEU A N   
585 C CA  . LEU A 71  ? 0.6898 0.4384 0.5000 -0.0698 -0.0090 0.0072  70  LEU A CA  
586 C C   . LEU A 71  ? 0.8385 0.5781 0.6652 -0.0764 -0.0427 0.0108  70  LEU A C   
587 O O   . LEU A 71  ? 0.7902 0.5071 0.5796 -0.0860 -0.0647 0.0168  70  LEU A O   
588 C CB  . LEU A 71  ? 0.7338 0.4660 0.5137 -0.0668 0.0043  -0.0067 70  LEU A CB  
589 C CG  . LEU A 71  ? 0.7707 0.5197 0.5568 -0.0548 0.0370  -0.0104 70  LEU A CG  
590 C CD1 . LEU A 71  ? 0.8990 0.6207 0.6491 -0.0483 0.0479  -0.0257 70  LEU A CD1 
591 C CD2 . LEU A 71  ? 0.7233 0.5005 0.5660 -0.0492 0.0427  -0.0074 70  LEU A CD2 
592 N N   . VAL A 72  ? 0.7417 0.5037 0.6259 -0.0717 -0.0465 0.0094  71  VAL A N   
593 C CA  . VAL A 72  ? 0.7643 0.5298 0.6809 -0.0771 -0.0761 0.0137  71  VAL A CA  
594 C C   . VAL A 72  ? 0.7760 0.5506 0.7189 -0.0810 -0.0727 0.0073  71  VAL A C   
595 O O   . VAL A 72  ? 0.6946 0.4745 0.6372 -0.0759 -0.0469 0.0012  71  VAL A O   
596 C CB  . VAL A 72  ? 0.6951 0.4869 0.6692 -0.0666 -0.0829 0.0215  71  VAL A CB  
597 C CG1 . VAL A 72  ? 0.6648 0.4378 0.6153 -0.0655 -0.0932 0.0310  71  VAL A CG1 
598 C CG2 . VAL A 72  ? 0.6659 0.4880 0.6765 -0.0541 -0.0536 0.0149  71  VAL A CG2 
599 N N   . LEU A 73  ? 0.6749 0.4516 0.6437 -0.0917 -0.1014 0.0117  72  LEU A N   
600 C CA  . LEU A 73  ? 0.6757 0.4559 0.6694 -0.1019 -0.1038 0.0094  72  LEU A CA  
601 C C   . LEU A 73  ? 0.6465 0.4655 0.6917 -0.0931 -0.0748 0.0128  72  LEU A C   
602 O O   . LEU A 73  ? 0.7453 0.5564 0.7899 -0.0988 -0.0643 0.0108  72  LEU A O   
603 C CB  . LEU A 73  ? 0.7612 0.5486 0.7903 -0.1177 -0.1429 0.0184  72  LEU A CB  
604 C CG  . LEU A 73  ? 0.8987 0.6355 0.8675 -0.1368 -0.1756 0.0106  72  LEU A CG  
605 C CD1 . LEU A 73  ? 0.7821 0.5320 0.8017 -0.1575 -0.2123 0.0201  72  LEU A CD1 
606 C CD2 . LEU A 73  ? 0.8908 0.5829 0.7972 -0.1371 -0.1558 -0.0081 72  LEU A CD2 
607 N N   . SER A 74  ? 0.6234 0.4799 0.7083 -0.0789 -0.0625 0.0179  73  SER A N   
608 C CA  . SER A 74  ? 0.5854 0.4807 0.7105 -0.0705 -0.0346 0.0208  73  SER A CA  
609 C C   . SER A 74  ? 0.6545 0.5390 0.7425 -0.0633 -0.0069 0.0144  73  SER A C   
610 O O   . SER A 74  ? 0.6360 0.5481 0.7448 -0.0582 0.0150  0.0179  73  SER A O   
611 C CB  . SER A 74  ? 0.6146 0.5494 0.7870 -0.0544 -0.0288 0.0231  73  SER A CB  
612 O OG  . SER A 74  ? 0.6346 0.5492 0.7769 -0.0428 -0.0289 0.0161  73  SER A OG  
613 N N   . ASP A 75  ? 0.6255 0.4742 0.6598 -0.0631 -0.0076 0.0071  74  ASP A N   
614 C CA  . ASP A 75  ? 0.5553 0.3985 0.5626 -0.0563 0.0161  0.0036  74  ASP A CA  
615 C C   . ASP A 75  ? 0.5924 0.4168 0.5915 -0.0616 0.0205  0.0034  74  ASP A C   
616 O O   . ASP A 75  ? 0.6070 0.4310 0.5957 -0.0542 0.0390  0.0039  74  ASP A O   
617 C CB  . ASP A 75  ? 0.6036 0.4249 0.5653 -0.0531 0.0178  -0.0012 74  ASP A CB  
618 C CG  . ASP A 75  ? 0.7114 0.5446 0.6812 -0.0486 0.0145  0.0014  74  ASP A CG  
619 O OD1 . ASP A 75  ? 0.5634 0.4222 0.5646 -0.0413 0.0226  0.0013  74  ASP A OD1 
620 O OD2 . ASP A 75  ? 0.7157 0.5290 0.6561 -0.0525 0.0037  0.0033  74  ASP A OD2 
621 N N   . ARG A 76  ? 0.6233 0.4297 0.6296 -0.0751 0.0002  0.0037  75  ARG A N   
622 C CA  . ARG A 76  ? 0.6801 0.4584 0.6816 -0.0826 -0.0011 0.0033  75  ARG A CA  
623 C C   . ARG A 76  ? 0.7353 0.5432 0.7744 -0.0812 0.0171  0.0178  75  ARG A C   
624 O O   . ARG A 76  ? 0.6005 0.4537 0.6795 -0.0819 0.0232  0.0285  75  ARG A O   
625 C CB  . ARG A 76  ? 0.7417 0.5002 0.7551 -0.1029 -0.0322 0.0038  75  ARG A CB  
626 C CG  . ARG A 76  ? 0.9760 0.6904 0.9354 -0.1078 -0.0545 -0.0115 75  ARG A CG  
627 C CD  . ARG A 76  ? 1.0817 0.7743 1.0519 -0.1314 -0.0911 -0.0109 75  ARG A CD  
628 N NE  . ARG A 76  ? 1.1832 0.9296 1.2273 -0.1413 -0.1023 0.0086  75  ARG A NE  
629 C CZ  . ARG A 76  ? 1.2315 0.9808 1.3012 -0.1613 -0.1385 0.0149  75  ARG A CZ  
630 N NH1 . ARG A 76  ? 1.1884 0.8828 1.2054 -0.1757 -0.1704 0.0013  75  ARG A NH1 
631 N NH2 . ARG A 76  ? 1.1957 1.0049 1.3435 -0.1661 -0.1432 0.0345  75  ARG A NH2 
632 N N   . GLY A 77  ? 0.6785 0.4602 0.7038 -0.0782 0.0257  0.0189  76  GLY A N   
633 C CA  . GLY A 77  ? 0.6197 0.4235 0.6761 -0.0806 0.0383  0.0377  76  GLY A CA  
634 C C   . GLY A 77  ? 0.7061 0.5006 0.7440 -0.0649 0.0559  0.0404  76  GLY A C   
635 O O   . GLY A 77  ? 0.6673 0.4381 0.6730 -0.0512 0.0602  0.0262  76  GLY A O   
636 N N   . THR A 78  ? 0.5608 0.3782 0.6213 -0.0671 0.0659  0.0610  77  THR A N   
637 C CA  . THR A 78  ? 0.5396 0.3527 0.5892 -0.0526 0.0780  0.0688  77  THR A CA  
638 C C   . THR A 78  ? 0.6347 0.4938 0.6789 -0.0423 0.0920  0.0699  77  THR A C   
639 O O   . THR A 78  ? 0.6155 0.5134 0.6718 -0.0483 0.0973  0.0752  77  THR A O   
640 C CB  . THR A 78  ? 0.6926 0.5010 0.7632 -0.0619 0.0775  0.0952  77  THR A CB  
641 O OG1 . THR A 78  ? 0.7277 0.4857 0.8049 -0.0752 0.0601  0.0941  77  THR A OG1 
642 C CG2 . THR A 78  ? 0.6754 0.4785 0.7375 -0.0449 0.0853  0.1060  77  THR A CG2 
643 N N   . TYR A 79  ? 0.5546 0.4093 0.5820 -0.0267 0.0979  0.0640  78  TYR A N   
644 C CA  . TYR A 79  ? 0.5197 0.4122 0.5418 -0.0199 0.1058  0.0651  78  TYR A CA  
645 C C   . TYR A 79  ? 0.6105 0.5116 0.6380 -0.0120 0.1091  0.0843  78  TYR A C   
646 O O   . TYR A 79  ? 0.5850 0.4564 0.6184 -0.0043 0.1073  0.0906  78  TYR A O   
647 C CB  . TYR A 79  ? 0.5321 0.4197 0.5379 -0.0119 0.1072  0.0482  78  TYR A CB  
648 C CG  . TYR A 79  ? 0.5297 0.4128 0.5277 -0.0199 0.1005  0.0336  78  TYR A CG  
649 C CD1 . TYR A 79  ? 0.6082 0.4592 0.6001 -0.0258 0.0908  0.0251  78  TYR A CD1 
650 C CD2 . TYR A 79  ? 0.5646 0.4711 0.5607 -0.0218 0.0999  0.0289  78  TYR A CD2 
651 C CE1 . TYR A 79  ? 0.5193 0.3681 0.5065 -0.0331 0.0802  0.0159  78  TYR A CE1 
652 C CE2 . TYR A 79  ? 0.5484 0.4478 0.5416 -0.0269 0.0910  0.0186  78  TYR A CE2 
653 C CZ  . TYR A 79  ? 0.5911 0.4645 0.5812 -0.0322 0.0808  0.0140  78  TYR A CZ  
654 O OH  . TYR A 79  ? 0.5853 0.4536 0.5751 -0.0372 0.0676  0.0077  78  TYR A OH  
655 N N   . SER A 80  ? 0.5230 0.4605 0.5468 -0.0131 0.1114  0.0936  79  SER A N   
656 C CA  . SER A 80  ? 0.5058 0.4543 0.5340 -0.0060 0.1093  0.1144  79  SER A CA  
657 C C   . SER A 80  ? 0.5425 0.5195 0.5660 -0.0006 0.1072  0.1105  79  SER A C   
658 O O   . SER A 80  ? 0.5393 0.5330 0.5494 -0.0076 0.1068  0.0970  79  SER A O   
659 C CB  . SER A 80  ? 0.5368 0.5024 0.5610 -0.0167 0.1091  0.1374  79  SER A CB  
660 O OG  . SER A 80  ? 0.5720 0.5704 0.5772 -0.0242 0.1134  0.1299  79  SER A OG  
661 N N   . CYS A 81  ? 0.5239 0.5054 0.5633 0.0120  0.1044  0.1231  80  CYS A N   
662 C CA  . CYS A 81  ? 0.5087 0.5251 0.5534 0.0138  0.0982  0.1274  80  CYS A CA  
663 C C   . CYS A 81  ? 0.5684 0.6040 0.6158 0.0137  0.0865  0.1548  80  CYS A C   
664 O O   . CYS A 81  ? 0.5740 0.5958 0.6403 0.0255  0.0846  0.1738  80  CYS A O   
665 C CB  . CYS A 81  ? 0.5144 0.5331 0.5839 0.0296  0.1047  0.1238  80  CYS A CB  
666 S SG  . CYS A 81  ? 0.5572 0.6269 0.6438 0.0250  0.0958  0.1306  80  CYS A SG  
667 N N   . VAL A 82  ? 0.6272 0.6895 0.6515 0.0006  0.0766  0.1569  81  VAL A N   
668 C CA  . VAL A 82  ? 0.6651 0.7471 0.6796 -0.0029 0.0620  0.1838  81  VAL A CA  
669 C C   . VAL A 82  ? 0.6717 0.7883 0.6883 -0.0076 0.0430  0.1883  81  VAL A C   
670 O O   . VAL A 82  ? 0.6415 0.7659 0.6418 -0.0184 0.0397  0.1673  81  VAL A O   
671 C CB  . VAL A 82  ? 0.7132 0.7959 0.6857 -0.0171 0.0658  0.1857  81  VAL A CB  
672 C CG1 . VAL A 82  ? 0.8088 0.9133 0.7589 -0.0230 0.0489  0.2145  81  VAL A CG1 
673 C CG2 . VAL A 82  ? 0.7577 0.8134 0.7384 -0.0167 0.0805  0.1904  81  VAL A CG2 
674 N N   . VAL A 83  ? 0.6113 0.7465 0.6523 0.0002  0.0275  0.2171  82  VAL A N   
675 C CA  . VAL A 83  ? 0.5711 0.7444 0.6180 -0.0075 0.0026  0.2284  82  VAL A CA  
676 C C   . VAL A 83  ? 0.6344 0.8175 0.6443 -0.0172 -0.0175 0.2532  82  VAL A C   
677 O O   . VAL A 83  ? 0.5880 0.7647 0.6095 -0.0075 -0.0210 0.2826  82  VAL A O   
678 C CB  . VAL A 83  ? 0.5872 0.7859 0.6997 0.0104  -0.0025 0.2459  82  VAL A CB  
679 C CG1 . VAL A 83  ? 0.6532 0.8982 0.7798 -0.0023 -0.0320 0.2593  82  VAL A CG1 
680 C CG2 . VAL A 83  ? 0.5353 0.7239 0.6751 0.0209  0.0224  0.2228  82  VAL A CG2 
681 N N   . GLN A 84  ? 0.5753 0.7690 0.5353 -0.0368 -0.0316 0.2414  83  GLN A N   
682 C CA  . GLN A 84  ? 0.7385 0.9406 0.6475 -0.0479 -0.0492 0.2622  83  GLN A CA  
683 C C   . GLN A 84  ? 0.8429 1.0731 0.7341 -0.0635 -0.0855 0.2660  83  GLN A C   
684 O O   . GLN A 84  ? 0.8241 1.0655 0.7406 -0.0694 -0.0951 0.2489  83  GLN A O   
685 C CB  . GLN A 84  ? 0.8268 1.0090 0.6717 -0.0567 -0.0278 0.2429  83  GLN A CB  
686 C CG  . GLN A 84  ? 0.9850 1.1641 0.7823 -0.0695 -0.0298 0.2048  83  GLN A CG  
687 C CD  . GLN A 84  ? 1.1508 1.3149 0.8971 -0.0710 -0.0019 0.1837  83  GLN A CD  
688 O OE1 . GLN A 84  ? 1.2672 1.4269 1.0215 -0.0655 0.0203  0.1985  83  GLN A OE1 
689 N NE2 . GLN A 84  ? 1.1708 1.3271 0.8683 -0.0783 -0.0031 0.1491  83  GLN A NE2 
690 N N   . LYS A 85  ? 0.7565 0.9977 0.6037 -0.0727 -0.1079 0.2915  84  LYS A N   
691 C CA  . LYS A 85  ? 0.8993 1.1635 0.7153 -0.0916 -0.1483 0.2957  84  LYS A CA  
692 C C   . LYS A 85  ? 1.1130 1.3648 0.8265 -0.1068 -0.1503 0.2888  84  LYS A C   
693 O O   . LYS A 85  ? 1.1055 1.3547 0.7905 -0.1039 -0.1419 0.3161  84  LYS A O   
694 C CB  . LYS A 85  ? 0.8374 1.1365 0.7092 -0.0855 -0.1817 0.3420  84  LYS A CB  
695 C CG  . LYS A 85  ? 0.9880 1.3089 0.8088 -0.1064 -0.2286 0.3629  84  LYS A CG  
696 C CD  . LYS A 85  ? 1.0218 1.3694 0.9109 -0.0942 -0.2530 0.4048  84  LYS A CD  
697 C CE  . LYS A 85  ? 1.1816 1.5296 1.0145 -0.1102 -0.2842 0.4163  84  LYS A CE  
698 N NZ  . LYS A 85  ? 1.2695 1.5850 1.0275 -0.1102 -0.2631 0.4193  84  LYS A NZ  
699 N N   . LYS A 86  ? 1.2212 1.4622 0.8772 -0.1228 -0.1593 0.2515  85  LYS A N   
700 C CA  . LYS A 86  ? 1.4355 1.6646 0.9857 -0.1350 -0.1594 0.2385  85  LYS A CA  
701 C C   . LYS A 86  ? 1.5204 1.7603 1.0404 -0.1495 -0.2047 0.2524  85  LYS A C   
702 O O   . LYS A 86  ? 1.5851 1.8366 1.1312 -0.1622 -0.2413 0.2486  85  LYS A O   
703 C CB  . LYS A 86  ? 1.4861 1.6846 0.9902 -0.1378 -0.1403 0.1819  85  LYS A CB  
704 C CG  . LYS A 86  ? 1.5746 1.7570 0.9776 -0.1393 -0.1227 0.1600  85  LYS A CG  
705 C CD  . LYS A 86  ? 1.5515 1.7045 0.9178 -0.1356 -0.0987 0.1052  85  LYS A CD  
706 C CE  . LYS A 86  ? 1.5999 1.7369 0.8869 -0.1251 -0.0710 0.0810  85  LYS A CE  
707 N NZ  . LYS A 86  ? 1.5699 1.6810 0.8379 -0.1127 -0.0398 0.0304  85  LYS A NZ  
708 N N   . GLU A 87  ? 1.4145 1.6502 0.8859 -0.1479 -0.2017 0.2687  86  GLU A N   
709 C CA  . GLU A 87  ? 1.4125 1.6576 0.8581 -0.1593 -0.2435 0.2861  86  GLU A CA  
710 C C   . GLU A 87  ? 1.4149 1.6356 0.7504 -0.1688 -0.2462 0.2518  86  GLU A C   
711 O O   . GLU A 87  ? 1.4568 1.6688 0.7323 -0.1636 -0.2256 0.2580  86  GLU A O   
712 C CB  . GLU A 87  ? 1.4132 1.6720 0.8893 -0.1503 -0.2462 0.3368  86  GLU A CB  
713 C CG  . GLU A 87  ? 1.6001 1.8731 1.0624 -0.1610 -0.2923 0.3614  86  GLU A CG  
714 C CD  . GLU A 87  ? 1.6706 1.9566 1.1840 -0.1500 -0.2989 0.4136  86  GLU A CD  
715 O OE1 . GLU A 87  ? 1.6553 1.9404 1.2342 -0.1334 -0.2738 0.4298  86  GLU A OE1 
716 O OE2 . GLU A 87  ? 1.7023 1.9956 1.1891 -0.1575 -0.3303 0.4374  86  GLU A OE2 
717 N N   . THR A 90  ? 1.3192 1.5160 0.5960 -0.1355 -0.1151 0.2465  89  THR A N   
718 C CA  . THR A 90  ? 1.3380 1.5427 0.6797 -0.1271 -0.0900 0.2808  89  THR A CA  
719 C C   . THR A 90  ? 1.4297 1.6412 0.8630 -0.1216 -0.0946 0.2861  89  THR A C   
720 O O   . THR A 90  ? 1.4038 1.6263 0.8718 -0.1263 -0.1307 0.2924  89  THR A O   
721 C CB  . THR A 90  ? 1.4343 1.6466 0.7817 -0.1304 -0.1090 0.3311  89  THR A CB  
722 O OG1 . THR A 90  ? 1.4417 1.6673 0.8410 -0.1334 -0.1539 0.3544  89  THR A OG1 
723 C CG2 . THR A 90  ? 1.5061 1.7135 0.7551 -0.1374 -0.1109 0.3293  89  THR A CG2 
724 N N   . TYR A 91  ? 1.4784 1.6848 0.9528 -0.1117 -0.0577 0.2844  90  TYR A N   
725 C CA  . TYR A 91  ? 1.4119 1.6204 0.9675 -0.1036 -0.0558 0.2892  90  TYR A CA  
726 C C   . TYR A 91  ? 1.3069 1.5158 0.9282 -0.0955 -0.0655 0.3348  90  TYR A C   
727 O O   . TYR A 91  ? 1.3105 1.5104 0.9252 -0.0952 -0.0535 0.3569  90  TYR A O   
728 C CB  . TYR A 91  ? 1.4236 1.6220 0.9928 -0.0961 -0.0132 0.2628  90  TYR A CB  
729 C CG  . TYR A 91  ? 1.5734 1.7668 1.0923 -0.0984 -0.0009 0.2137  90  TYR A CG  
730 C CD1 . TYR A 91  ? 1.5771 1.7605 1.1236 -0.0971 -0.0137 0.1835  90  TYR A CD1 
731 C CD2 . TYR A 91  ? 1.7513 1.9392 1.2103 -0.0962 0.0252  0.1912  90  TYR A CD2 
732 C CE1 . TYR A 91  ? 1.6797 1.8459 1.1875 -0.0968 -0.0051 0.1352  90  TYR A CE1 
733 C CE2 . TYR A 91  ? 1.8407 2.0174 1.2578 -0.0926 0.0370  0.1427  90  TYR A CE2 
734 C CZ  . TYR A 91  ? 1.8197 1.9862 1.2548 -0.0954 0.0200  0.1158  90  TYR A CZ  
735 O OH  . TYR A 91  ? 1.8713 2.0152 1.2703 -0.0902 0.0286  0.0649  90  TYR A OH  
736 N N   . GLU A 92  ? 1.0289 1.2468 0.7152 -0.0878 -0.0867 0.3482  91  GLU A N   
737 C CA  . GLU A 92  ? 0.8323 1.0434 0.5899 -0.0727 -0.0907 0.3838  91  GLU A CA  
738 C C   . GLU A 92  ? 0.8467 1.0515 0.6735 -0.0569 -0.0768 0.3734  91  GLU A C   
739 O O   . GLU A 92  ? 0.8926 1.1089 0.7400 -0.0561 -0.0833 0.3457  91  GLU A O   
740 C CB  . GLU A 92  ? 0.9097 1.1389 0.6887 -0.0714 -0.1313 0.4154  91  GLU A CB  
741 C CG  . GLU A 92  ? 1.2013 1.4335 0.9076 -0.0872 -0.1479 0.4255  91  GLU A CG  
742 C CD  . GLU A 92  ? 1.3020 1.5119 0.9789 -0.0893 -0.1241 0.4410  91  GLU A CD  
743 O OE1 . GLU A 92  ? 1.3636 1.5535 1.0888 -0.0787 -0.1040 0.4514  91  GLU A OE1 
744 O OE2 . GLU A 92  ? 1.1668 1.3782 0.7708 -0.1023 -0.1261 0.4426  91  GLU A OE2 
745 N N   . VAL A 93  ? 0.8553 1.0337 0.7219 -0.0443 -0.0557 0.3839  92  VAL A N   
746 C CA  . VAL A 93  ? 0.8089 0.9696 0.7380 -0.0269 -0.0376 0.3587  92  VAL A CA  
747 C C   . VAL A 93  ? 0.8541 1.0182 0.8542 -0.0047 -0.0545 0.3819  92  VAL A C   
748 O O   . VAL A 93  ? 0.8248 0.9784 0.8421 0.0036  -0.0676 0.4210  92  VAL A O   
749 C CB  . VAL A 93  ? 0.8475 0.9735 0.7796 -0.0261 -0.0069 0.3500  92  VAL A CB  
750 C CG1 . VAL A 93  ? 0.7679 0.8697 0.7571 -0.0075 0.0070  0.3276  92  VAL A CG1 
751 C CG2 . VAL A 93  ? 0.9600 1.0922 0.8385 -0.0424 0.0137  0.3213  92  VAL A CG2 
752 N N   . LYS A 94  ? 0.7549 0.9356 0.7973 0.0056  -0.0536 0.3595  93  LYS A N   
753 C CA  . LYS A 94  ? 0.8285 1.0229 0.9450 0.0305  -0.0633 0.3770  93  LYS A CA  
754 C C   . LYS A 94  ? 0.7354 0.8921 0.8921 0.0539  -0.0343 0.3597  93  LYS A C   
755 O O   . LYS A 94  ? 0.7634 0.9106 0.9732 0.0804  -0.0360 0.3774  93  LYS A O   
756 C CB  . LYS A 94  ? 0.8928 1.1348 1.0371 0.0268  -0.0771 0.3659  93  LYS A CB  
757 C CG  . LYS A 94  ? 0.9428 1.2133 1.0347 -0.0017 -0.1068 0.3692  93  LYS A CG  
758 C CD  . LYS A 94  ? 0.7936 1.1067 0.9196 -0.0100 -0.1233 0.3587  93  LYS A CD  
759 C CE  . LYS A 94  ? 0.7300 1.0865 0.9426 0.0100  -0.1412 0.3920  93  LYS A CE  
760 N NZ  . LYS A 94  ? 0.6539 1.0602 0.9074 -0.0027 -0.1574 0.3866  93  LYS A NZ  
761 N N   . HIS A 95  ? 0.5914 0.7247 0.7209 0.0450  -0.0091 0.3241  94  HIS A N   
762 C CA  . HIS A 95  ? 0.5651 0.6630 0.7216 0.0631  0.0159  0.3013  94  HIS A CA  
763 C C   . HIS A 95  ? 0.5887 0.6536 0.7044 0.0473  0.0353  0.2742  94  HIS A C   
764 O O   . HIS A 95  ? 0.6609 0.7417 0.7398 0.0277  0.0375  0.2572  94  HIS A O   
765 C CB  . HIS A 95  ? 0.6530 0.7803 0.8483 0.0759  0.0244  0.2824  94  HIS A CB  
766 C CG  . HIS A 95  ? 0.6114 0.7050 0.8150 0.0899  0.0522  0.2523  94  HIS A CG  
767 N ND1 . HIS A 95  ? 0.5887 0.6513 0.8257 0.1192  0.0631  0.2535  94  HIS A ND1 
768 C CD2 . HIS A 95  ? 0.5972 0.6794 0.7751 0.0788  0.0690  0.2200  94  HIS A CD2 
769 C CE1 . HIS A 95  ? 0.5489 0.5830 0.7738 0.1240  0.0858  0.2212  94  HIS A CE1 
770 N NE2 . HIS A 95  ? 0.5312 0.5783 0.7218 0.0991  0.0887  0.2029  94  HIS A NE2 
771 N N   . LEU A 96  ? 0.5661 0.5835 0.6917 0.0570  0.0474  0.2698  95  LEU A N   
772 C CA  . LEU A 96  ? 0.5560 0.5436 0.6555 0.0431  0.0629  0.2461  95  LEU A CA  
773 C C   . LEU A 96  ? 0.5870 0.5302 0.7073 0.0608  0.0753  0.2252  95  LEU A C   
774 O O   . LEU A 96  ? 0.6441 0.5540 0.7892 0.0792  0.0715  0.2383  95  LEU A O   
775 C CB  . LEU A 96  ? 0.6181 0.5893 0.6963 0.0255  0.0590  0.2700  95  LEU A CB  
776 C CG  . LEU A 96  ? 0.6470 0.5884 0.7137 0.0111  0.0721  0.2542  95  LEU A CG  
777 C CD1 . LEU A 96  ? 0.6373 0.6032 0.6832 0.0013  0.0836  0.2218  95  LEU A CD1 
778 C CD2 . LEU A 96  ? 0.7128 0.6497 0.7663 -0.0086 0.0694  0.2863  95  LEU A CD2 
779 N N   . ALA A 97  ? 0.5290 0.4678 0.6354 0.0560  0.0884  0.1927  96  ALA A N   
780 C CA  . ALA A 97  ? 0.6628 0.5581 0.7735 0.0695  0.0997  0.1684  96  ALA A CA  
781 C C   . ALA A 97  ? 0.5646 0.4403 0.6480 0.0499  0.1044  0.1459  96  ALA A C   
782 O O   . ALA A 97  ? 0.5835 0.4902 0.6513 0.0348  0.1059  0.1377  96  ALA A O   
783 C CB  . ALA A 97  ? 0.6204 0.5376 0.7475 0.0896  0.1112  0.1536  96  ALA A CB  
784 N N   . LEU A 98  ? 0.6070 0.4290 0.6871 0.0504  0.1039  0.1361  97  LEU A N   
785 C CA  . LEU A 98  ? 0.6254 0.4309 0.6866 0.0307  0.1032  0.1182  97  LEU A CA  
786 C C   . LEU A 98  ? 0.7066 0.4785 0.7512 0.0407  0.1088  0.0870  97  LEU A C   
787 O O   . LEU A 98  ? 0.7311 0.4661 0.7769 0.0615  0.1126  0.0785  97  LEU A O   
788 C CB  . LEU A 98  ? 0.6605 0.4324 0.7286 0.0143  0.0925  0.1345  97  LEU A CB  
789 C CG  . LEU A 98  ? 0.7578 0.5558 0.8368 0.0051  0.0881  0.1710  97  LEU A CG  
790 C CD1 . LEU A 98  ? 0.8863 0.6557 0.9737 -0.0171 0.0799  0.1875  97  LEU A CD1 
791 C CD2 . LEU A 98  ? 0.7137 0.5740 0.7804 -0.0040 0.0947  0.1741  97  LEU A CD2 
792 N N   . VAL A 99  ? 0.6409 0.4242 0.6673 0.0272  0.1095  0.0698  98  VAL A N   
793 C CA  . VAL A 99  ? 0.6365 0.3883 0.6368 0.0316  0.1121  0.0423  98  VAL A CA  
794 C C   . VAL A 99  ? 0.6984 0.4321 0.6876 0.0084  0.0981  0.0339  98  VAL A C   
795 O O   . VAL A 99  ? 0.6811 0.4507 0.6801 -0.0068 0.0947  0.0412  98  VAL A O   
796 C CB  . VAL A 99  ? 0.6572 0.4446 0.6460 0.0388  0.1247  0.0323  98  VAL A CB  
797 C CG1 . VAL A 99  ? 0.6830 0.4368 0.6351 0.0413  0.1279  0.0067  98  VAL A CG1 
798 C CG2 . VAL A 99  ? 0.7066 0.5222 0.7168 0.0601  0.1374  0.0432  98  VAL A CG2 
799 N N   . LYS A 100 ? 0.7096 0.3872 0.6802 0.0069  0.0886  0.0178  99  LYS A N   
800 C CA  . LYS A 100 ? 0.7495 0.4081 0.7129 -0.0164 0.0698  0.0106  99  LYS A CA  
801 C C   . LYS A 100 ? 0.8321 0.4792 0.7555 -0.0147 0.0685  -0.0138 99  LYS A C   
802 O O   . LYS A 100 ? 0.8360 0.4417 0.7232 -0.0006 0.0733  -0.0341 99  LYS A O   
803 C CB  . LYS A 100 ? 0.8945 0.4916 0.8594 -0.0249 0.0529  0.0096  99  LYS A CB  
804 C CG  . LYS A 100 ? 1.1302 0.7040 1.0909 -0.0518 0.0277  0.0022  99  LYS A CG  
805 C CD  . LYS A 100 ? 1.2522 0.8687 1.2613 -0.0763 0.0201  0.0301  99  LYS A CD  
806 C CE  . LYS A 100 ? 1.4227 1.0216 1.4401 -0.1041 -0.0080 0.0264  99  LYS A CE  
807 N NZ  . LYS A 100 ? 1.5615 1.1671 1.5499 -0.1031 -0.0156 0.0055  99  LYS A NZ  
808 N N   . LEU A 101 ? 0.7334 0.4160 0.6610 -0.0275 0.0630  -0.0113 100 LEU A N   
809 C CA  . LEU A 101 ? 0.7744 0.4472 0.6631 -0.0290 0.0580  -0.0282 100 LEU A CA  
810 C C   . LEU A 101 ? 0.8707 0.5160 0.7528 -0.0505 0.0290  -0.0341 100 LEU A C   
811 O O   . LEU A 101 ? 0.7850 0.4587 0.7065 -0.0659 0.0167  -0.0201 100 LEU A O   
812 C CB  . LEU A 101 ? 0.7078 0.4313 0.6055 -0.0279 0.0667  -0.0201 100 LEU A CB  
813 C CG  . LEU A 101 ? 0.7595 0.4809 0.6223 -0.0312 0.0619  -0.0286 100 LEU A CG  
814 C CD1 . LEU A 101 ? 0.8030 0.4932 0.6143 -0.0191 0.0745  -0.0444 100 LEU A CD1 
815 C CD2 . LEU A 101 ? 0.6872 0.4535 0.5683 -0.0301 0.0699  -0.0174 100 LEU A CD2 
816 N N   . SER A 102 ? 0.8773 0.4687 0.7101 -0.0512 0.0182  -0.0551 101 SER A N   
817 C CA  . SER A 102 ? 0.9002 0.4627 0.7190 -0.0739 -0.0154 -0.0621 101 SER A CA  
818 C C   . SER A 102 ? 0.9974 0.5635 0.7712 -0.0748 -0.0213 -0.0704 101 SER A C   
819 O O   . SER A 102 ? 0.9532 0.5131 0.6826 -0.0584 0.0000  -0.0810 101 SER A O   
820 C CB  . SER A 102 ? 0.9901 0.4793 0.7757 -0.0781 -0.0310 -0.0816 101 SER A CB  
821 O OG  . SER A 102 ? 0.9416 0.4230 0.7748 -0.0852 -0.0348 -0.0675 101 SER A OG  
822 N N   . ILE A 103 ? 0.9433 0.5236 0.7330 -0.0941 -0.0497 -0.0620 102 ILE A N   
823 C CA  . ILE A 103 ? 0.8543 0.4395 0.6067 -0.0970 -0.0602 -0.0629 102 ILE A CA  
824 C C   . ILE A 103 ? 1.0227 0.5821 0.7620 -0.1204 -0.1043 -0.0654 102 ILE A C   
825 O O   . ILE A 103 ? 1.0063 0.5771 0.8000 -0.1363 -0.1259 -0.0554 102 ILE A O   
826 C CB  . ILE A 103 ? 0.7911 0.4351 0.5900 -0.0922 -0.0511 -0.0429 102 ILE A CB  
827 C CG1 . ILE A 103 ? 0.7956 0.4684 0.6146 -0.0738 -0.0142 -0.0384 102 ILE A CG1 
828 C CG2 . ILE A 103 ? 0.8995 0.5420 0.6582 -0.0945 -0.0618 -0.0400 102 ILE A CG2 
829 C CD1 . ILE A 103 ? 0.7893 0.5103 0.6495 -0.0699 -0.0074 -0.0233 102 ILE A CD1 
830 N N   . LYS A 104 ? 1.0565 0.5832 0.7232 -0.1244 -0.1184 -0.0769 103 LYS A N   
831 C CA  . LYS A 104 ? 1.1897 0.6950 0.8388 -0.1480 -0.1660 -0.0764 103 LYS A CA  
832 C C   . LYS A 104 ? 1.2379 0.7527 0.8457 -0.1491 -0.1765 -0.0670 103 LYS A C   
833 O O   . LYS A 104 ? 1.1697 0.7021 0.7585 -0.1331 -0.1450 -0.0626 103 LYS A O   
834 C CB  . LYS A 104 ? 1.4191 0.8564 1.0060 -0.1576 -0.1844 -0.1028 103 LYS A CB  
835 C CG  . LYS A 104 ? 1.5088 0.9364 1.1364 -0.1514 -0.1683 -0.1091 103 LYS A CG  
836 C CD  . LYS A 104 ? 1.6066 0.9903 1.2066 -0.1601 -0.1910 -0.1260 103 LYS A CD  
837 C CE  . LYS A 104 ? 1.6434 1.0478 1.2989 -0.1881 -0.2344 -0.1081 103 LYS A CE  
838 N NZ  . LYS A 104 ? 1.7014 1.0588 1.3319 -0.1999 -0.2584 -0.1238 103 LYS A NZ  
839 N N   . ALA A 105 ? 1.3419 0.8465 0.9403 -0.1696 -0.2234 -0.0601 104 ALA A N   
840 C CA  . ALA A 105 ? 1.3740 0.8810 0.9286 -0.1730 -0.2401 -0.0469 104 ALA A CA  
841 C C   . ALA A 105 ? 1.5272 0.9768 0.9831 -0.1912 -0.2761 -0.0617 104 ALA A C   
842 O O   . ALA A 105 ? 1.5921 1.0149 0.9587 -0.1836 -0.2558 -0.0726 104 ALA A O   
843 C CB  . ALA A 105 ? 1.2090 0.7660 0.8488 -0.1768 -0.2656 -0.0178 104 ALA A CB  
# 
